data_5IBX
#
_entry.id   5IBX
#
_cell.length_a   78.845
_cell.length_b   84.351
_cell.length_c   92.463
_cell.angle_alpha   75.43
_cell.angle_beta   65.97
_cell.angle_gamma   62.03
#
_symmetry.space_group_name_H-M   'P 1'
#
loop_
_entity.id
_entity.type
_entity.pdbx_description
1 polymer 'Triosephosphate isomerase'
2 polymer 'Triosephosphate isomerase'
3 non-polymer 'SODIUM ION'
4 water water
#
loop_
_entity_poly.entity_id
_entity_poly.type
_entity_poly.pdbx_seq_one_letter_code
_entity_poly.pdbx_strand_id
1 'polypeptide(L)'
;SNAMSRKPFIAGNWKMNKNPEEAKAFVEAVASKLPSSDLVEAGIAAPALDLTTVLAVAKGSNLKVAAQNCYFENAGAFTG
ETSPQVLKEIGTDYVVIGHSERRDYFHETDEDINKKAKAIFANGMLPIICCGESLETYEAGKAAEFVGAQVSAALAGLTA
EQVAASVIAYEPIWAIGTGKSASQDDAQKMCKVVRDVVAADFGQEVADKVRVQYGGSVKPENVASYMA(CME)PDVDGAL
VGGASLEAESFLALLDFVK
;
A,B,D,E,H
2 'polypeptide(L)'
;SNAMSRKPFIAGNWKMNKNPEEAKAFVEAVASKLPSSDLVEAGIAAPALDLTTVLAVAKGSNLKVAAQNCYFENAGAFTG
ETSPQVLKEIGTDYVVIGHSERRDYFHETDEDINKKAKAIFANGMLPIICCGESLETYEAGKAAEFVGAQVSAALAGLTA
EQVAASVIAYEPIWAIGTGKSASQDDAQKMCKVVRDVVAADFGQEVADKVRVQYGGSVKPENVASYMACPDVDGALVGGA
SLEAESFLALLDFVK
;
C,F,G
#
loop_
_chem_comp.id
_chem_comp.type
_chem_comp.name
_chem_comp.formula
NA non-polymer 'SODIUM ION' 'Na 1'
#
# COMPACT_ATOMS: atom_id res chain seq x y z
N SER A 5 -29.09 -26.99 -35.86
CA SER A 5 -27.99 -27.98 -36.01
C SER A 5 -26.63 -27.35 -35.82
N ARG A 6 -26.27 -27.06 -34.57
CA ARG A 6 -24.97 -26.45 -34.28
C ARG A 6 -23.82 -27.45 -34.49
N LYS A 7 -22.79 -26.98 -35.19
CA LYS A 7 -21.63 -27.79 -35.54
C LYS A 7 -20.77 -28.11 -34.31
N PRO A 8 -20.53 -29.42 -34.03
CA PRO A 8 -19.69 -29.73 -32.86
C PRO A 8 -18.27 -29.21 -33.00
N PHE A 9 -17.67 -28.79 -31.90
CA PHE A 9 -16.33 -28.19 -31.92
C PHE A 9 -15.48 -28.75 -30.78
N ILE A 10 -14.46 -29.54 -31.13
CA ILE A 10 -13.55 -30.07 -30.14
C ILE A 10 -12.28 -29.22 -30.19
N ALA A 11 -11.98 -28.50 -29.10
CA ALA A 11 -10.80 -27.64 -29.05
C ALA A 11 -9.89 -28.16 -27.97
N GLY A 12 -8.64 -28.42 -28.35
CA GLY A 12 -7.65 -28.93 -27.45
C GLY A 12 -6.79 -27.85 -26.88
N ASN A 13 -6.90 -27.65 -25.58
CA ASN A 13 -6.14 -26.63 -24.88
C ASN A 13 -4.86 -27.26 -24.37
N TRP A 14 -3.73 -27.01 -25.05
CA TRP A 14 -2.43 -27.57 -24.61
C TRP A 14 -1.93 -26.96 -23.30
N LYS A 15 -2.52 -25.85 -22.90
CA LYS A 15 -2.04 -25.10 -21.73
C LYS A 15 -0.54 -24.78 -21.86
N MET A 16 0.23 -24.69 -20.78
CA MET A 16 1.63 -24.32 -20.90
C MET A 16 2.52 -25.54 -21.16
N ASN A 17 2.39 -26.10 -22.36
CA ASN A 17 3.12 -27.29 -22.81
C ASN A 17 3.49 -27.13 -24.26
N LYS A 18 4.67 -27.67 -24.60
CA LYS A 18 5.25 -27.77 -25.95
C LYS A 18 6.05 -26.57 -26.45
N ASN A 19 7.21 -26.87 -27.02
CA ASN A 19 8.02 -25.90 -27.74
C ASN A 19 7.59 -25.90 -29.24
N PRO A 20 8.14 -24.99 -30.05
CA PRO A 20 7.69 -24.99 -31.44
C PRO A 20 7.92 -26.33 -32.21
N GLU A 21 9.07 -26.97 -32.00
CA GLU A 21 9.35 -28.24 -32.67
C GLU A 21 8.34 -29.31 -32.28
N GLU A 22 8.01 -29.37 -30.99
CA GLU A 22 7.01 -30.35 -30.50
C GLU A 22 5.64 -30.03 -31.06
N ALA A 23 5.34 -28.74 -31.17
CA ALA A 23 4.05 -28.29 -31.69
C ALA A 23 3.93 -28.61 -33.18
N LYS A 24 5.02 -28.41 -33.88
CA LYS A 24 5.13 -28.72 -35.28
C LYS A 24 4.89 -30.19 -35.52
N ALA A 25 5.56 -31.03 -34.74
CA ALA A 25 5.42 -32.48 -34.92
C ALA A 25 3.96 -32.90 -34.71
N PHE A 26 3.29 -32.31 -33.72
CA PHE A 26 1.89 -32.66 -33.42
C PHE A 26 1.00 -32.32 -34.60
N VAL A 27 1.12 -31.11 -35.11
CA VAL A 27 0.25 -30.68 -36.20
C VAL A 27 0.49 -31.52 -37.46
N GLU A 28 1.75 -31.86 -37.75
CA GLU A 28 2.07 -32.70 -38.92
C GLU A 28 1.42 -34.07 -38.77
N ALA A 29 1.31 -34.54 -37.55
CA ALA A 29 0.69 -35.84 -37.29
C ALA A 29 -0.83 -35.83 -37.33
N VAL A 30 -1.47 -34.68 -37.09
CA VAL A 30 -2.94 -34.63 -36.98
C VAL A 30 -3.72 -33.89 -38.07
N ALA A 31 -3.16 -32.81 -38.62
CA ALA A 31 -3.90 -31.93 -39.53
C ALA A 31 -4.49 -32.63 -40.75
N SER A 32 -3.72 -33.49 -41.38
CA SER A 32 -4.22 -34.19 -42.57
C SER A 32 -5.07 -35.43 -42.22
N LYS A 33 -5.29 -35.70 -40.93
CA LYS A 33 -6.04 -36.88 -40.52
C LYS A 33 -7.31 -36.56 -39.72
N LEU A 34 -7.75 -35.31 -39.75
CA LEU A 34 -8.97 -34.92 -39.03
C LEU A 34 -10.18 -35.38 -39.83
N PRO A 35 -11.33 -35.54 -39.17
CA PRO A 35 -12.50 -35.86 -39.97
C PRO A 35 -12.90 -34.67 -40.84
N SER A 36 -13.76 -34.91 -41.83
CA SER A 36 -14.24 -33.86 -42.72
C SER A 36 -14.78 -32.64 -41.95
N SER A 37 -14.50 -31.44 -42.48
CA SER A 37 -14.91 -30.19 -41.82
C SER A 37 -16.42 -30.08 -41.61
N ASP A 38 -17.21 -30.73 -42.46
CA ASP A 38 -18.67 -30.73 -42.31
C ASP A 38 -19.17 -31.53 -41.09
N LEU A 39 -18.38 -32.50 -40.61
CA LEU A 39 -18.73 -33.39 -39.47
C LEU A 39 -18.36 -32.86 -38.09
N VAL A 40 -17.18 -32.27 -37.98
CA VAL A 40 -16.73 -31.71 -36.72
C VAL A 40 -15.69 -30.65 -36.99
N GLU A 41 -15.64 -29.67 -36.11
CA GLU A 41 -14.63 -28.63 -36.15
C GLU A 41 -13.62 -29.01 -35.09
N ALA A 42 -12.35 -29.03 -35.46
CA ALA A 42 -11.28 -29.43 -34.57
C ALA A 42 -10.26 -28.33 -34.52
N GLY A 43 -9.78 -28.03 -33.32
CA GLY A 43 -8.76 -26.99 -33.15
C GLY A 43 -7.85 -27.22 -31.96
N ILE A 44 -6.75 -26.46 -31.94
CA ILE A 44 -5.76 -26.49 -30.87
C ILE A 44 -5.50 -25.07 -30.41
N ALA A 45 -5.45 -24.91 -29.09
CA ALA A 45 -5.10 -23.66 -28.44
C ALA A 45 -3.66 -23.83 -27.98
N ALA A 46 -2.74 -23.15 -28.64
CA ALA A 46 -1.32 -23.34 -28.39
C ALA A 46 -0.68 -22.15 -27.70
N PRO A 47 0.45 -22.41 -27.05
CA PRO A 47 1.20 -21.26 -26.46
C PRO A 47 1.63 -20.20 -27.51
N ALA A 48 1.66 -18.94 -27.09
CA ALA A 48 2.07 -17.83 -27.95
C ALA A 48 3.40 -18.06 -28.68
N LEU A 49 4.41 -18.58 -27.97
CA LEU A 49 5.71 -18.91 -28.60
C LEU A 49 5.60 -19.82 -29.79
N ASP A 50 4.58 -20.67 -29.77
CA ASP A 50 4.40 -21.70 -30.78
C ASP A 50 3.46 -21.37 -31.91
N LEU A 51 2.71 -20.27 -31.81
CA LEU A 51 1.64 -20.00 -32.77
C LEU A 51 2.05 -19.85 -34.22
N THR A 52 3.10 -19.09 -34.51
CA THR A 52 3.47 -18.90 -35.90
C THR A 52 3.86 -20.25 -36.51
N THR A 53 4.47 -21.09 -35.69
CA THR A 53 4.89 -22.44 -36.14
C THR A 53 3.66 -23.33 -36.45
N VAL A 54 2.72 -23.36 -35.50
CA VAL A 54 1.46 -24.13 -35.65
C VAL A 54 0.71 -23.64 -36.92
N LEU A 55 0.66 -22.32 -37.12
CA LEU A 55 -0.07 -21.75 -38.25
C LEU A 55 0.54 -22.12 -39.57
N ALA A 56 1.87 -22.10 -39.63
CA ALA A 56 2.58 -22.45 -40.87
C ALA A 56 2.32 -23.90 -41.28
N VAL A 57 2.34 -24.81 -40.30
CA VAL A 57 2.11 -26.24 -40.59
C VAL A 57 0.64 -26.57 -40.78
N ALA A 58 -0.24 -25.82 -40.11
CA ALA A 58 -1.66 -26.01 -40.24
C ALA A 58 -2.23 -25.41 -41.54
N LYS A 59 -1.46 -24.54 -42.20
N LYS A 59 -1.46 -24.53 -42.20
CA LYS A 59 -1.88 -23.92 -43.46
CA LYS A 59 -1.92 -23.93 -43.46
C LYS A 59 -2.32 -24.96 -44.50
C LYS A 59 -2.34 -24.97 -44.48
N GLY A 60 -3.53 -24.80 -45.02
CA GLY A 60 -4.10 -25.71 -46.01
C GLY A 60 -4.87 -26.87 -45.39
N SER A 61 -5.05 -26.88 -44.06
CA SER A 61 -5.80 -27.95 -43.40
C SER A 61 -7.04 -27.41 -42.72
N ASN A 62 -7.82 -28.33 -42.15
CA ASN A 62 -9.03 -27.96 -41.42
C ASN A 62 -8.80 -27.81 -39.92
N LEU A 63 -7.54 -27.84 -39.47
CA LEU A 63 -7.25 -27.63 -38.06
C LEU A 63 -7.35 -26.15 -37.71
N LYS A 64 -8.26 -25.80 -36.81
CA LYS A 64 -8.41 -24.41 -36.37
C LYS A 64 -7.33 -24.13 -35.32
N VAL A 65 -6.88 -22.88 -35.26
CA VAL A 65 -5.81 -22.49 -34.36
C VAL A 65 -6.30 -21.43 -33.39
N ALA A 66 -6.11 -21.67 -32.11
CA ALA A 66 -6.52 -20.72 -31.10
C ALA A 66 -5.35 -20.31 -30.25
N ALA A 67 -5.41 -19.05 -29.77
CA ALA A 67 -4.50 -18.57 -28.75
C ALA A 67 -5.16 -18.89 -27.40
N GLN A 68 -4.34 -18.90 -26.34
CA GLN A 68 -4.83 -19.24 -24.98
C GLN A 68 -5.23 -18.04 -24.15
N ASN A 69 -5.00 -16.84 -24.69
CA ASN A 69 -5.28 -15.58 -24.01
C ASN A 69 -4.80 -14.44 -24.92
N CYS A 70 -5.36 -13.26 -24.76
CA CYS A 70 -4.80 -12.06 -25.41
C CYS A 70 -5.19 -10.87 -24.51
N TYR A 71 -4.59 -9.69 -24.77
CA TYR A 71 -4.91 -8.49 -24.03
C TYR A 71 -6.05 -7.76 -24.75
N PHE A 72 -6.60 -6.70 -24.18
CA PHE A 72 -7.78 -6.03 -24.81
C PHE A 72 -7.50 -4.74 -25.62
N GLU A 73 -6.23 -4.44 -25.85
CA GLU A 73 -5.79 -3.34 -26.73
C GLU A 73 -4.96 -3.92 -27.87
N ASN A 74 -4.96 -3.23 -29.02
CA ASN A 74 -4.22 -3.70 -30.20
C ASN A 74 -2.72 -3.54 -30.04
N ALA A 75 -2.27 -2.50 -29.35
CA ALA A 75 -0.85 -2.25 -29.17
C ALA A 75 -0.64 -1.27 -28.08
N GLY A 76 0.56 -1.28 -27.53
CA GLY A 76 0.90 -0.32 -26.52
C GLY A 76 1.79 -0.78 -25.42
N ALA A 77 1.80 0.02 -24.35
CA ALA A 77 2.70 -0.16 -23.22
C ALA A 77 2.20 -1.21 -22.22
N PHE A 78 2.23 -2.47 -22.66
CA PHE A 78 1.71 -3.61 -21.89
C PHE A 78 2.73 -4.72 -21.98
N THR A 79 3.86 -4.49 -21.35
CA THR A 79 4.99 -5.43 -21.42
C THR A 79 4.53 -6.84 -21.06
N GLY A 80 4.90 -7.81 -21.91
CA GLY A 80 4.55 -9.19 -21.67
C GLY A 80 3.20 -9.64 -22.24
N GLU A 81 2.43 -8.73 -22.86
CA GLU A 81 1.08 -9.07 -23.38
C GLU A 81 1.03 -9.41 -24.83
N THR A 82 0.06 -10.25 -25.18
CA THR A 82 -0.15 -10.72 -26.55
C THR A 82 -1.29 -9.91 -27.20
N SER A 83 -0.99 -9.29 -28.34
CA SER A 83 -1.95 -8.46 -29.07
C SER A 83 -2.96 -9.26 -29.91
N PRO A 84 -4.28 -8.94 -29.77
CA PRO A 84 -5.28 -9.58 -30.66
C PRO A 84 -5.12 -9.13 -32.14
N GLN A 85 -4.56 -7.94 -32.35
CA GLN A 85 -4.31 -7.46 -33.69
C GLN A 85 -3.25 -8.35 -34.39
N VAL A 86 -2.15 -8.57 -33.69
CA VAL A 86 -1.09 -9.43 -34.17
C VAL A 86 -1.62 -10.85 -34.35
N LEU A 87 -2.36 -11.37 -33.36
CA LEU A 87 -2.96 -12.70 -33.50
C LEU A 87 -3.75 -12.84 -34.79
N LYS A 88 -4.52 -11.81 -35.15
CA LYS A 88 -5.33 -11.86 -36.34
C LYS A 88 -4.43 -11.87 -37.61
N GLU A 89 -3.46 -10.97 -37.64
CA GLU A 89 -2.51 -10.84 -38.76
C GLU A 89 -1.77 -12.15 -39.07
N ILE A 90 -1.45 -12.94 -38.04
CA ILE A 90 -0.68 -14.20 -38.23
C ILE A 90 -1.63 -15.32 -38.67
N GLY A 91 -2.93 -15.11 -38.55
CA GLY A 91 -3.93 -16.07 -39.02
C GLY A 91 -4.71 -16.87 -37.99
N THR A 92 -4.68 -16.43 -36.72
CA THR A 92 -5.34 -17.13 -35.61
C THR A 92 -6.84 -17.09 -35.80
N ASP A 93 -7.53 -18.22 -35.50
CA ASP A 93 -8.99 -18.30 -35.68
C ASP A 93 -9.77 -17.90 -34.43
N TYR A 94 -9.35 -18.45 -33.28
CA TYR A 94 -10.02 -18.25 -32.02
C TYR A 94 -9.06 -17.78 -30.94
N VAL A 95 -9.62 -17.23 -29.86
CA VAL A 95 -8.85 -16.91 -28.66
C VAL A 95 -9.63 -17.36 -27.45
N VAL A 96 -9.04 -18.24 -26.67
CA VAL A 96 -9.60 -18.67 -25.41
C VAL A 96 -9.42 -17.55 -24.41
N ILE A 97 -10.48 -17.19 -23.72
CA ILE A 97 -10.44 -16.15 -22.66
C ILE A 97 -11.23 -16.56 -21.42
N GLY A 98 -10.75 -16.10 -20.27
CA GLY A 98 -11.44 -16.36 -19.03
C GLY A 98 -11.28 -17.76 -18.51
N HIS A 99 -10.25 -18.47 -18.96
CA HIS A 99 -10.02 -19.80 -18.48
C HIS A 99 -9.86 -19.76 -16.96
N SER A 100 -10.39 -20.77 -16.28
CA SER A 100 -10.30 -20.84 -14.83
C SER A 100 -8.90 -20.54 -14.26
N GLU A 101 -7.88 -21.05 -14.93
CA GLU A 101 -6.51 -20.84 -14.45
C GLU A 101 -6.10 -19.38 -14.48
N ARG A 102 -6.63 -18.64 -15.45
CA ARG A 102 -6.28 -17.22 -15.55
C ARG A 102 -7.11 -16.37 -14.56
N ARG A 103 -8.36 -16.75 -14.35
CA ARG A 103 -9.20 -16.05 -13.38
C ARG A 103 -8.62 -16.32 -11.99
N ASP A 104 -7.98 -17.47 -11.83
CA ASP A 104 -7.34 -17.85 -10.56
C ASP A 104 -5.96 -17.20 -10.41
N TYR A 105 -4.94 -17.77 -11.02
CA TYR A 105 -3.59 -17.29 -10.80
C TYR A 105 -3.33 -15.86 -11.20
N PHE A 106 -3.92 -15.46 -12.33
CA PHE A 106 -3.61 -14.18 -12.98
C PHE A 106 -4.68 -13.09 -12.84
N HIS A 107 -5.55 -13.29 -11.86
CA HIS A 107 -6.51 -12.26 -11.41
C HIS A 107 -7.50 -11.75 -12.47
N GLU A 108 -7.77 -12.51 -13.52
CA GLU A 108 -8.67 -11.99 -14.58
C GLU A 108 -10.07 -11.87 -14.06
N THR A 109 -10.69 -10.74 -14.37
CA THR A 109 -12.04 -10.43 -13.92
C THR A 109 -13.04 -10.52 -15.06
N ASP A 110 -14.33 -10.50 -14.72
CA ASP A 110 -15.39 -10.48 -15.74
C ASP A 110 -15.19 -9.27 -16.66
N GLU A 111 -14.79 -8.13 -16.10
CA GLU A 111 -14.56 -6.91 -16.87
C GLU A 111 -13.46 -7.12 -17.90
N ASP A 112 -12.34 -7.73 -17.49
CA ASP A 112 -11.24 -8.05 -18.43
C ASP A 112 -11.75 -8.97 -19.57
N ILE A 113 -12.53 -9.98 -19.23
CA ILE A 113 -13.05 -10.92 -20.22
C ILE A 113 -14.00 -10.26 -21.20
N ASN A 114 -14.87 -9.40 -20.69
CA ASN A 114 -15.77 -8.65 -21.56
C ASN A 114 -14.95 -7.79 -22.53
N LYS A 115 -13.93 -7.10 -22.02
CA LYS A 115 -13.06 -6.26 -22.88
C LYS A 115 -12.31 -7.09 -23.94
N LYS A 116 -11.86 -8.26 -23.54
CA LYS A 116 -11.17 -9.17 -24.44
C LYS A 116 -12.10 -9.67 -25.56
N ALA A 117 -13.31 -10.04 -25.22
CA ALA A 117 -14.29 -10.53 -26.22
C ALA A 117 -14.52 -9.45 -27.30
N LYS A 118 -14.71 -8.20 -26.85
CA LYS A 118 -14.89 -7.05 -27.75
C LYS A 118 -13.66 -6.83 -28.63
N ALA A 119 -12.48 -6.93 -28.04
CA ALA A 119 -11.23 -6.80 -28.80
C ALA A 119 -11.03 -7.90 -29.84
N ILE A 120 -11.46 -9.11 -29.51
CA ILE A 120 -11.31 -10.26 -30.36
C ILE A 120 -12.20 -10.08 -31.59
N PHE A 121 -13.45 -9.67 -31.40
CA PHE A 121 -14.33 -9.41 -32.55
C PHE A 121 -13.88 -8.17 -33.34
N ALA A 122 -13.31 -7.18 -32.65
CA ALA A 122 -12.83 -5.98 -33.37
C ALA A 122 -11.69 -6.34 -34.31
N ASN A 123 -11.01 -7.42 -33.97
CA ASN A 123 -9.88 -7.96 -34.74
C ASN A 123 -10.24 -9.17 -35.59
N GLY A 124 -11.54 -9.34 -35.88
CA GLY A 124 -12.02 -10.38 -36.78
C GLY A 124 -11.74 -11.82 -36.42
N MET A 125 -11.70 -12.11 -35.12
CA MET A 125 -11.51 -13.48 -34.67
C MET A 125 -12.71 -13.83 -33.82
N LEU A 126 -12.70 -15.04 -33.25
CA LEU A 126 -13.80 -15.52 -32.43
C LEU A 126 -13.31 -15.95 -31.04
N PRO A 127 -14.08 -15.64 -30.00
CA PRO A 127 -13.67 -15.98 -28.67
C PRO A 127 -14.23 -17.32 -28.22
N ILE A 128 -13.46 -18.00 -27.38
CA ILE A 128 -13.93 -19.21 -26.64
C ILE A 128 -13.95 -18.70 -25.22
N ILE A 129 -15.14 -18.36 -24.74
CA ILE A 129 -15.30 -17.74 -23.43
C ILE A 129 -15.53 -18.79 -22.37
N CYS A 130 -14.62 -18.85 -21.39
CA CYS A 130 -14.69 -19.84 -20.34
C CYS A 130 -15.39 -19.33 -19.12
N CYS A 131 -16.13 -20.23 -18.47
CA CYS A 131 -16.86 -19.94 -17.24
C CYS A 131 -16.90 -21.19 -16.39
N GLY A 132 -17.37 -21.07 -15.18
CA GLY A 132 -17.50 -22.23 -14.31
C GLY A 132 -17.41 -21.86 -12.87
N GLU A 133 -18.04 -22.67 -12.02
CA GLU A 133 -18.11 -22.42 -10.56
C GLU A 133 -17.17 -23.26 -9.70
N SER A 134 -16.75 -22.68 -8.57
CA SER A 134 -15.88 -23.34 -7.61
C SER A 134 -16.60 -24.43 -6.81
N LEU A 135 -15.82 -25.21 -6.06
CA LEU A 135 -16.36 -26.22 -5.16
C LEU A 135 -17.31 -25.56 -4.15
N GLU A 136 -16.86 -24.49 -3.51
CA GLU A 136 -17.70 -23.78 -2.52
C GLU A 136 -19.06 -23.36 -3.09
N THR A 137 -19.04 -22.73 -4.27
CA THR A 137 -20.27 -22.29 -4.93
C THR A 137 -21.15 -23.49 -5.28
N TYR A 138 -20.52 -24.55 -5.75
CA TYR A 138 -21.25 -25.77 -6.12
C TYR A 138 -21.97 -26.34 -4.89
N GLU A 139 -21.24 -26.48 -3.78
CA GLU A 139 -21.80 -27.02 -2.53
C GLU A 139 -22.93 -26.14 -1.99
N ALA A 140 -22.87 -24.83 -2.27
CA ALA A 140 -23.91 -23.90 -1.79
C ALA A 140 -25.21 -23.83 -2.66
N GLY A 141 -25.27 -24.64 -3.73
CA GLY A 141 -26.41 -24.65 -4.65
C GLY A 141 -26.51 -23.39 -5.49
N LYS A 142 -25.39 -22.70 -5.69
CA LYS A 142 -25.37 -21.42 -6.42
C LYS A 142 -24.68 -21.48 -7.79
N ALA A 143 -24.49 -22.67 -8.37
CA ALA A 143 -23.81 -22.80 -9.66
C ALA A 143 -24.51 -22.03 -10.76
N ALA A 144 -25.81 -22.23 -10.88
CA ALA A 144 -26.57 -21.59 -11.95
C ALA A 144 -26.49 -20.06 -11.92
N GLU A 145 -26.68 -19.47 -10.74
N GLU A 145 -26.67 -19.47 -10.75
CA GLU A 145 -26.60 -18.01 -10.58
CA GLU A 145 -26.62 -18.00 -10.61
C GLU A 145 -25.20 -17.46 -10.86
C GLU A 145 -25.20 -17.42 -10.79
N PHE A 146 -24.18 -18.15 -10.35
CA PHE A 146 -22.78 -17.71 -10.52
C PHE A 146 -22.37 -17.76 -12.01
N VAL A 147 -22.62 -18.91 -12.64
CA VAL A 147 -22.25 -19.08 -14.04
C VAL A 147 -23.06 -18.11 -14.88
N GLY A 148 -24.35 -17.99 -14.58
CA GLY A 148 -25.21 -17.07 -15.31
C GLY A 148 -24.65 -15.66 -15.32
N ALA A 149 -24.24 -15.18 -14.15
CA ALA A 149 -23.67 -13.84 -14.03
C ALA A 149 -22.39 -13.71 -14.86
N GLN A 150 -21.53 -14.73 -14.78
CA GLN A 150 -20.27 -14.71 -15.57
C GLN A 150 -20.54 -14.55 -17.07
N VAL A 151 -21.48 -15.37 -17.56
CA VAL A 151 -21.80 -15.37 -18.96
C VAL A 151 -22.38 -14.04 -19.39
N SER A 152 -23.31 -13.54 -18.59
CA SER A 152 -23.96 -12.25 -18.88
C SER A 152 -22.94 -11.13 -18.91
N ALA A 153 -22.06 -11.11 -17.92
CA ALA A 153 -21.03 -10.07 -17.86
C ALA A 153 -20.11 -10.10 -19.08
N ALA A 154 -19.70 -11.31 -19.48
CA ALA A 154 -18.75 -11.46 -20.59
C ALA A 154 -19.32 -10.99 -21.93
N LEU A 155 -20.63 -11.21 -22.12
CA LEU A 155 -21.25 -10.88 -23.38
C LEU A 155 -21.83 -9.47 -23.49
N ALA A 156 -21.91 -8.76 -22.37
CA ALA A 156 -22.56 -7.44 -22.34
C ALA A 156 -21.97 -6.49 -23.40
N GLY A 157 -22.83 -5.94 -24.24
CA GLY A 157 -22.37 -5.00 -25.25
C GLY A 157 -22.06 -5.58 -26.62
N LEU A 158 -21.95 -6.92 -26.73
CA LEU A 158 -21.74 -7.52 -28.02
C LEU A 158 -23.02 -7.44 -28.82
N THR A 159 -22.90 -7.47 -30.14
CA THR A 159 -24.07 -7.49 -30.99
C THR A 159 -24.65 -8.89 -30.99
N ALA A 160 -25.90 -9.00 -31.42
CA ALA A 160 -26.57 -10.31 -31.53
C ALA A 160 -25.79 -11.25 -32.47
N GLU A 161 -25.25 -10.69 -33.55
CA GLU A 161 -24.49 -11.47 -34.53
C GLU A 161 -23.16 -11.95 -33.91
N GLN A 162 -22.50 -11.09 -33.14
CA GLN A 162 -21.29 -11.49 -32.43
C GLN A 162 -21.57 -12.60 -31.41
N VAL A 163 -22.64 -12.44 -30.62
CA VAL A 163 -23.00 -13.49 -29.67
C VAL A 163 -23.25 -14.82 -30.40
N ALA A 164 -24.02 -14.77 -31.49
CA ALA A 164 -24.33 -16.00 -32.23
C ALA A 164 -23.10 -16.76 -32.71
N ALA A 165 -22.02 -16.04 -32.98
CA ALA A 165 -20.77 -16.62 -33.47
C ALA A 165 -19.77 -16.97 -32.38
N SER A 166 -20.07 -16.68 -31.11
CA SER A 166 -19.17 -16.98 -29.99
C SER A 166 -19.28 -18.43 -29.55
N VAL A 167 -18.23 -18.88 -28.88
CA VAL A 167 -18.20 -20.17 -28.25
C VAL A 167 -18.07 -19.91 -26.77
N ILE A 168 -18.80 -20.68 -25.95
CA ILE A 168 -18.69 -20.55 -24.51
C ILE A 168 -18.36 -21.94 -24.01
N ALA A 169 -17.37 -22.03 -23.13
CA ALA A 169 -16.92 -23.31 -22.56
C ALA A 169 -17.18 -23.35 -21.08
N TYR A 170 -17.94 -24.34 -20.63
CA TYR A 170 -18.26 -24.51 -19.20
C TYR A 170 -17.29 -25.49 -18.54
N GLU A 171 -16.55 -25.00 -17.54
CA GLU A 171 -15.59 -25.82 -16.77
C GLU A 171 -16.15 -26.16 -15.38
N PRO A 172 -16.35 -27.45 -15.10
CA PRO A 172 -16.79 -27.83 -13.76
C PRO A 172 -15.61 -27.83 -12.78
N ILE A 173 -15.23 -26.64 -12.30
CA ILE A 173 -14.06 -26.46 -11.44
C ILE A 173 -14.18 -27.25 -10.14
N TRP A 174 -15.41 -27.34 -9.66
CA TRP A 174 -15.75 -28.14 -8.48
C TRP A 174 -15.41 -29.62 -8.56
N ALA A 175 -15.28 -30.14 -9.77
CA ALA A 175 -15.02 -31.56 -9.95
C ALA A 175 -13.53 -31.90 -10.11
N ILE A 176 -12.63 -30.93 -9.96
CA ILE A 176 -11.19 -31.20 -10.08
C ILE A 176 -10.65 -32.09 -8.94
N GLY A 177 -11.21 -31.96 -7.75
CA GLY A 177 -10.75 -32.70 -6.56
C GLY A 177 -11.05 -34.18 -6.49
N THR A 178 -10.82 -34.76 -5.30
CA THR A 178 -10.97 -36.20 -5.09
C THR A 178 -12.43 -36.64 -5.03
N GLY A 179 -13.15 -36.12 -4.04
CA GLY A 179 -14.52 -36.55 -3.79
C GLY A 179 -15.62 -36.06 -4.70
N LYS A 180 -15.27 -35.48 -5.86
CA LYS A 180 -16.28 -35.01 -6.80
C LYS A 180 -16.00 -35.50 -8.22
N SER A 181 -17.06 -35.89 -8.90
CA SER A 181 -16.96 -36.37 -10.29
C SER A 181 -18.14 -35.81 -11.06
N ALA A 182 -17.88 -35.31 -12.28
CA ALA A 182 -18.93 -34.76 -13.13
C ALA A 182 -19.50 -35.86 -14.03
N SER A 183 -20.76 -35.71 -14.42
CA SER A 183 -21.44 -36.66 -15.31
C SER A 183 -22.08 -35.96 -16.50
N GLN A 184 -22.64 -36.76 -17.42
CA GLN A 184 -23.36 -36.22 -18.55
C GLN A 184 -24.51 -35.32 -18.06
N ASP A 185 -25.17 -35.72 -16.96
CA ASP A 185 -26.22 -34.89 -16.39
C ASP A 185 -25.69 -33.49 -16.05
N ASP A 186 -24.46 -33.42 -15.50
CA ASP A 186 -23.85 -32.13 -15.13
C ASP A 186 -23.55 -31.32 -16.37
N ALA A 187 -22.92 -31.94 -17.36
CA ALA A 187 -22.61 -31.22 -18.62
C ALA A 187 -23.85 -30.63 -19.25
N GLN A 188 -24.89 -31.44 -19.36
CA GLN A 188 -26.13 -31.00 -19.97
C GLN A 188 -26.81 -29.85 -19.18
N LYS A 189 -26.95 -30.03 -17.89
CA LYS A 189 -27.58 -29.04 -17.03
C LYS A 189 -26.82 -27.72 -17.12
N MET A 190 -25.51 -27.79 -17.01
CA MET A 190 -24.73 -26.54 -17.00
C MET A 190 -24.61 -25.89 -18.36
N CYS A 191 -24.51 -26.68 -19.44
CA CYS A 191 -24.48 -26.10 -20.79
C CYS A 191 -25.85 -25.41 -21.10
N LYS A 192 -26.94 -25.99 -20.56
CA LYS A 192 -28.25 -25.37 -20.73
C LYS A 192 -28.36 -24.09 -19.90
N VAL A 193 -27.74 -24.06 -18.72
CA VAL A 193 -27.72 -22.85 -17.90
C VAL A 193 -27.10 -21.74 -18.74
N VAL A 194 -26.01 -22.06 -19.45
CA VAL A 194 -25.35 -21.06 -20.27
C VAL A 194 -26.29 -20.56 -21.37
N ARG A 195 -26.89 -21.49 -22.09
CA ARG A 195 -27.75 -21.13 -23.21
C ARG A 195 -28.98 -20.31 -22.73
N ASP A 196 -29.57 -20.67 -21.60
CA ASP A 196 -30.72 -19.91 -21.10
C ASP A 196 -30.34 -18.46 -20.82
N VAL A 197 -29.12 -18.24 -20.31
CA VAL A 197 -28.64 -16.88 -20.02
C VAL A 197 -28.52 -16.10 -21.31
N VAL A 198 -27.94 -16.73 -22.33
CA VAL A 198 -27.84 -16.08 -23.62
C VAL A 198 -29.27 -15.74 -24.14
N ALA A 199 -30.22 -16.66 -23.91
CA ALA A 199 -31.61 -16.43 -24.32
C ALA A 199 -32.21 -15.22 -23.62
N ALA A 200 -31.98 -15.12 -22.31
CA ALA A 200 -32.52 -13.99 -21.53
C ALA A 200 -31.98 -12.64 -21.97
N ASP A 201 -30.73 -12.61 -22.43
CA ASP A 201 -30.07 -11.35 -22.82
C ASP A 201 -30.15 -11.00 -24.33
N PHE A 202 -30.25 -12.01 -25.19
CA PHE A 202 -30.19 -11.80 -26.64
C PHE A 202 -31.29 -12.51 -27.41
N GLY A 203 -32.14 -13.26 -26.70
CA GLY A 203 -33.25 -13.99 -27.33
C GLY A 203 -32.91 -15.43 -27.67
N GLN A 204 -33.96 -16.25 -27.75
CA GLN A 204 -33.79 -17.67 -28.00
C GLN A 204 -33.14 -17.97 -29.38
N GLU A 205 -33.45 -17.15 -30.41
CA GLU A 205 -32.89 -17.39 -31.75
C GLU A 205 -31.36 -17.30 -31.73
N VAL A 206 -30.83 -16.29 -31.05
CA VAL A 206 -29.39 -16.15 -30.91
C VAL A 206 -28.84 -17.30 -30.04
N ALA A 207 -29.55 -17.59 -28.95
CA ALA A 207 -29.13 -18.62 -28.01
C ALA A 207 -28.97 -19.97 -28.68
N ASP A 208 -29.82 -20.23 -29.66
CA ASP A 208 -29.79 -21.49 -30.38
C ASP A 208 -28.65 -21.62 -31.39
N LYS A 209 -27.90 -20.54 -31.64
CA LYS A 209 -26.76 -20.56 -32.57
C LYS A 209 -25.41 -20.63 -31.88
N VAL A 210 -25.35 -20.10 -30.66
N VAL A 210 -25.37 -20.20 -30.62
CA VAL A 210 -24.11 -20.05 -29.93
CA VAL A 210 -24.15 -20.23 -29.81
C VAL A 210 -23.70 -21.45 -29.48
C VAL A 210 -23.70 -21.68 -29.59
N ARG A 211 -22.46 -21.85 -29.78
N ARG A 211 -22.40 -21.95 -29.71
CA ARG A 211 -21.98 -23.15 -29.33
CA ARG A 211 -21.91 -23.29 -29.41
C ARG A 211 -21.58 -23.10 -27.86
C ARG A 211 -21.35 -23.30 -27.98
N VAL A 212 -21.93 -24.15 -27.13
CA VAL A 212 -21.53 -24.29 -25.74
C VAL A 212 -20.76 -25.60 -25.60
N GLN A 213 -19.49 -25.49 -25.21
CA GLN A 213 -18.61 -26.64 -25.00
C GLN A 213 -18.59 -27.08 -23.56
N TYR A 214 -18.41 -28.37 -23.34
CA TYR A 214 -18.20 -28.87 -21.99
C TYR A 214 -16.69 -28.95 -21.79
N GLY A 215 -16.20 -28.42 -20.66
CA GLY A 215 -14.76 -28.43 -20.36
C GLY A 215 -14.35 -29.42 -19.27
N GLY A 216 -15.26 -30.28 -18.84
CA GLY A 216 -14.92 -31.30 -17.86
C GLY A 216 -14.25 -32.48 -18.53
N SER A 217 -13.95 -33.52 -17.76
CA SER A 217 -13.31 -34.73 -18.32
C SER A 217 -14.16 -35.52 -19.31
N VAL A 218 -13.65 -35.71 -20.53
CA VAL A 218 -14.26 -36.58 -21.54
C VAL A 218 -13.15 -37.53 -22.01
N LYS A 219 -13.49 -38.79 -22.28
N LYS A 219 -13.50 -38.78 -22.29
CA LYS A 219 -12.52 -39.78 -22.73
CA LYS A 219 -12.54 -39.79 -22.73
C LYS A 219 -13.08 -40.46 -23.98
C LYS A 219 -13.09 -40.46 -23.99
N PRO A 220 -12.22 -41.17 -24.75
CA PRO A 220 -12.67 -41.88 -25.98
C PRO A 220 -13.89 -42.78 -25.83
N GLU A 221 -14.00 -43.44 -24.69
CA GLU A 221 -15.12 -44.30 -24.43
C GLU A 221 -16.36 -43.56 -23.90
N ASN A 222 -16.30 -42.23 -23.81
N ASN A 222 -16.35 -42.23 -23.85
CA ASN A 222 -17.41 -41.43 -23.27
CA ASN A 222 -17.56 -41.49 -23.43
C ASN A 222 -17.68 -40.13 -24.01
C ASN A 222 -17.74 -40.12 -24.06
N VAL A 223 -16.70 -39.64 -24.76
N VAL A 223 -16.77 -39.63 -24.82
CA VAL A 223 -16.87 -38.38 -25.47
CA VAL A 223 -16.95 -38.31 -25.42
C VAL A 223 -18.19 -38.30 -26.26
C VAL A 223 -18.22 -38.28 -26.27
N ALA A 224 -18.50 -39.35 -27.03
CA ALA A 224 -19.74 -39.39 -27.87
C ALA A 224 -21.01 -39.21 -27.03
N SER A 225 -21.05 -39.89 -25.90
CA SER A 225 -22.18 -39.78 -24.98
C SER A 225 -22.39 -38.36 -24.46
N TYR A 226 -21.31 -37.66 -24.08
CA TYR A 226 -21.43 -36.28 -23.66
C TYR A 226 -21.89 -35.34 -24.78
N MET A 227 -21.32 -35.52 -25.96
CA MET A 227 -21.61 -34.67 -27.12
C MET A 227 -23.02 -34.87 -27.62
N ALA A 228 -23.60 -36.04 -27.33
CA ALA A 228 -24.96 -36.31 -27.75
C ALA A 228 -26.02 -35.60 -26.89
N CME A 229 -25.63 -35.01 -25.76
CA CME A 229 -26.58 -34.28 -24.92
CB CME A 229 -25.94 -33.89 -23.57
SG CME A 229 -25.72 -35.30 -22.50
SD CME A 229 -27.53 -36.29 -22.39
CE CME A 229 -28.45 -35.35 -21.23
CZ CME A 229 -27.87 -35.53 -19.82
OH CME A 229 -28.13 -36.86 -19.33
C CME A 229 -27.04 -33.06 -25.74
O CME A 229 -26.24 -32.49 -26.48
N PRO A 230 -28.32 -32.65 -25.60
CA PRO A 230 -28.91 -31.61 -26.48
C PRO A 230 -28.25 -30.23 -26.48
N ASP A 231 -27.78 -29.80 -25.32
CA ASP A 231 -27.16 -28.49 -25.19
C ASP A 231 -25.63 -28.46 -25.19
N VAL A 232 -25.01 -29.63 -25.32
CA VAL A 232 -23.52 -29.76 -25.40
C VAL A 232 -23.12 -29.79 -26.88
N ASP A 233 -22.32 -28.82 -27.33
CA ASP A 233 -21.92 -28.65 -28.73
C ASP A 233 -20.45 -28.90 -28.98
N GLY A 234 -19.74 -29.47 -28.01
CA GLY A 234 -18.33 -29.72 -28.18
C GLY A 234 -17.63 -29.84 -26.82
N ALA A 235 -16.32 -29.80 -26.87
CA ALA A 235 -15.49 -29.94 -25.67
C ALA A 235 -14.21 -29.15 -25.75
N LEU A 236 -13.82 -28.58 -24.61
CA LEU A 236 -12.55 -27.89 -24.45
C LEU A 236 -11.79 -28.90 -23.60
N VAL A 237 -10.80 -29.53 -24.22
CA VAL A 237 -10.10 -30.69 -23.69
C VAL A 237 -8.71 -30.30 -23.23
N GLY A 238 -8.29 -30.74 -22.05
CA GLY A 238 -6.97 -30.40 -21.56
C GLY A 238 -5.93 -31.46 -21.88
N GLY A 239 -5.55 -32.22 -20.84
CA GLY A 239 -4.52 -33.25 -20.94
C GLY A 239 -4.60 -34.19 -22.15
N ALA A 240 -5.81 -34.58 -22.56
CA ALA A 240 -5.96 -35.50 -23.71
C ALA A 240 -5.63 -34.88 -25.08
N SER A 241 -5.38 -33.58 -25.13
CA SER A 241 -5.02 -32.94 -26.38
C SER A 241 -3.52 -32.87 -26.60
N LEU A 242 -2.74 -33.32 -25.63
CA LEU A 242 -1.27 -33.24 -25.70
C LEU A 242 -0.61 -34.29 -26.57
N GLU A 243 -1.32 -35.36 -26.90
CA GLU A 243 -0.77 -36.39 -27.75
C GLU A 243 -1.65 -36.53 -29.00
N ALA A 244 -1.01 -36.64 -30.16
CA ALA A 244 -1.70 -36.74 -31.45
C ALA A 244 -2.74 -37.86 -31.44
N GLU A 245 -2.30 -39.03 -31.00
N GLU A 245 -2.38 -39.05 -30.97
CA GLU A 245 -3.12 -40.23 -30.93
CA GLU A 245 -3.34 -40.17 -30.98
C GLU A 245 -4.35 -40.03 -30.04
C GLU A 245 -4.54 -39.91 -30.08
N SER A 246 -4.18 -39.36 -28.91
N SER A 246 -4.30 -39.42 -28.86
CA SER A 246 -5.28 -39.10 -27.98
CA SER A 246 -5.42 -39.16 -27.94
C SER A 246 -6.27 -38.08 -28.49
C SER A 246 -6.32 -38.01 -28.43
N PHE A 247 -5.75 -37.00 -29.07
CA PHE A 247 -6.56 -35.92 -29.62
C PHE A 247 -7.41 -36.46 -30.76
N LEU A 248 -6.79 -37.22 -31.66
CA LEU A 248 -7.53 -37.80 -32.79
C LEU A 248 -8.63 -38.72 -32.32
N ALA A 249 -8.40 -39.41 -31.21
CA ALA A 249 -9.38 -40.38 -30.69
C ALA A 249 -10.66 -39.69 -30.21
N LEU A 250 -10.54 -38.44 -29.76
CA LEU A 250 -11.71 -37.67 -29.34
C LEU A 250 -12.60 -37.14 -30.48
N LEU A 251 -12.18 -37.35 -31.73
CA LEU A 251 -12.96 -36.90 -32.87
C LEU A 251 -13.78 -38.07 -33.46
N ASP A 252 -13.58 -39.28 -32.93
CA ASP A 252 -14.31 -40.49 -33.40
C ASP A 252 -15.84 -40.45 -33.37
N PHE A 253 -16.42 -39.72 -32.41
CA PHE A 253 -17.90 -39.68 -32.27
C PHE A 253 -18.67 -39.22 -33.51
N VAL A 254 -18.01 -38.55 -34.45
CA VAL A 254 -18.68 -38.08 -35.69
C VAL A 254 -18.53 -39.06 -36.85
N SER B 5 -8.78 -18.35 6.28
CA SER B 5 -9.45 -18.00 7.57
C SER B 5 -8.83 -16.75 8.19
N ARG B 6 -9.66 -15.72 8.35
CA ARG B 6 -9.22 -14.45 8.89
C ARG B 6 -9.51 -14.43 10.40
N LYS B 7 -8.47 -14.14 11.18
CA LYS B 7 -8.59 -14.10 12.63
C LYS B 7 -9.42 -12.88 13.00
N PRO B 8 -10.53 -13.07 13.71
CA PRO B 8 -11.31 -11.88 14.08
C PRO B 8 -10.52 -10.97 15.02
N PHE B 9 -10.82 -9.66 14.94
CA PHE B 9 -10.10 -8.63 15.71
C PHE B 9 -11.00 -7.52 16.24
N ILE B 10 -11.18 -7.48 17.56
CA ILE B 10 -11.92 -6.45 18.23
C ILE B 10 -10.90 -5.51 18.82
N ALA B 11 -10.91 -4.27 18.35
CA ALA B 11 -10.02 -3.23 18.85
C ALA B 11 -10.87 -2.18 19.51
N GLY B 12 -10.63 -1.94 20.80
CA GLY B 12 -11.39 -0.93 21.49
C GLY B 12 -10.69 0.39 21.35
N ASN B 13 -11.38 1.37 20.81
CA ASN B 13 -10.84 2.70 20.65
C ASN B 13 -11.37 3.57 21.78
N TRP B 14 -10.54 3.83 22.78
CA TRP B 14 -10.97 4.64 23.91
C TRP B 14 -11.16 6.10 23.54
N LYS B 15 -10.60 6.52 22.41
CA LYS B 15 -10.65 7.95 22.00
C LYS B 15 -9.98 8.80 23.11
N MET B 16 -10.38 10.06 23.31
CA MET B 16 -9.71 10.90 24.34
C MET B 16 -10.39 10.71 25.68
N ASN B 17 -10.13 9.55 26.26
CA ASN B 17 -10.66 9.14 27.54
C ASN B 17 -9.66 8.32 28.31
N LYS B 18 -9.63 8.53 29.62
CA LYS B 18 -8.81 7.80 30.61
C LYS B 18 -7.42 8.39 30.87
N ASN B 19 -7.11 8.51 32.16
CA ASN B 19 -5.80 8.91 32.60
C ASN B 19 -4.96 7.59 32.77
N PRO B 20 -3.66 7.70 33.11
CA PRO B 20 -2.87 6.50 33.18
C PRO B 20 -3.32 5.50 34.24
N GLU B 21 -3.79 5.98 35.38
CA GLU B 21 -4.26 5.07 36.44
C GLU B 21 -5.53 4.31 36.03
N GLU B 22 -6.45 5.01 35.38
CA GLU B 22 -7.63 4.35 34.82
C GLU B 22 -7.25 3.30 33.79
N ALA B 23 -6.30 3.66 32.90
CA ALA B 23 -5.85 2.72 31.87
C ALA B 23 -5.25 1.47 32.52
N LYS B 24 -4.41 1.68 33.54
CA LYS B 24 -3.75 0.57 34.24
C LYS B 24 -4.78 -0.39 34.84
N ALA B 25 -5.80 0.19 35.46
CA ALA B 25 -6.82 -0.60 36.16
C ALA B 25 -7.64 -1.40 35.14
N PHE B 26 -7.95 -0.80 34.00
CA PHE B 26 -8.70 -1.51 32.91
C PHE B 26 -7.87 -2.69 32.40
N VAL B 27 -6.61 -2.45 32.04
CA VAL B 27 -5.73 -3.55 31.53
C VAL B 27 -5.59 -4.68 32.58
N GLU B 28 -5.39 -4.32 33.84
N GLU B 28 -5.37 -4.34 33.85
CA GLU B 28 -5.31 -5.32 34.90
CA GLU B 28 -5.32 -5.37 34.89
C GLU B 28 -6.61 -6.12 35.03
C GLU B 28 -6.63 -6.15 34.99
N ALA B 29 -7.75 -5.48 34.75
CA ALA B 29 -9.07 -6.14 34.82
C ALA B 29 -9.38 -7.05 33.63
N VAL B 30 -8.73 -6.81 32.50
CA VAL B 30 -9.06 -7.57 31.27
C VAL B 30 -7.96 -8.49 30.72
N ALA B 31 -6.70 -8.09 30.87
CA ALA B 31 -5.54 -8.80 30.26
C ALA B 31 -5.50 -10.31 30.43
N SER B 32 -5.58 -10.78 31.68
CA SER B 32 -5.53 -12.22 31.95
C SER B 32 -6.82 -12.99 31.60
N LYS B 33 -7.92 -12.26 31.34
CA LYS B 33 -9.24 -12.85 31.05
C LYS B 33 -9.62 -12.91 29.55
N LEU B 34 -8.67 -12.63 28.67
CA LEU B 34 -8.93 -12.68 27.24
C LEU B 34 -9.12 -14.12 26.78
N PRO B 35 -9.91 -14.33 25.70
CA PRO B 35 -9.99 -15.68 25.18
C PRO B 35 -8.67 -16.06 24.49
N SER B 36 -8.55 -17.31 24.07
CA SER B 36 -7.37 -17.76 23.35
C SER B 36 -7.11 -16.86 22.15
N SER B 37 -5.85 -16.51 21.95
CA SER B 37 -5.43 -15.72 20.79
C SER B 37 -5.83 -16.42 19.49
N ASP B 38 -5.96 -17.73 19.54
CA ASP B 38 -6.36 -18.52 18.36
C ASP B 38 -7.82 -18.31 17.95
N LEU B 39 -8.66 -17.85 18.88
CA LEU B 39 -10.08 -17.60 18.63
C LEU B 39 -10.37 -16.16 18.21
N VAL B 40 -9.81 -15.22 18.95
CA VAL B 40 -10.01 -13.80 18.67
C VAL B 40 -8.79 -12.99 19.07
N GLU B 41 -8.44 -11.98 18.26
CA GLU B 41 -7.38 -11.02 18.59
C GLU B 41 -8.09 -9.84 19.26
N ALA B 42 -7.58 -9.39 20.42
CA ALA B 42 -8.17 -8.31 21.17
C ALA B 42 -7.12 -7.25 21.47
N GLY B 43 -7.51 -6.00 21.29
CA GLY B 43 -6.58 -4.86 21.49
C GLY B 43 -7.30 -3.61 21.94
N ILE B 44 -6.50 -2.66 22.42
CA ILE B 44 -6.98 -1.37 22.88
C ILE B 44 -6.15 -0.27 22.28
N ALA B 45 -6.83 0.74 21.72
CA ALA B 45 -6.18 1.94 21.22
C ALA B 45 -6.32 3.00 22.32
N ALA B 46 -5.18 3.31 22.97
CA ALA B 46 -5.18 4.22 24.11
C ALA B 46 -4.53 5.55 23.77
N PRO B 47 -4.90 6.60 24.53
CA PRO B 47 -4.27 7.91 24.41
C PRO B 47 -2.76 7.81 24.59
N ALA B 48 -2.03 8.71 23.95
CA ALA B 48 -0.58 8.67 23.99
C ALA B 48 -0.02 8.78 25.40
N LEU B 49 -0.66 9.60 26.23
CA LEU B 49 -0.24 9.76 27.62
C LEU B 49 -0.31 8.46 28.41
N ASP B 50 -1.17 7.51 27.96
CA ASP B 50 -1.42 6.26 28.68
C ASP B 50 -0.67 5.02 28.13
N LEU B 51 0.00 5.17 27.00
CA LEU B 51 0.59 4.02 26.29
C LEU B 51 1.68 3.29 27.04
N THR B 52 2.61 4.01 27.67
CA THR B 52 3.68 3.31 28.40
C THR B 52 3.11 2.46 29.55
N THR B 53 2.09 2.98 30.23
CA THR B 53 1.40 2.30 31.32
C THR B 53 0.67 1.06 30.78
N VAL B 54 -0.10 1.25 29.69
CA VAL B 54 -0.83 0.11 29.09
C VAL B 54 0.15 -1.00 28.70
N LEU B 55 1.25 -0.61 28.07
CA LEU B 55 2.25 -1.61 27.59
C LEU B 55 2.89 -2.37 28.78
N ALA B 56 3.19 -1.64 29.84
CA ALA B 56 3.81 -2.28 31.00
C ALA B 56 2.89 -3.33 31.64
N VAL B 57 1.62 -2.99 31.78
N VAL B 57 1.61 -3.01 31.83
CA VAL B 57 0.65 -3.89 32.35
CA VAL B 57 0.70 -4.00 32.43
C VAL B 57 0.33 -5.06 31.44
C VAL B 57 0.25 -5.08 31.43
N ALA B 58 0.25 -4.81 30.12
CA ALA B 58 -0.11 -5.84 29.14
C ALA B 58 0.98 -6.83 28.81
N LYS B 59 2.24 -6.52 29.19
CA LYS B 59 3.37 -7.41 28.88
C LYS B 59 3.12 -8.84 29.36
N GLY B 60 3.30 -9.78 28.44
CA GLY B 60 3.09 -11.20 28.73
C GLY B 60 1.70 -11.70 28.40
N SER B 61 0.72 -10.81 28.27
CA SER B 61 -0.66 -11.18 27.93
C SER B 61 -0.88 -11.12 26.42
N ASN B 62 -2.08 -11.50 26.01
CA ASN B 62 -2.42 -11.44 24.58
C ASN B 62 -3.11 -10.14 24.19
N LEU B 63 -3.12 -9.15 25.08
CA LEU B 63 -3.74 -7.89 24.75
C LEU B 63 -2.83 -7.10 23.79
N LYS B 64 -3.34 -6.80 22.60
CA LYS B 64 -2.59 -5.98 21.64
C LYS B 64 -2.77 -4.51 21.99
N VAL B 65 -1.75 -3.70 21.71
CA VAL B 65 -1.78 -2.29 22.06
C VAL B 65 -1.68 -1.44 20.82
N ALA B 66 -2.55 -0.45 20.72
CA ALA B 66 -2.53 0.45 19.55
C ALA B 66 -2.50 1.90 19.94
N ALA B 67 -1.84 2.72 19.12
CA ALA B 67 -1.92 4.17 19.28
C ALA B 67 -3.12 4.63 18.49
N GLN B 68 -3.57 5.86 18.75
CA GLN B 68 -4.74 6.44 18.09
C GLN B 68 -4.43 7.34 16.90
N ASN B 69 -3.13 7.59 16.70
CA ASN B 69 -2.57 8.41 15.63
C ASN B 69 -1.05 8.46 15.78
N CYS B 70 -0.35 8.82 14.73
CA CYS B 70 1.10 9.06 14.81
C CYS B 70 1.42 9.94 13.64
N TYR B 71 2.62 10.52 13.58
CA TYR B 71 3.01 11.35 12.44
C TYR B 71 3.70 10.44 11.42
N PHE B 72 4.02 10.98 10.23
CA PHE B 72 4.63 10.16 9.20
C PHE B 72 6.17 10.32 9.04
N GLU B 73 6.84 10.86 10.07
CA GLU B 73 8.30 10.90 10.13
C GLU B 73 8.69 10.36 11.51
N ASN B 74 9.93 9.89 11.63
CA ASN B 74 10.40 9.22 12.82
C ASN B 74 10.75 10.17 13.96
N ALA B 75 11.36 11.30 13.61
CA ALA B 75 11.80 12.24 14.62
C ALA B 75 12.05 13.59 13.96
N GLY B 76 11.91 14.65 14.75
CA GLY B 76 12.19 15.98 14.23
C GLY B 76 11.37 17.11 14.78
N ALA B 77 11.40 18.21 14.03
CA ALA B 77 10.78 19.43 14.44
C ALA B 77 9.30 19.41 14.13
N PHE B 78 8.56 18.58 14.91
CA PHE B 78 7.13 18.39 14.73
C PHE B 78 6.48 18.46 16.11
N THR B 79 6.52 19.68 16.64
CA THR B 79 6.04 19.96 18.00
C THR B 79 4.62 19.40 18.20
N GLY B 80 4.47 18.59 19.23
CA GLY B 80 3.19 18.01 19.60
C GLY B 80 2.86 16.69 18.98
N GLU B 81 3.70 16.19 18.06
CA GLU B 81 3.40 14.91 17.37
C GLU B 81 3.95 13.68 18.06
N THR B 82 3.29 12.55 17.74
CA THR B 82 3.64 11.26 18.29
C THR B 82 4.42 10.48 17.22
N SER B 83 5.63 10.07 17.59
CA SER B 83 6.55 9.38 16.70
C SER B 83 6.27 7.92 16.52
N PRO B 84 6.19 7.46 15.26
CA PRO B 84 6.00 6.02 15.07
C PRO B 84 7.23 5.19 15.47
N GLN B 85 8.42 5.79 15.45
CA GLN B 85 9.66 5.14 15.87
C GLN B 85 9.60 4.92 17.37
N VAL B 86 9.22 5.96 18.13
CA VAL B 86 9.08 5.78 19.54
C VAL B 86 7.97 4.76 19.87
N LEU B 87 6.85 4.80 19.13
CA LEU B 87 5.80 3.80 19.35
C LEU B 87 6.37 2.41 19.25
N LYS B 88 7.18 2.16 18.21
N LYS B 88 7.17 2.17 18.20
CA LYS B 88 7.77 0.84 18.06
CA LYS B 88 7.80 0.87 18.02
C LYS B 88 8.75 0.53 19.19
C LYS B 88 8.76 0.53 19.16
N GLU B 89 9.61 1.49 19.52
CA GLU B 89 10.60 1.30 20.59
C GLU B 89 10.00 0.91 21.95
N ILE B 90 8.76 1.33 22.22
CA ILE B 90 8.09 0.97 23.49
C ILE B 90 7.25 -0.30 23.38
N GLY B 91 7.03 -0.76 22.14
CA GLY B 91 6.36 -2.04 21.91
C GLY B 91 4.94 -2.04 21.42
N THR B 92 4.53 -0.95 20.76
CA THR B 92 3.18 -0.77 20.25
C THR B 92 2.99 -1.73 19.05
N ASP B 93 1.80 -2.31 18.93
CA ASP B 93 1.49 -3.24 17.88
C ASP B 93 0.87 -2.59 16.64
N TYR B 94 -0.12 -1.73 16.88
CA TYR B 94 -0.89 -1.15 15.78
C TYR B 94 -1.01 0.34 15.97
N VAL B 95 -1.31 1.03 14.87
CA VAL B 95 -1.63 2.46 14.93
C VAL B 95 -2.90 2.72 14.13
N VAL B 96 -3.92 3.27 14.77
CA VAL B 96 -5.13 3.70 14.09
C VAL B 96 -4.80 5.00 13.31
N ILE B 97 -5.12 5.05 12.04
CA ILE B 97 -4.91 6.24 11.19
C ILE B 97 -6.11 6.52 10.31
N GLY B 98 -6.36 7.81 10.08
CA GLY B 98 -7.49 8.22 9.26
C GLY B 98 -8.84 8.15 9.92
N HIS B 99 -8.88 8.06 11.25
CA HIS B 99 -10.15 8.03 11.95
C HIS B 99 -10.99 9.25 11.51
N SER B 100 -12.31 9.06 11.40
CA SER B 100 -13.23 10.13 11.02
C SER B 100 -12.99 11.42 11.79
N GLU B 101 -12.80 11.28 13.10
CA GLU B 101 -12.58 12.45 13.96
C GLU B 101 -11.36 13.27 13.54
N ARG B 102 -10.30 12.58 13.11
CA ARG B 102 -9.10 13.28 12.66
C ARG B 102 -9.21 13.86 11.27
N ARG B 103 -9.90 13.15 10.35
CA ARG B 103 -10.17 13.69 9.04
C ARG B 103 -11.06 14.95 9.14
N ASP B 104 -11.90 14.98 10.18
CA ASP B 104 -12.84 16.09 10.43
C ASP B 104 -12.19 17.29 11.13
N TYR B 105 -11.98 17.15 12.43
CA TYR B 105 -11.44 18.26 13.24
C TYR B 105 -10.02 18.68 12.87
N PHE B 106 -9.18 17.73 12.47
CA PHE B 106 -7.75 18.02 12.23
C PHE B 106 -7.35 18.05 10.75
N HIS B 107 -8.36 18.02 9.89
CA HIS B 107 -8.20 18.15 8.46
C HIS B 107 -7.21 17.15 7.85
N GLU B 108 -7.13 15.94 8.41
CA GLU B 108 -6.23 14.93 7.82
C GLU B 108 -6.72 14.56 6.42
N THR B 109 -5.78 14.38 5.53
CA THR B 109 -6.03 14.08 4.11
C THR B 109 -5.65 12.64 3.76
N ASP B 110 -6.12 12.19 2.59
CA ASP B 110 -5.78 10.87 2.08
C ASP B 110 -4.25 10.75 1.93
N GLU B 111 -3.59 11.83 1.52
CA GLU B 111 -2.14 11.86 1.44
C GLU B 111 -1.47 11.66 2.81
N ASP B 112 -1.95 12.35 3.85
CA ASP B 112 -1.42 12.18 5.22
C ASP B 112 -1.56 10.71 5.64
N ILE B 113 -2.72 10.10 5.29
CA ILE B 113 -2.99 8.72 5.67
C ILE B 113 -2.07 7.75 4.96
N ASN B 114 -1.85 8.01 3.69
CA ASN B 114 -0.93 7.21 2.86
C ASN B 114 0.48 7.23 3.48
N LYS B 115 0.96 8.42 3.79
CA LYS B 115 2.30 8.59 4.38
C LYS B 115 2.37 7.94 5.76
N LYS B 116 1.32 8.07 6.56
CA LYS B 116 1.32 7.40 7.88
C LYS B 116 1.42 5.89 7.79
N ALA B 117 0.73 5.31 6.82
CA ALA B 117 0.77 3.87 6.69
C ALA B 117 2.21 3.43 6.36
N LYS B 118 2.90 4.20 5.53
CA LYS B 118 4.27 3.84 5.18
C LYS B 118 5.20 3.97 6.36
N ALA B 119 5.00 5.01 7.18
CA ALA B 119 5.80 5.20 8.38
C ALA B 119 5.56 4.07 9.40
N ILE B 120 4.31 3.59 9.49
CA ILE B 120 3.94 2.51 10.40
C ILE B 120 4.66 1.21 10.00
N PHE B 121 4.58 0.84 8.72
CA PHE B 121 5.30 -0.33 8.22
C PHE B 121 6.83 -0.15 8.35
N ALA B 122 7.32 1.06 8.10
CA ALA B 122 8.77 1.30 8.18
C ALA B 122 9.28 1.06 9.63
N ASN B 123 8.38 1.18 10.59
CA ASN B 123 8.69 0.98 11.99
C ASN B 123 8.19 -0.36 12.54
N GLY B 124 7.93 -1.33 11.67
CA GLY B 124 7.56 -2.69 12.11
C GLY B 124 6.28 -2.87 12.86
N MET B 125 5.31 -1.98 12.63
CA MET B 125 3.97 -2.00 13.24
C MET B 125 2.95 -2.19 12.10
N LEU B 126 1.66 -2.28 12.46
CA LEU B 126 0.59 -2.48 11.44
C LEU B 126 -0.46 -1.42 11.63
N PRO B 127 -1.01 -0.90 10.53
CA PRO B 127 -1.98 0.13 10.66
C PRO B 127 -3.40 -0.38 10.71
N ILE B 128 -4.26 0.37 11.37
CA ILE B 128 -5.70 0.17 11.30
C ILE B 128 -6.16 1.40 10.57
N ILE B 129 -6.46 1.21 9.27
CA ILE B 129 -6.77 2.33 8.39
C ILE B 129 -8.28 2.55 8.37
N CYS B 130 -8.69 3.75 8.77
CA CYS B 130 -10.11 4.10 8.83
C CYS B 130 -10.59 4.80 7.57
N CYS B 131 -11.81 4.45 7.13
CA CYS B 131 -12.45 5.07 5.99
C CYS B 131 -13.95 5.17 6.30
N GLY B 132 -14.69 5.83 5.42
CA GLY B 132 -16.12 5.97 5.64
C GLY B 132 -16.69 7.21 4.97
N GLU B 133 -17.92 7.11 4.50
CA GLU B 133 -18.55 8.23 3.83
C GLU B 133 -19.52 8.99 4.69
N SER B 134 -19.66 10.27 4.36
CA SER B 134 -20.57 11.22 5.03
C SER B 134 -22.00 10.98 4.62
N LEU B 135 -22.93 11.66 5.32
CA LEU B 135 -24.34 11.55 5.01
C LEU B 135 -24.65 12.05 3.60
N GLU B 136 -24.00 13.16 3.20
CA GLU B 136 -24.19 13.71 1.86
C GLU B 136 -23.83 12.64 0.81
N THR B 137 -22.72 11.97 1.01
CA THR B 137 -22.27 10.92 0.09
C THR B 137 -23.18 9.70 0.10
N TYR B 138 -23.56 9.28 1.29
CA TYR B 138 -24.49 8.15 1.50
C TYR B 138 -25.79 8.41 0.74
N GLU B 139 -26.36 9.60 0.96
N GLU B 139 -26.38 9.59 0.96
CA GLU B 139 -27.60 10.02 0.31
CA GLU B 139 -27.63 9.98 0.30
C GLU B 139 -27.45 10.11 -1.21
C GLU B 139 -27.47 10.17 -1.23
N ALA B 140 -26.25 10.49 -1.68
CA ALA B 140 -25.99 10.63 -3.11
C ALA B 140 -25.84 9.28 -3.81
N GLY B 141 -25.83 8.20 -3.02
CA GLY B 141 -25.67 6.85 -3.58
C GLY B 141 -24.24 6.59 -4.04
N LYS B 142 -23.29 7.35 -3.49
CA LYS B 142 -21.88 7.27 -3.90
C LYS B 142 -20.95 6.69 -2.83
N ALA B 143 -21.50 5.94 -1.87
CA ALA B 143 -20.67 5.35 -0.80
C ALA B 143 -19.53 4.48 -1.35
N ALA B 144 -19.86 3.56 -2.27
CA ALA B 144 -18.85 2.66 -2.80
C ALA B 144 -17.71 3.39 -3.52
N GLU B 145 -18.04 4.40 -4.33
CA GLU B 145 -17.04 5.17 -5.05
C GLU B 145 -16.13 5.92 -4.05
N PHE B 146 -16.75 6.60 -3.10
CA PHE B 146 -16.02 7.41 -2.11
C PHE B 146 -15.12 6.56 -1.24
N VAL B 147 -15.69 5.57 -0.59
CA VAL B 147 -14.90 4.68 0.31
C VAL B 147 -13.80 3.97 -0.51
N GLY B 148 -14.16 3.43 -1.68
CA GLY B 148 -13.14 2.83 -2.53
C GLY B 148 -11.97 3.77 -2.86
N ALA B 149 -12.25 5.01 -3.15
CA ALA B 149 -11.19 5.93 -3.46
C ALA B 149 -10.32 6.18 -2.23
N GLN B 150 -10.94 6.23 -1.04
CA GLN B 150 -10.14 6.43 0.17
C GLN B 150 -9.19 5.24 0.40
N VAL B 151 -9.72 4.03 0.28
CA VAL B 151 -8.93 2.83 0.50
C VAL B 151 -7.78 2.77 -0.49
N SER B 152 -8.06 2.94 -1.79
CA SER B 152 -7.01 2.91 -2.82
C SER B 152 -5.92 3.95 -2.55
N ALA B 153 -6.34 5.12 -2.12
CA ALA B 153 -5.41 6.20 -1.77
C ALA B 153 -4.53 5.88 -0.62
N ALA B 154 -5.09 5.26 0.40
CA ALA B 154 -4.32 4.92 1.60
C ALA B 154 -3.26 3.88 1.31
N LEU B 155 -3.64 2.88 0.51
CA LEU B 155 -2.78 1.73 0.24
C LEU B 155 -1.80 1.93 -0.90
N ALA B 156 -1.96 3.00 -1.69
CA ALA B 156 -1.15 3.18 -2.92
C ALA B 156 0.35 3.14 -2.69
N GLY B 157 1.02 2.21 -3.36
CA GLY B 157 2.47 2.04 -3.20
C GLY B 157 2.94 0.99 -2.22
N LEU B 158 2.05 0.52 -1.35
CA LEU B 158 2.38 -0.59 -0.43
C LEU B 158 2.50 -1.89 -1.22
N THR B 159 3.17 -2.86 -0.61
CA THR B 159 3.34 -4.17 -1.21
C THR B 159 2.18 -5.03 -0.87
N ALA B 160 1.99 -6.09 -1.64
CA ALA B 160 0.93 -7.05 -1.39
C ALA B 160 0.96 -7.65 0.04
N GLU B 161 2.16 -7.98 0.53
CA GLU B 161 2.28 -8.57 1.87
C GLU B 161 1.93 -7.55 2.94
N GLN B 162 2.23 -6.26 2.68
CA GLN B 162 1.86 -5.21 3.60
C GLN B 162 0.33 -5.02 3.61
N VAL B 163 -0.30 -5.02 2.43
CA VAL B 163 -1.76 -4.86 2.36
C VAL B 163 -2.42 -6.07 3.05
N ALA B 164 -1.88 -7.26 2.81
CA ALA B 164 -2.43 -8.50 3.41
C ALA B 164 -2.45 -8.51 4.95
N ALA B 165 -1.50 -7.80 5.55
CA ALA B 165 -1.34 -7.69 7.02
C ALA B 165 -2.02 -6.47 7.64
N SER B 166 -2.54 -5.56 6.80
N SER B 166 -2.52 -5.56 6.78
CA SER B 166 -3.19 -4.36 7.31
CA SER B 166 -3.19 -4.33 7.25
C SER B 166 -4.59 -4.65 7.79
C SER B 166 -4.62 -4.59 7.69
N VAL B 167 -5.16 -3.69 8.48
CA VAL B 167 -6.51 -3.79 8.93
C VAL B 167 -7.14 -2.51 8.40
N ILE B 168 -8.37 -2.61 7.94
CA ILE B 168 -9.09 -1.46 7.45
C ILE B 168 -10.41 -1.46 8.17
N ALA B 169 -10.78 -0.32 8.73
CA ALA B 169 -12.03 -0.14 9.49
C ALA B 169 -12.99 0.81 8.77
N TYR B 170 -14.20 0.29 8.47
CA TYR B 170 -15.24 1.06 7.82
C TYR B 170 -16.12 1.76 8.87
N GLU B 171 -16.20 3.10 8.79
CA GLU B 171 -17.04 3.88 9.71
C GLU B 171 -18.23 4.44 9.01
N PRO B 172 -19.45 4.10 9.45
CA PRO B 172 -20.62 4.66 8.79
C PRO B 172 -20.85 6.04 9.34
N ILE B 173 -20.03 6.96 8.84
CA ILE B 173 -20.05 8.35 9.30
C ILE B 173 -21.44 8.96 9.20
N TRP B 174 -22.15 8.59 8.13
CA TRP B 174 -23.52 9.04 7.87
C TRP B 174 -24.53 8.72 8.97
N ALA B 175 -24.17 7.77 9.86
CA ALA B 175 -24.99 7.31 11.00
C ALA B 175 -24.40 7.69 12.35
N ILE B 176 -23.47 8.64 12.36
CA ILE B 176 -22.87 9.08 13.62
C ILE B 176 -23.37 10.48 13.87
N GLY B 177 -24.29 10.62 14.82
CA GLY B 177 -24.85 11.91 15.22
C GLY B 177 -25.58 12.65 14.14
N THR B 178 -26.33 11.92 13.31
CA THR B 178 -27.08 12.47 12.17
C THR B 178 -28.57 12.19 12.27
N GLY B 179 -28.95 11.34 13.23
CA GLY B 179 -30.31 10.92 13.39
C GLY B 179 -30.60 9.65 12.61
N LYS B 180 -29.59 9.11 11.91
CA LYS B 180 -29.71 7.90 11.12
C LYS B 180 -29.09 6.72 11.87
N SER B 181 -29.37 5.51 11.42
CA SER B 181 -28.85 4.31 12.04
C SER B 181 -28.37 3.32 10.98
N ALA B 182 -27.18 2.75 11.22
CA ALA B 182 -26.62 1.70 10.37
C ALA B 182 -26.93 0.35 11.05
N SER B 183 -26.98 -0.71 10.25
CA SER B 183 -27.29 -2.05 10.76
C SER B 183 -26.29 -3.08 10.23
N GLN B 184 -26.52 -4.35 10.53
CA GLN B 184 -25.65 -5.41 10.05
C GLN B 184 -25.61 -5.47 8.51
N ASP B 185 -26.70 -5.09 7.85
CA ASP B 185 -26.74 -5.08 6.37
C ASP B 185 -25.69 -4.09 5.83
N ASP B 186 -25.65 -2.91 6.42
CA ASP B 186 -24.66 -1.87 6.05
C ASP B 186 -23.22 -2.31 6.33
N ALA B 187 -23.01 -2.98 7.46
CA ALA B 187 -21.67 -3.47 7.85
C ALA B 187 -21.16 -4.48 6.81
N GLN B 188 -22.01 -5.43 6.44
CA GLN B 188 -21.63 -6.43 5.42
C GLN B 188 -21.38 -5.78 4.05
N LYS B 189 -22.33 -4.95 3.60
CA LYS B 189 -22.24 -4.26 2.28
C LYS B 189 -20.96 -3.44 2.15
N MET B 190 -20.71 -2.59 3.13
CA MET B 190 -19.56 -1.66 3.07
C MET B 190 -18.22 -2.32 3.37
N CYS B 191 -18.19 -3.32 4.27
CA CYS B 191 -16.97 -4.11 4.46
C CYS B 191 -16.65 -4.89 3.15
N LYS B 192 -17.66 -5.34 2.43
CA LYS B 192 -17.40 -6.01 1.16
C LYS B 192 -16.90 -5.02 0.10
N VAL B 193 -17.44 -3.80 0.13
CA VAL B 193 -16.92 -2.77 -0.76
C VAL B 193 -15.42 -2.57 -0.54
N VAL B 194 -15.01 -2.52 0.73
CA VAL B 194 -13.60 -2.37 1.06
C VAL B 194 -12.79 -3.53 0.52
N ARG B 195 -13.23 -4.76 0.79
CA ARG B 195 -12.49 -5.94 0.28
C ARG B 195 -12.38 -5.96 -1.23
N ASP B 196 -13.48 -5.61 -1.88
CA ASP B 196 -13.56 -5.57 -3.33
C ASP B 196 -12.58 -4.59 -3.95
N VAL B 197 -12.37 -3.45 -3.31
N VAL B 197 -12.36 -3.45 -3.32
CA VAL B 197 -11.41 -2.46 -3.77
CA VAL B 197 -11.40 -2.49 -3.87
C VAL B 197 -9.98 -2.97 -3.60
C VAL B 197 -9.96 -2.95 -3.60
N VAL B 198 -9.72 -3.64 -2.48
CA VAL B 198 -8.39 -4.22 -2.23
C VAL B 198 -8.13 -5.26 -3.31
N ALA B 199 -9.16 -6.03 -3.67
CA ALA B 199 -9.03 -7.02 -4.74
C ALA B 199 -8.78 -6.36 -6.11
N ALA B 200 -9.40 -5.22 -6.34
CA ALA B 200 -9.19 -4.49 -7.61
C ALA B 200 -7.76 -3.94 -7.74
N ASP B 201 -7.20 -3.49 -6.62
CA ASP B 201 -5.86 -2.94 -6.65
C ASP B 201 -4.71 -3.93 -6.44
N PHE B 202 -4.97 -5.05 -5.76
CA PHE B 202 -3.92 -6.02 -5.38
C PHE B 202 -4.20 -7.49 -5.72
N GLY B 203 -5.39 -7.79 -6.24
CA GLY B 203 -5.76 -9.18 -6.51
C GLY B 203 -6.55 -9.79 -5.34
N GLN B 204 -7.32 -10.82 -5.65
CA GLN B 204 -8.19 -11.43 -4.64
C GLN B 204 -7.44 -12.15 -3.54
N GLU B 205 -6.27 -12.72 -3.83
CA GLU B 205 -5.51 -13.43 -2.81
C GLU B 205 -5.19 -12.50 -1.67
N VAL B 206 -4.77 -11.28 -2.00
CA VAL B 206 -4.44 -10.28 -0.96
C VAL B 206 -5.74 -9.86 -0.24
N ALA B 207 -6.81 -9.66 -1.00
CA ALA B 207 -8.07 -9.19 -0.41
C ALA B 207 -8.66 -10.19 0.56
N ASP B 208 -8.43 -11.47 0.30
CA ASP B 208 -8.97 -12.50 1.22
C ASP B 208 -8.22 -12.61 2.55
N LYS B 209 -7.09 -11.93 2.67
CA LYS B 209 -6.29 -11.94 3.91
C LYS B 209 -6.49 -10.67 4.72
N VAL B 210 -6.72 -9.55 4.05
CA VAL B 210 -6.88 -8.27 4.75
C VAL B 210 -8.10 -8.37 5.65
N ARG B 211 -7.99 -7.83 6.85
CA ARG B 211 -9.10 -7.85 7.78
C ARG B 211 -9.80 -6.52 7.79
N VAL B 212 -11.11 -6.60 7.70
CA VAL B 212 -11.95 -5.43 7.55
C VAL B 212 -12.87 -5.38 8.74
N GLN B 213 -12.67 -4.33 9.55
CA GLN B 213 -13.46 -4.14 10.73
C GLN B 213 -14.61 -3.21 10.44
N TYR B 214 -15.68 -3.42 11.18
CA TYR B 214 -16.83 -2.54 11.16
C TYR B 214 -16.64 -1.52 12.28
N GLY B 215 -16.74 -0.26 11.92
CA GLY B 215 -16.52 0.87 12.80
C GLY B 215 -17.73 1.59 13.32
N GLY B 216 -18.92 1.03 13.04
CA GLY B 216 -20.17 1.59 13.54
C GLY B 216 -20.46 1.11 14.96
N SER B 217 -21.59 1.48 15.50
CA SER B 217 -21.91 1.06 16.87
C SER B 217 -22.19 -0.42 16.96
N VAL B 218 -21.46 -1.09 17.84
CA VAL B 218 -21.70 -2.49 18.21
C VAL B 218 -21.67 -2.53 19.73
N LYS B 219 -22.32 -3.56 20.27
CA LYS B 219 -22.41 -3.77 21.69
C LYS B 219 -22.27 -5.27 21.97
N PRO B 220 -21.96 -5.65 23.23
CA PRO B 220 -21.89 -7.07 23.59
C PRO B 220 -23.11 -7.86 23.12
N GLU B 221 -24.27 -7.22 23.19
CA GLU B 221 -25.53 -7.87 22.83
C GLU B 221 -25.72 -8.15 21.33
N ASN B 222 -25.14 -7.30 20.48
CA ASN B 222 -25.30 -7.47 19.04
C ASN B 222 -24.02 -7.83 18.27
N VAL B 223 -22.89 -7.87 18.96
CA VAL B 223 -21.60 -8.11 18.26
C VAL B 223 -21.52 -9.44 17.44
N ALA B 224 -22.08 -10.54 17.97
CA ALA B 224 -22.06 -11.81 17.24
C ALA B 224 -22.72 -11.71 15.87
N SER B 225 -23.82 -10.94 15.78
CA SER B 225 -24.57 -10.77 14.52
C SER B 225 -23.77 -10.00 13.48
N TYR B 226 -22.98 -9.03 13.90
CA TYR B 226 -22.10 -8.30 13.01
C TYR B 226 -20.96 -9.18 12.58
N MET B 227 -20.40 -9.93 13.55
CA MET B 227 -19.27 -10.82 13.27
C MET B 227 -19.62 -11.99 12.34
N ALA B 228 -20.89 -12.37 12.28
CA ALA B 228 -21.37 -13.43 11.39
C ALA B 228 -21.36 -13.04 9.91
N CME B 229 -21.30 -11.75 9.61
CA CME B 229 -21.29 -11.30 8.21
CB CME B 229 -21.44 -9.79 8.17
SG CME B 229 -22.96 -9.23 8.93
SD CME B 229 -24.26 -10.71 8.53
CE CME B 229 -24.78 -10.29 6.90
CZ CME B 229 -25.54 -8.97 6.92
OH CME B 229 -26.23 -8.74 5.70
C CME B 229 -20.01 -11.80 7.57
O CME B 229 -18.94 -11.59 8.13
N PRO B 230 -20.08 -12.48 6.44
CA PRO B 230 -18.88 -13.04 5.79
C PRO B 230 -17.70 -12.10 5.52
N ASP B 231 -17.95 -10.80 5.29
CA ASP B 231 -16.86 -9.86 5.04
C ASP B 231 -16.51 -8.98 6.22
N VAL B 232 -17.10 -9.24 7.39
CA VAL B 232 -16.81 -8.47 8.62
C VAL B 232 -15.91 -9.30 9.52
N ASP B 233 -14.69 -8.82 9.79
CA ASP B 233 -13.66 -9.59 10.52
C ASP B 233 -13.31 -8.99 11.84
N GLY B 234 -14.14 -8.08 12.31
CA GLY B 234 -13.86 -7.43 13.56
C GLY B 234 -14.62 -6.15 13.68
N ALA B 235 -14.30 -5.39 14.73
CA ALA B 235 -14.92 -4.15 14.96
C ALA B 235 -13.95 -3.19 15.67
N LEU B 236 -14.04 -1.90 15.34
CA LEU B 236 -13.27 -0.85 16.00
C LEU B 236 -14.35 -0.16 16.84
N VAL B 237 -14.29 -0.45 18.14
CA VAL B 237 -15.38 -0.12 19.07
C VAL B 237 -15.06 1.09 19.92
N GLY B 238 -16.00 2.05 19.96
CA GLY B 238 -15.83 3.23 20.79
C GLY B 238 -16.33 3.05 22.21
N GLY B 239 -17.48 3.64 22.49
CA GLY B 239 -18.07 3.61 23.84
C GLY B 239 -18.12 2.28 24.59
N ALA B 240 -18.46 1.20 23.90
CA ALA B 240 -18.57 -0.10 24.53
C ALA B 240 -17.21 -0.69 24.91
N SER B 241 -16.11 0.01 24.59
CA SER B 241 -14.77 -0.47 24.92
C SER B 241 -14.25 0.23 26.16
N LEU B 242 -14.98 1.22 26.67
CA LEU B 242 -14.52 1.99 27.88
C LEU B 242 -14.61 1.25 29.21
N GLU B 243 -15.54 0.31 29.35
CA GLU B 243 -15.69 -0.45 30.61
C GLU B 243 -15.19 -1.87 30.41
N ALA B 244 -14.44 -2.36 31.40
CA ALA B 244 -13.76 -3.66 31.34
C ALA B 244 -14.70 -4.82 31.02
N GLU B 245 -15.77 -4.97 31.78
CA GLU B 245 -16.70 -6.08 31.52
C GLU B 245 -17.40 -5.99 30.14
N SER B 246 -17.74 -4.78 29.68
CA SER B 246 -18.35 -4.61 28.34
C SER B 246 -17.33 -5.01 27.27
N PHE B 247 -16.07 -4.56 27.45
CA PHE B 247 -15.02 -4.93 26.51
C PHE B 247 -14.86 -6.45 26.45
N LEU B 248 -14.80 -7.10 27.61
CA LEU B 248 -14.69 -8.54 27.66
C LEU B 248 -15.89 -9.22 27.00
N ALA B 249 -17.06 -8.62 27.18
CA ALA B 249 -18.30 -9.17 26.61
C ALA B 249 -18.31 -9.14 25.09
N LEU B 250 -17.51 -8.25 24.49
CA LEU B 250 -17.39 -8.15 23.02
C LEU B 250 -16.59 -9.29 22.38
N LEU B 251 -15.97 -10.14 23.22
CA LEU B 251 -15.10 -11.21 22.71
C LEU B 251 -15.72 -12.61 22.84
N ASP B 252 -16.92 -12.72 23.42
CA ASP B 252 -17.56 -14.02 23.67
C ASP B 252 -18.27 -14.69 22.49
N PHE B 253 -18.27 -14.05 21.32
CA PHE B 253 -18.93 -14.58 20.12
C PHE B 253 -18.26 -15.84 19.51
N VAL B 254 -17.03 -16.14 19.94
CA VAL B 254 -16.28 -17.36 19.55
C VAL B 254 -16.62 -17.89 18.14
N SER C 5 34.72 -1.35 -15.65
CA SER C 5 34.76 -2.39 -16.73
C SER C 5 33.45 -3.18 -16.87
N ARG C 6 32.31 -2.59 -16.51
CA ARG C 6 31.02 -3.25 -16.71
C ARG C 6 30.64 -2.93 -18.15
N LYS C 7 30.34 -3.96 -18.93
CA LYS C 7 29.99 -3.74 -20.34
C LYS C 7 28.62 -3.07 -20.39
N PRO C 8 28.49 -1.94 -21.12
CA PRO C 8 27.20 -1.30 -21.25
C PRO C 8 26.18 -2.19 -21.96
N PHE C 9 24.90 -2.08 -21.57
CA PHE C 9 23.84 -2.94 -22.14
C PHE C 9 22.60 -2.12 -22.41
N ILE C 10 22.31 -1.91 -23.70
CA ILE C 10 21.12 -1.21 -24.11
C ILE C 10 20.12 -2.28 -24.55
N ALA C 11 18.98 -2.34 -23.86
CA ALA C 11 17.93 -3.28 -24.20
C ALA C 11 16.69 -2.55 -24.66
N GLY C 12 16.24 -2.85 -25.88
CA GLY C 12 15.04 -2.23 -26.39
C GLY C 12 13.81 -3.02 -26.04
N ASN C 13 13.00 -2.50 -25.10
CA ASN C 13 11.72 -3.14 -24.77
C ASN C 13 10.63 -2.68 -25.73
N TRP C 14 10.28 -3.54 -26.69
CA TRP C 14 9.21 -3.19 -27.62
C TRP C 14 7.82 -3.11 -27.00
N LYS C 15 7.64 -3.73 -25.83
CA LYS C 15 6.36 -3.82 -25.15
C LYS C 15 5.40 -4.56 -26.10
N MET C 16 4.12 -4.22 -26.11
CA MET C 16 3.17 -4.97 -26.93
C MET C 16 3.05 -4.27 -28.29
N ASN C 17 4.10 -4.40 -29.09
CA ASN C 17 4.19 -3.82 -30.42
C ASN C 17 4.96 -4.74 -31.35
N LYS C 18 4.52 -4.76 -32.61
CA LYS C 18 5.12 -5.50 -33.74
C LYS C 18 4.64 -6.92 -33.95
N ASN C 19 4.32 -7.22 -35.21
CA ASN C 19 3.98 -8.55 -35.65
C ASN C 19 5.28 -9.19 -36.14
N PRO C 20 5.24 -10.48 -36.45
CA PRO C 20 6.47 -11.11 -36.89
C PRO C 20 7.16 -10.49 -38.10
N GLU C 21 6.42 -10.07 -39.11
CA GLU C 21 7.06 -9.45 -40.30
C GLU C 21 7.74 -8.12 -39.94
N GLU C 22 7.10 -7.35 -39.05
N GLU C 22 7.11 -7.34 -39.06
CA GLU C 22 7.68 -6.08 -38.57
CA GLU C 22 7.68 -6.06 -38.61
C GLU C 22 8.93 -6.35 -37.78
C GLU C 22 8.92 -6.32 -37.74
N ALA C 23 8.86 -7.37 -36.93
CA ALA C 23 10.01 -7.76 -36.10
C ALA C 23 11.18 -8.25 -36.99
N LYS C 24 10.86 -9.02 -38.02
CA LYS C 24 11.89 -9.48 -38.98
C LYS C 24 12.54 -8.30 -39.70
N ALA C 25 11.72 -7.36 -40.17
CA ALA C 25 12.25 -6.19 -40.92
C ALA C 25 13.19 -5.36 -40.05
N PHE C 26 12.82 -5.20 -38.77
CA PHE C 26 13.66 -4.45 -37.82
C PHE C 26 15.02 -5.11 -37.64
N VAL C 27 15.01 -6.42 -37.34
CA VAL C 27 16.24 -7.17 -37.12
C VAL C 27 17.11 -7.13 -38.39
N GLU C 28 16.49 -7.29 -39.54
CA GLU C 28 17.23 -7.16 -40.81
C GLU C 28 17.91 -5.81 -40.96
N ALA C 29 17.30 -4.77 -40.42
CA ALA C 29 17.84 -3.41 -40.51
C ALA C 29 18.89 -3.03 -39.43
N VAL C 30 18.96 -3.79 -38.33
N VAL C 30 18.93 -3.80 -38.34
CA VAL C 30 19.90 -3.48 -37.24
CA VAL C 30 19.80 -3.53 -37.20
C VAL C 30 20.96 -4.54 -36.91
C VAL C 30 20.92 -4.53 -36.90
N ALA C 31 20.69 -5.80 -37.22
CA ALA C 31 21.63 -6.87 -36.88
C ALA C 31 23.07 -6.64 -37.35
N SER C 32 23.23 -6.35 -38.64
N SER C 32 23.22 -6.36 -38.65
CA SER C 32 24.56 -6.18 -39.24
CA SER C 32 24.54 -6.16 -39.26
C SER C 32 25.20 -4.81 -39.01
C SER C 32 25.20 -4.81 -39.00
N LYS C 33 24.47 -3.89 -38.38
CA LYS C 33 24.97 -2.53 -38.10
C LYS C 33 25.28 -2.23 -36.64
N LEU C 34 25.23 -3.25 -35.76
CA LEU C 34 25.53 -3.04 -34.34
C LEU C 34 27.03 -2.86 -34.14
N PRO C 35 27.42 -2.17 -33.06
CA PRO C 35 28.85 -2.03 -32.77
C PRO C 35 29.44 -3.36 -32.32
N SER C 36 30.76 -3.41 -32.26
CA SER C 36 31.45 -4.60 -31.75
C SER C 36 30.92 -4.93 -30.35
N SER C 37 30.80 -6.22 -30.04
N SER C 37 30.81 -6.22 -30.04
CA SER C 37 30.32 -6.67 -28.72
CA SER C 37 30.34 -6.69 -28.73
C SER C 37 31.22 -6.20 -27.58
C SER C 37 31.20 -6.18 -27.58
N ASP C 38 32.48 -5.90 -27.88
CA ASP C 38 33.43 -5.37 -26.89
C ASP C 38 33.06 -3.96 -26.41
N LEU C 39 32.29 -3.21 -27.21
CA LEU C 39 31.94 -1.83 -26.88
C LEU C 39 30.60 -1.68 -26.16
N VAL C 40 29.59 -2.41 -26.63
CA VAL C 40 28.26 -2.33 -26.03
C VAL C 40 27.46 -3.57 -26.36
N GLU C 41 26.68 -4.04 -25.39
CA GLU C 41 25.77 -5.14 -25.62
C GLU C 41 24.39 -4.54 -26.02
N ALA C 42 23.83 -5.04 -27.11
CA ALA C 42 22.56 -4.58 -27.62
C ALA C 42 21.56 -5.72 -27.71
N GLY C 43 20.37 -5.50 -27.14
CA GLY C 43 19.31 -6.49 -27.18
C GLY C 43 17.91 -5.94 -27.45
N ILE C 44 17.01 -6.84 -27.81
CA ILE C 44 15.59 -6.52 -28.06
C ILE C 44 14.73 -7.47 -27.24
N ALA C 45 13.84 -6.92 -26.41
CA ALA C 45 12.83 -7.72 -25.69
C ALA C 45 11.57 -7.68 -26.54
N ALA C 46 11.24 -8.77 -27.22
CA ALA C 46 10.14 -8.82 -28.20
C ALA C 46 8.96 -9.61 -27.69
N PRO C 47 7.75 -9.35 -28.26
CA PRO C 47 6.56 -10.14 -27.81
C PRO C 47 6.74 -11.66 -28.04
N ALA C 48 6.08 -12.49 -27.23
CA ALA C 48 6.22 -13.93 -27.40
C ALA C 48 5.86 -14.41 -28.79
N LEU C 49 4.87 -13.79 -29.44
CA LEU C 49 4.46 -14.17 -30.82
C LEU C 49 5.58 -13.99 -31.82
N ASP C 50 6.46 -13.04 -31.54
CA ASP C 50 7.56 -12.72 -32.45
C ASP C 50 8.89 -13.37 -32.15
N LEU C 51 9.04 -14.05 -31.01
CA LEU C 51 10.37 -14.52 -30.59
C LEU C 51 11.09 -15.49 -31.52
N THR C 52 10.40 -16.50 -32.05
CA THR C 52 11.07 -17.43 -32.95
C THR C 52 11.56 -16.73 -34.21
N THR C 53 10.76 -15.77 -34.68
CA THR C 53 11.11 -14.98 -35.87
C THR C 53 12.33 -14.10 -35.58
N VAL C 54 12.34 -13.44 -34.43
CA VAL C 54 13.49 -12.60 -34.08
C VAL C 54 14.77 -13.47 -33.95
N LEU C 55 14.65 -14.59 -33.26
CA LEU C 55 15.78 -15.46 -33.05
C LEU C 55 16.37 -15.94 -34.36
N ALA C 56 15.53 -16.31 -35.32
CA ALA C 56 16.00 -16.85 -36.57
C ALA C 56 16.67 -15.79 -37.44
N VAL C 57 16.14 -14.58 -37.41
CA VAL C 57 16.68 -13.48 -38.22
C VAL C 57 17.98 -12.96 -37.58
N ALA C 58 18.06 -13.00 -36.25
CA ALA C 58 19.24 -12.53 -35.48
C ALA C 58 20.37 -13.55 -35.38
N LYS C 59 20.12 -14.78 -35.81
CA LYS C 59 21.11 -15.83 -35.68
C LYS C 59 22.42 -15.50 -36.38
N GLY C 60 23.51 -15.58 -35.63
CA GLY C 60 24.84 -15.29 -36.14
C GLY C 60 25.28 -13.86 -35.90
N SER C 61 24.34 -12.99 -35.53
CA SER C 61 24.65 -11.59 -35.21
C SER C 61 24.98 -11.45 -33.73
N ASN C 62 25.31 -10.24 -33.31
CA ASN C 62 25.53 -9.96 -31.88
C ASN C 62 24.30 -9.39 -31.18
N LEU C 63 23.14 -9.41 -31.86
CA LEU C 63 21.90 -8.93 -31.25
C LEU C 63 21.42 -9.93 -30.22
N LYS C 64 21.31 -9.49 -28.97
CA LYS C 64 20.76 -10.33 -27.90
C LYS C 64 19.23 -10.28 -27.95
N VAL C 65 18.62 -11.39 -27.58
CA VAL C 65 17.15 -11.52 -27.62
C VAL C 65 16.60 -11.79 -26.23
N ALA C 66 15.58 -11.01 -25.85
CA ALA C 66 14.91 -11.13 -24.56
C ALA C 66 13.41 -11.32 -24.70
N ALA C 67 12.83 -12.06 -23.73
CA ALA C 67 11.39 -12.19 -23.59
C ALA C 67 10.99 -11.07 -22.67
N GLN C 68 9.71 -10.70 -22.71
CA GLN C 68 9.20 -9.63 -21.87
C GLN C 68 8.62 -10.10 -20.53
N ASN C 69 8.51 -11.43 -20.36
CA ASN C 69 7.99 -12.04 -19.17
C ASN C 69 7.99 -13.56 -19.36
N CYS C 70 7.87 -14.30 -18.26
CA CYS C 70 7.69 -15.75 -18.31
C CYS C 70 7.11 -16.17 -16.96
N TYR C 71 6.61 -17.39 -16.87
CA TYR C 71 6.09 -17.94 -15.65
C TYR C 71 7.23 -18.61 -14.88
N PHE C 72 6.94 -19.18 -13.70
CA PHE C 72 8.00 -19.74 -12.87
C PHE C 72 7.97 -21.27 -12.75
N GLU C 73 7.23 -21.92 -13.65
CA GLU C 73 7.25 -23.37 -13.80
C GLU C 73 7.58 -23.64 -15.24
N ASN C 74 8.20 -24.81 -15.53
CA ASN C 74 8.56 -25.16 -16.92
C ASN C 74 7.37 -25.56 -17.80
N ALA C 75 6.44 -26.30 -17.20
CA ALA C 75 5.28 -26.78 -17.95
C ALA C 75 4.16 -27.07 -17.01
N GLY C 76 2.94 -26.98 -17.51
CA GLY C 76 1.78 -27.39 -16.72
C GLY C 76 0.51 -26.66 -17.02
N ALA C 77 -0.39 -26.73 -16.04
CA ALA C 77 -1.76 -26.24 -16.16
C ALA C 77 -1.86 -24.75 -15.86
N PHE C 78 -1.23 -24.00 -16.76
CA PHE C 78 -1.14 -22.54 -16.64
C PHE C 78 -1.48 -21.90 -17.98
N THR C 79 -2.76 -21.99 -18.33
CA THR C 79 -3.25 -21.51 -19.60
C THR C 79 -2.85 -20.06 -19.87
N GLY C 80 -2.25 -19.83 -21.02
CA GLY C 80 -1.86 -18.49 -21.44
C GLY C 80 -0.48 -18.04 -21.05
N GLU C 81 0.23 -18.85 -20.27
CA GLU C 81 1.60 -18.52 -19.83
C GLU C 81 2.75 -18.95 -20.74
N THR C 82 3.83 -18.19 -20.66
CA THR C 82 5.04 -18.44 -21.44
C THR C 82 6.05 -19.18 -20.58
N SER C 83 6.51 -20.33 -21.07
CA SER C 83 7.45 -21.19 -20.33
C SER C 83 8.92 -20.76 -20.48
N PRO C 84 9.67 -20.65 -19.35
CA PRO C 84 11.11 -20.37 -19.39
C PRO C 84 11.92 -21.52 -19.99
N GLN C 85 11.38 -22.73 -19.89
CA GLN C 85 12.03 -23.89 -20.49
C GLN C 85 11.96 -23.76 -21.99
N VAL C 86 10.79 -23.45 -22.53
CA VAL C 86 10.67 -23.24 -23.98
C VAL C 86 11.50 -22.02 -24.39
N LEU C 87 11.49 -20.95 -23.60
CA LEU C 87 12.33 -19.76 -23.96
C LEU C 87 13.80 -20.19 -24.15
N LYS C 88 14.32 -21.02 -23.25
CA LYS C 88 15.71 -21.51 -23.41
C LYS C 88 15.81 -22.38 -24.66
N GLU C 89 14.88 -23.32 -24.81
CA GLU C 89 14.89 -24.23 -25.96
C GLU C 89 14.97 -23.54 -27.34
N ILE C 90 14.30 -22.41 -27.47
CA ILE C 90 14.34 -21.66 -28.74
C ILE C 90 15.57 -20.78 -28.89
N GLY C 91 16.32 -20.58 -27.80
CA GLY C 91 17.57 -19.82 -27.78
C GLY C 91 17.57 -18.42 -27.15
N THR C 92 16.55 -18.09 -26.35
CA THR C 92 16.47 -16.78 -25.74
C THR C 92 17.65 -16.49 -24.79
N ASP C 93 18.15 -15.24 -24.79
CA ASP C 93 19.25 -14.86 -23.90
C ASP C 93 18.78 -14.39 -22.52
N TYR C 94 17.85 -13.43 -22.52
CA TYR C 94 17.35 -12.78 -21.30
C TYR C 94 15.83 -12.83 -21.16
N VAL C 95 15.36 -12.58 -19.95
CA VAL C 95 13.93 -12.43 -19.70
C VAL C 95 13.73 -11.26 -18.76
N VAL C 96 12.93 -10.27 -19.20
CA VAL C 96 12.57 -9.12 -18.41
C VAL C 96 11.50 -9.59 -17.44
N ILE C 97 11.71 -9.36 -16.17
CA ILE C 97 10.72 -9.72 -15.20
C ILE C 97 10.48 -8.52 -14.27
N GLY C 98 9.27 -8.46 -13.72
CA GLY C 98 8.95 -7.42 -12.77
C GLY C 98 8.77 -6.04 -13.34
N HIS C 99 8.59 -5.93 -14.65
CA HIS C 99 8.36 -4.64 -15.26
C HIS C 99 7.19 -3.91 -14.53
N SER C 100 7.33 -2.59 -14.36
CA SER C 100 6.29 -1.77 -13.72
C SER C 100 4.84 -2.08 -14.21
N GLU C 101 4.68 -2.26 -15.51
CA GLU C 101 3.39 -2.54 -16.14
C GLU C 101 2.79 -3.86 -15.66
N ARG C 102 3.65 -4.87 -15.43
CA ARG C 102 3.15 -6.17 -14.93
C ARG C 102 2.86 -6.11 -13.44
N ARG C 103 3.69 -5.41 -12.67
CA ARG C 103 3.40 -5.26 -11.27
C ARG C 103 2.09 -4.47 -11.12
N ASP C 104 1.81 -3.55 -12.06
CA ASP C 104 0.61 -2.74 -12.04
C ASP C 104 -0.61 -3.53 -12.51
N TYR C 105 -0.76 -3.70 -13.83
CA TYR C 105 -1.95 -4.32 -14.40
C TYR C 105 -2.21 -5.75 -13.94
N PHE C 106 -1.16 -6.50 -13.72
CA PHE C 106 -1.30 -7.93 -13.39
C PHE C 106 -0.94 -8.28 -11.96
N HIS C 107 -0.78 -7.26 -11.12
CA HIS C 107 -0.55 -7.45 -9.68
C HIS C 107 0.63 -8.39 -9.34
N GLU C 108 1.67 -8.38 -10.15
CA GLU C 108 2.78 -9.30 -9.88
C GLU C 108 3.49 -8.86 -8.63
N THR C 109 3.79 -9.83 -7.77
CA THR C 109 4.43 -9.57 -6.47
C THR C 109 5.94 -9.80 -6.47
N ASP C 110 6.59 -9.30 -5.42
CA ASP C 110 8.00 -9.57 -5.21
C ASP C 110 8.25 -11.09 -5.11
N GLU C 111 7.33 -11.85 -4.50
CA GLU C 111 7.48 -13.29 -4.43
C GLU C 111 7.47 -13.91 -5.83
N ASP C 112 6.56 -13.44 -6.70
CA ASP C 112 6.48 -13.91 -8.12
C ASP C 112 7.82 -13.66 -8.82
N ILE C 113 8.38 -12.47 -8.61
CA ILE C 113 9.60 -12.08 -9.28
C ILE C 113 10.79 -12.91 -8.85
N ASN C 114 10.89 -13.14 -7.54
CA ASN C 114 11.94 -13.98 -7.00
C ASN C 114 11.89 -15.39 -7.61
N LYS C 115 10.69 -15.95 -7.68
CA LYS C 115 10.50 -17.28 -8.29
C LYS C 115 10.87 -17.29 -9.75
N LYS C 116 10.53 -16.19 -10.46
CA LYS C 116 10.87 -16.09 -11.87
C LYS C 116 12.41 -16.01 -12.04
N ALA C 117 13.08 -15.22 -11.24
CA ALA C 117 14.54 -15.10 -11.33
C ALA C 117 15.21 -16.48 -11.17
N LYS C 118 14.72 -17.24 -10.21
CA LYS C 118 15.25 -18.57 -9.94
C LYS C 118 14.95 -19.51 -11.12
N ALA C 119 13.74 -19.43 -11.65
CA ALA C 119 13.34 -20.23 -12.80
C ALA C 119 14.20 -19.92 -14.02
N ILE C 120 14.51 -18.63 -14.19
CA ILE C 120 15.30 -18.16 -15.32
C ILE C 120 16.71 -18.74 -15.25
N PHE C 121 17.33 -18.68 -14.06
CA PHE C 121 18.66 -19.29 -13.89
C PHE C 121 18.62 -20.80 -13.99
N ALA C 122 17.56 -21.43 -13.45
CA ALA C 122 17.45 -22.89 -13.51
C ALA C 122 17.41 -23.35 -14.96
N ASN C 123 16.84 -22.51 -15.83
CA ASN C 123 16.78 -22.75 -17.30
C ASN C 123 17.93 -22.17 -18.13
N GLY C 124 19.00 -21.71 -17.49
CA GLY C 124 20.20 -21.25 -18.21
C GLY C 124 20.12 -19.94 -18.97
N MET C 125 19.27 -19.02 -18.52
CA MET C 125 19.16 -17.69 -19.11
C MET C 125 19.48 -16.68 -18.02
N LEU C 126 19.42 -15.40 -18.39
CA LEU C 126 19.75 -14.30 -17.46
C LEU C 126 18.53 -13.41 -17.28
N PRO C 127 18.23 -12.96 -16.05
CA PRO C 127 17.09 -12.04 -15.89
C PRO C 127 17.45 -10.56 -16.05
N ILE C 128 16.49 -9.78 -16.52
CA ILE C 128 16.54 -8.31 -16.46
C ILE C 128 15.45 -8.03 -15.42
N ILE C 129 15.87 -7.73 -14.18
CA ILE C 129 14.95 -7.57 -13.04
C ILE C 129 14.57 -6.11 -12.87
N CYS C 130 13.28 -5.78 -13.01
CA CYS C 130 12.83 -4.40 -12.92
C CYS C 130 12.34 -4.04 -11.52
N CYS C 131 12.66 -2.82 -11.14
CA CYS C 131 12.28 -2.32 -9.85
C CYS C 131 11.99 -0.84 -9.98
N GLY C 132 11.40 -0.24 -8.96
CA GLY C 132 11.11 1.23 -8.98
C GLY C 132 9.94 1.61 -8.13
N GLU C 133 9.97 2.82 -7.57
CA GLU C 133 8.94 3.27 -6.66
C GLU C 133 7.88 4.16 -7.29
N SER C 134 6.69 4.02 -6.73
CA SER C 134 5.52 4.80 -7.09
C SER C 134 5.68 6.25 -6.68
N LEU C 135 4.82 7.09 -7.25
CA LEU C 135 4.78 8.51 -6.89
C LEU C 135 4.49 8.65 -5.39
N GLU C 136 3.61 7.82 -4.84
CA GLU C 136 3.24 7.94 -3.42
C GLU C 136 4.47 7.67 -2.49
N THR C 137 5.21 6.61 -2.82
CA THR C 137 6.38 6.23 -2.12
C THR C 137 7.45 7.30 -2.30
N TYR C 138 7.65 7.77 -3.53
CA TYR C 138 8.56 8.89 -3.79
C TYR C 138 8.24 10.13 -2.91
N GLU C 139 6.97 10.54 -2.88
CA GLU C 139 6.56 11.73 -2.12
C GLU C 139 6.70 11.53 -0.62
N ALA C 140 6.57 10.28 -0.19
CA ALA C 140 6.75 9.93 1.24
C ALA C 140 8.23 9.93 1.69
N GLY C 141 9.17 10.10 0.76
CA GLY C 141 10.62 10.08 1.10
C GLY C 141 11.15 8.68 1.35
N LYS C 142 10.48 7.68 0.79
CA LYS C 142 10.86 6.30 1.08
C LYS C 142 11.34 5.52 -0.13
N ALA C 143 11.79 6.23 -1.15
CA ALA C 143 12.26 5.58 -2.36
C ALA C 143 13.39 4.59 -2.13
N ALA C 144 14.44 5.00 -1.41
CA ALA C 144 15.63 4.12 -1.24
C ALA C 144 15.29 2.80 -0.55
N GLU C 145 14.51 2.92 0.52
N GLU C 145 14.53 2.88 0.54
CA GLU C 145 14.06 1.79 1.29
CA GLU C 145 14.12 1.68 1.27
C GLU C 145 13.18 0.87 0.46
C GLU C 145 13.17 0.83 0.45
N PHE C 146 12.26 1.47 -0.29
CA PHE C 146 11.32 0.69 -1.13
C PHE C 146 12.05 -0.10 -2.21
N VAL C 147 12.91 0.58 -2.96
CA VAL C 147 13.66 -0.03 -4.06
C VAL C 147 14.64 -1.06 -3.51
N GLY C 148 15.30 -0.71 -2.39
CA GLY C 148 16.23 -1.65 -1.75
C GLY C 148 15.54 -2.96 -1.39
N ALA C 149 14.33 -2.84 -0.86
CA ALA C 149 13.55 -4.03 -0.48
C ALA C 149 13.21 -4.89 -1.68
N GLN C 150 12.86 -4.24 -2.80
CA GLN C 150 12.50 -4.97 -4.03
C GLN C 150 13.68 -5.76 -4.57
N VAL C 151 14.83 -5.10 -4.61
CA VAL C 151 16.07 -5.74 -5.04
C VAL C 151 16.41 -6.92 -4.13
N SER C 152 16.41 -6.69 -2.83
CA SER C 152 16.76 -7.76 -1.89
C SER C 152 15.79 -8.95 -2.06
N ALA C 153 14.50 -8.65 -2.22
CA ALA C 153 13.49 -9.73 -2.37
C ALA C 153 13.67 -10.50 -3.66
N ALA C 154 14.02 -9.81 -4.72
CA ALA C 154 14.15 -10.42 -6.04
C ALA C 154 15.38 -11.34 -6.11
N LEU C 155 16.47 -10.94 -5.46
CA LEU C 155 17.72 -11.70 -5.48
C LEU C 155 17.89 -12.78 -4.40
N ALA C 156 17.00 -12.80 -3.41
CA ALA C 156 17.11 -13.69 -2.27
C ALA C 156 17.18 -15.15 -2.71
N GLY C 157 18.20 -15.85 -2.23
CA GLY C 157 18.40 -17.26 -2.59
C GLY C 157 19.31 -17.49 -3.77
N LEU C 158 19.56 -16.46 -4.59
CA LEU C 158 20.46 -16.60 -5.71
C LEU C 158 21.90 -16.69 -5.21
N THR C 159 22.77 -17.23 -6.04
CA THR C 159 24.18 -17.33 -5.68
C THR C 159 24.89 -16.07 -6.12
N ALA C 160 26.05 -15.81 -5.51
CA ALA C 160 26.87 -14.65 -5.87
C ALA C 160 27.19 -14.60 -7.38
N GLU C 161 27.49 -15.75 -7.99
N GLU C 161 27.48 -15.77 -7.96
CA GLU C 161 27.78 -15.81 -9.44
CA GLU C 161 27.76 -15.91 -9.39
C GLU C 161 26.55 -15.46 -10.29
C GLU C 161 26.57 -15.48 -10.26
N GLN C 162 25.38 -15.89 -9.84
CA GLN C 162 24.12 -15.56 -10.54
C GLN C 162 23.81 -14.07 -10.43
N VAL C 163 24.01 -13.51 -9.24
CA VAL C 163 23.79 -12.07 -9.06
C VAL C 163 24.74 -11.25 -9.97
N ALA C 164 26.02 -11.65 -10.06
CA ALA C 164 27.02 -10.93 -10.87
C ALA C 164 26.64 -10.87 -12.33
N ALA C 165 25.95 -11.91 -12.80
CA ALA C 165 25.50 -12.02 -14.18
C ALA C 165 24.11 -11.45 -14.43
N SER C 166 23.42 -11.05 -13.37
CA SER C 166 22.08 -10.48 -13.52
C SER C 166 22.16 -9.04 -13.97
N VAL C 167 21.01 -8.57 -14.46
CA VAL C 167 20.84 -7.17 -14.88
C VAL C 167 19.64 -6.67 -14.10
N ILE C 168 19.73 -5.45 -13.56
CA ILE C 168 18.66 -4.85 -12.77
C ILE C 168 18.35 -3.52 -13.41
N ALA C 169 17.06 -3.25 -13.66
CA ALA C 169 16.63 -2.01 -14.31
C ALA C 169 15.78 -1.15 -13.37
N TYR C 170 16.29 0.03 -13.03
CA TYR C 170 15.53 0.96 -12.16
C TYR C 170 14.58 1.80 -13.01
N GLU C 171 13.26 1.72 -12.74
CA GLU C 171 12.27 2.49 -13.47
C GLU C 171 11.74 3.55 -12.51
N PRO C 172 11.86 4.83 -12.87
CA PRO C 172 11.33 5.89 -12.01
C PRO C 172 9.82 6.01 -12.24
N ILE C 173 9.08 5.09 -11.63
N ILE C 173 9.07 5.09 -11.64
CA ILE C 173 7.62 4.98 -11.84
CA ILE C 173 7.62 5.00 -11.84
C ILE C 173 6.90 6.28 -11.49
C ILE C 173 6.88 6.28 -11.48
N TRP C 174 7.40 6.94 -10.45
CA TRP C 174 6.89 8.21 -10.01
C TRP C 174 7.01 9.31 -11.08
N ALA C 175 7.84 9.06 -12.12
CA ALA C 175 8.07 10.00 -13.23
C ALA C 175 7.71 9.37 -14.56
N ILE C 176 6.78 8.40 -14.54
CA ILE C 176 6.27 7.80 -15.79
C ILE C 176 4.75 7.95 -15.78
N GLY C 177 4.24 8.79 -16.67
CA GLY C 177 2.82 9.06 -16.79
C GLY C 177 2.18 9.68 -15.58
N THR C 178 2.94 10.54 -14.86
CA THR C 178 2.43 11.19 -13.65
C THR C 178 2.47 12.72 -13.72
N GLY C 179 3.03 13.23 -14.82
CA GLY C 179 3.26 14.67 -14.96
C GLY C 179 4.58 15.13 -14.35
N LYS C 180 5.37 14.19 -13.81
CA LYS C 180 6.68 14.51 -13.22
C LYS C 180 7.79 13.99 -14.13
N SER C 181 8.94 14.63 -14.06
CA SER C 181 10.08 14.23 -14.84
C SER C 181 11.26 13.86 -13.99
N ALA C 182 11.98 12.86 -14.46
CA ALA C 182 13.19 12.38 -13.82
C ALA C 182 14.36 12.78 -14.73
N SER C 183 15.52 12.95 -14.12
CA SER C 183 16.72 13.40 -14.82
C SER C 183 17.90 12.45 -14.64
N GLN C 184 19.03 12.83 -15.22
CA GLN C 184 20.27 12.07 -15.06
C GLN C 184 20.63 11.98 -13.58
N ASP C 185 20.30 13.01 -12.79
CA ASP C 185 20.60 12.97 -11.37
C ASP C 185 19.81 11.87 -10.63
N ASP C 186 18.56 11.65 -11.03
CA ASP C 186 17.72 10.61 -10.43
C ASP C 186 18.25 9.24 -10.83
N ALA C 187 18.62 9.12 -12.10
CA ALA C 187 19.18 7.88 -12.62
C ALA C 187 20.42 7.45 -11.82
N GLN C 188 21.37 8.37 -11.65
CA GLN C 188 22.58 8.04 -10.92
C GLN C 188 22.26 7.70 -9.47
N LYS C 189 21.43 8.53 -8.82
CA LYS C 189 21.08 8.32 -7.41
C LYS C 189 20.46 6.95 -7.19
N MET C 190 19.48 6.63 -8.01
CA MET C 190 18.72 5.41 -7.86
C MET C 190 19.47 4.17 -8.35
N CYS C 191 20.29 4.29 -9.39
CA CYS C 191 21.08 3.14 -9.84
C CYS C 191 22.13 2.82 -8.77
N LYS C 192 22.65 3.85 -8.08
CA LYS C 192 23.59 3.63 -6.96
C LYS C 192 22.86 2.99 -5.76
N VAL C 193 21.61 3.37 -5.50
CA VAL C 193 20.83 2.73 -4.43
C VAL C 193 20.77 1.23 -4.70
N VAL C 194 20.48 0.86 -5.95
CA VAL C 194 20.41 -0.53 -6.33
C VAL C 194 21.75 -1.23 -6.08
N ARG C 195 22.84 -0.65 -6.56
CA ARG C 195 24.17 -1.28 -6.42
C ARG C 195 24.54 -1.38 -4.94
N ASP C 196 24.20 -0.36 -4.16
CA ASP C 196 24.49 -0.38 -2.73
C ASP C 196 23.77 -1.53 -2.02
N VAL C 197 22.53 -1.86 -2.44
CA VAL C 197 21.82 -2.99 -1.84
C VAL C 197 22.46 -4.31 -2.29
N VAL C 198 22.90 -4.38 -3.54
CA VAL C 198 23.61 -5.59 -4.01
C VAL C 198 24.88 -5.78 -3.17
N ALA C 199 25.64 -4.70 -2.97
CA ALA C 199 26.88 -4.73 -2.14
C ALA C 199 26.57 -5.22 -0.72
N ALA C 200 25.50 -4.68 -0.14
CA ALA C 200 25.10 -5.04 1.21
C ALA C 200 24.76 -6.52 1.34
N ASP C 201 24.01 -7.03 0.35
CA ASP C 201 23.56 -8.41 0.36
C ASP C 201 24.60 -9.43 -0.11
N PHE C 202 25.42 -9.07 -1.11
CA PHE C 202 26.36 -10.01 -1.72
C PHE C 202 27.84 -9.61 -1.76
N GLY C 203 28.18 -8.44 -1.21
CA GLY C 203 29.56 -7.95 -1.19
C GLY C 203 29.83 -7.02 -2.36
N GLN C 204 30.77 -6.09 -2.16
CA GLN C 204 31.07 -5.06 -3.19
C GLN C 204 31.62 -5.65 -4.49
N GLU C 205 32.36 -6.75 -4.39
CA GLU C 205 32.94 -7.44 -5.56
C GLU C 205 31.83 -7.85 -6.52
N VAL C 206 30.77 -8.44 -5.97
CA VAL C 206 29.59 -8.84 -6.79
C VAL C 206 28.89 -7.58 -7.31
N ALA C 207 28.70 -6.59 -6.45
CA ALA C 207 28.01 -5.37 -6.85
C ALA C 207 28.71 -4.63 -7.99
N ASP C 208 30.05 -4.67 -8.01
CA ASP C 208 30.80 -3.99 -9.07
C ASP C 208 30.73 -4.68 -10.44
N LYS C 209 30.11 -5.86 -10.48
CA LYS C 209 29.94 -6.61 -11.73
C LYS C 209 28.51 -6.52 -12.24
N VAL C 210 27.53 -6.44 -11.33
N VAL C 210 27.53 -6.43 -11.32
CA VAL C 210 26.12 -6.40 -11.74
CA VAL C 210 26.11 -6.34 -11.71
C VAL C 210 25.83 -5.12 -12.53
C VAL C 210 25.87 -5.11 -12.56
N ARG C 211 25.17 -5.29 -13.68
CA ARG C 211 24.84 -4.16 -14.53
C ARG C 211 23.47 -3.62 -14.15
N VAL C 212 23.43 -2.32 -13.92
CA VAL C 212 22.21 -1.63 -13.49
C VAL C 212 21.83 -0.69 -14.60
N GLN C 213 20.65 -0.92 -15.16
CA GLN C 213 20.15 -0.12 -16.24
C GLN C 213 19.20 0.92 -15.71
N TYR C 214 19.05 1.99 -16.48
CA TYR C 214 18.07 3.01 -16.17
C TYR C 214 16.85 2.78 -17.07
N GLY C 215 15.66 2.88 -16.49
CA GLY C 215 14.42 2.62 -17.21
C GLY C 215 13.49 3.80 -17.41
N GLY C 216 14.01 5.01 -17.27
CA GLY C 216 13.25 6.22 -17.51
C GLY C 216 13.33 6.69 -18.95
N SER C 217 12.97 7.94 -19.19
CA SER C 217 12.94 8.45 -20.58
C SER C 217 14.34 8.65 -21.20
N VAL C 218 14.81 7.64 -21.91
CA VAL C 218 16.13 7.68 -22.58
C VAL C 218 15.88 7.68 -24.08
N LYS C 219 16.62 8.54 -24.77
CA LYS C 219 16.49 8.81 -26.19
C LYS C 219 17.87 8.98 -26.81
N PRO C 220 17.97 8.83 -28.16
CA PRO C 220 19.26 8.96 -28.85
C PRO C 220 20.00 10.25 -28.52
N GLU C 221 19.27 11.32 -28.34
CA GLU C 221 19.85 12.64 -28.07
C GLU C 221 20.50 12.72 -26.69
N ASN C 222 20.00 11.95 -25.73
CA ASN C 222 20.49 12.04 -24.36
C ASN C 222 21.07 10.77 -23.78
N VAL C 223 21.13 9.69 -24.56
CA VAL C 223 21.64 8.42 -23.99
C VAL C 223 23.05 8.55 -23.44
N ALA C 224 23.92 9.26 -24.14
CA ALA C 224 25.31 9.42 -23.69
C ALA C 224 25.39 10.03 -22.29
N SER C 225 24.57 11.06 -22.05
CA SER C 225 24.55 11.75 -20.76
C SER C 225 24.15 10.82 -19.63
N TYR C 226 23.24 9.89 -19.89
CA TYR C 226 22.89 8.93 -18.85
C TYR C 226 23.99 7.90 -18.65
N MET C 227 24.55 7.43 -19.75
CA MET C 227 25.60 6.41 -19.69
C MET C 227 26.86 6.90 -18.98
N ALA C 228 27.10 8.21 -18.99
CA ALA C 228 28.27 8.77 -18.30
C ALA C 228 28.19 8.60 -16.78
N CYS C 229 26.97 8.44 -16.23
CA CYS C 229 26.81 8.35 -14.79
C CYS C 229 27.54 7.10 -14.33
N PRO C 230 28.34 7.21 -13.27
CA PRO C 230 29.19 6.10 -12.89
C PRO C 230 28.46 4.83 -12.55
N ASP C 231 27.24 4.92 -12.03
CA ASP C 231 26.48 3.71 -11.64
C ASP C 231 25.39 3.32 -12.62
N VAL C 232 25.32 4.01 -13.77
CA VAL C 232 24.36 3.64 -14.84
C VAL C 232 25.12 2.85 -15.92
N ASP C 233 24.74 1.58 -16.11
CA ASP C 233 25.40 0.64 -17.06
C ASP C 233 24.61 0.35 -18.34
N GLY C 234 23.53 1.07 -18.54
CA GLY C 234 22.69 0.82 -19.70
C GLY C 234 21.32 1.40 -19.48
N ALA C 235 20.41 1.04 -20.40
CA ALA C 235 19.06 1.51 -20.38
C ALA C 235 18.13 0.42 -20.89
N LEU C 236 16.96 0.33 -20.25
CA LEU C 236 15.87 -0.53 -20.70
C LEU C 236 14.96 0.49 -21.37
N VAL C 237 15.02 0.53 -22.69
CA VAL C 237 14.42 1.59 -23.48
C VAL C 237 13.13 1.19 -24.16
N GLY C 238 12.09 1.99 -23.92
CA GLY C 238 10.78 1.74 -24.54
C GLY C 238 10.59 2.30 -25.95
N GLY C 239 9.85 3.42 -26.06
CA GLY C 239 9.51 3.97 -27.37
C GLY C 239 10.63 4.18 -28.39
N ALA C 240 11.77 4.61 -27.87
CA ALA C 240 12.95 4.88 -28.69
C ALA C 240 13.58 3.62 -29.32
N SER C 241 13.11 2.43 -28.90
CA SER C 241 13.62 1.15 -29.43
C SER C 241 12.74 0.57 -30.55
N LEU C 242 11.60 1.19 -30.84
CA LEU C 242 10.67 0.70 -31.88
C LEU C 242 11.11 0.93 -33.33
N GLU C 243 11.83 2.01 -33.60
CA GLU C 243 12.32 2.27 -34.95
C GLU C 243 13.80 1.87 -35.06
N ALA C 244 14.17 1.23 -36.17
CA ALA C 244 15.55 0.75 -36.42
C ALA C 244 16.60 1.84 -36.30
N GLU C 245 16.41 2.94 -37.03
N GLU C 245 16.39 2.93 -37.03
CA GLU C 245 17.35 4.07 -36.99
CA GLU C 245 17.29 4.10 -37.02
C GLU C 245 17.55 4.54 -35.54
C GLU C 245 17.52 4.63 -35.59
N SER C 246 16.44 4.75 -34.84
CA SER C 246 16.47 5.22 -33.45
C SER C 246 17.18 4.27 -32.49
N PHE C 247 16.93 2.97 -32.66
CA PHE C 247 17.60 1.97 -31.80
C PHE C 247 19.11 1.99 -32.02
N LEU C 248 19.52 2.01 -33.29
CA LEU C 248 20.95 2.10 -33.61
C LEU C 248 21.55 3.38 -33.03
N ALA C 249 20.79 4.47 -33.03
CA ALA C 249 21.30 5.74 -32.51
C ALA C 249 21.48 5.74 -31.00
N LEU C 250 20.87 4.79 -30.30
CA LEU C 250 21.10 4.61 -28.87
C LEU C 250 22.45 3.93 -28.54
N LEU C 251 23.13 3.41 -29.56
CA LEU C 251 24.38 2.64 -29.39
C LEU C 251 25.65 3.39 -29.76
N ASP C 252 25.55 4.66 -30.10
CA ASP C 252 26.70 5.45 -30.56
C ASP C 252 27.47 6.20 -29.48
N PHE C 253 27.05 6.07 -28.22
CA PHE C 253 27.76 6.73 -27.09
C PHE C 253 29.18 6.17 -26.85
N VAL C 254 29.50 5.01 -27.46
CA VAL C 254 30.87 4.48 -27.44
C VAL C 254 31.31 4.08 -28.84
N ARG D 6 13.93 -44.20 33.72
CA ARG D 6 14.43 -42.82 33.45
C ARG D 6 13.48 -41.77 34.02
N LYS D 7 14.05 -40.82 34.77
N LYS D 7 14.04 -40.85 34.80
CA LYS D 7 13.29 -39.78 35.43
CA LYS D 7 13.25 -39.81 35.44
C LYS D 7 12.88 -38.71 34.43
C LYS D 7 12.87 -38.74 34.43
N PRO D 8 11.56 -38.47 34.25
CA PRO D 8 11.19 -37.41 33.30
C PRO D 8 11.71 -36.03 33.67
N PHE D 9 12.06 -35.27 32.64
CA PHE D 9 12.66 -33.94 32.80
C PHE D 9 11.98 -32.94 31.88
N ILE D 10 11.33 -31.95 32.47
CA ILE D 10 10.72 -30.89 31.76
C ILE D 10 11.61 -29.67 32.00
N ALA D 11 12.15 -29.15 30.91
CA ALA D 11 13.03 -27.98 30.97
C ALA D 11 12.38 -26.86 30.18
N GLY D 12 12.19 -25.73 30.86
CA GLY D 12 11.61 -24.56 30.24
C GLY D 12 12.68 -23.64 29.73
N ASN D 13 12.70 -23.43 28.42
CA ASN D 13 13.66 -22.54 27.77
C ASN D 13 13.00 -21.17 27.55
N TRP D 14 13.42 -20.21 28.35
CA TRP D 14 12.86 -18.87 28.25
C TRP D 14 13.34 -18.17 26.99
N LYS D 15 14.43 -18.68 26.38
CA LYS D 15 15.03 -17.99 25.22
C LYS D 15 15.39 -16.53 25.65
N MET D 16 15.31 -15.56 24.74
CA MET D 16 15.75 -14.22 25.08
C MET D 16 14.55 -13.41 25.60
N ASN D 17 14.20 -13.70 26.85
CA ASN D 17 13.11 -13.05 27.56
C ASN D 17 13.42 -13.02 29.05
N LYS D 18 12.92 -11.95 29.67
CA LYS D 18 13.00 -11.62 31.09
C LYS D 18 14.24 -10.91 31.55
N ASN D 19 14.03 -9.92 32.40
CA ASN D 19 15.11 -9.26 33.11
C ASN D 19 15.23 -9.95 34.50
N PRO D 20 16.23 -9.59 35.31
CA PRO D 20 16.37 -10.26 36.59
C PRO D 20 15.16 -10.18 37.50
N GLU D 21 14.49 -9.03 37.54
CA GLU D 21 13.35 -8.94 38.46
C GLU D 21 12.21 -9.84 37.99
N GLU D 22 11.94 -9.83 36.70
CA GLU D 22 10.97 -10.78 36.11
C GLU D 22 11.38 -12.25 36.35
N ALA D 23 12.68 -12.54 36.25
CA ALA D 23 13.14 -13.92 36.50
C ALA D 23 12.93 -14.35 37.95
N LYS D 24 13.29 -13.46 38.88
CA LYS D 24 13.09 -13.72 40.31
C LYS D 24 11.62 -14.00 40.65
N ALA D 25 10.73 -13.17 40.13
CA ALA D 25 9.28 -13.32 40.37
C ALA D 25 8.78 -14.68 39.88
N PHE D 26 9.26 -15.13 38.71
CA PHE D 26 8.88 -16.45 38.17
C PHE D 26 9.34 -17.56 39.11
N VAL D 27 10.61 -17.52 39.54
CA VAL D 27 11.11 -18.57 40.43
C VAL D 27 10.28 -18.61 41.73
N GLU D 28 10.00 -17.44 42.29
CA GLU D 28 9.20 -17.37 43.50
C GLU D 28 7.80 -17.94 43.27
N ALA D 29 7.27 -17.77 42.05
CA ALA D 29 5.91 -18.26 41.75
C ALA D 29 5.86 -19.76 41.49
N VAL D 30 6.99 -20.42 41.29
CA VAL D 30 6.98 -21.86 40.95
C VAL D 30 7.76 -22.78 41.86
N ALA D 31 8.90 -22.33 42.39
CA ALA D 31 9.81 -23.22 43.13
C ALA D 31 9.17 -24.10 44.20
N SER D 32 8.29 -23.54 45.05
CA SER D 32 7.63 -24.32 46.12
C SER D 32 6.40 -25.12 45.66
N LYS D 33 6.04 -25.02 44.38
CA LYS D 33 4.86 -25.64 43.83
C LYS D 33 5.20 -26.82 42.94
N LEU D 34 6.49 -27.14 42.79
CA LEU D 34 6.87 -28.25 41.91
C LEU D 34 6.48 -29.57 42.53
N PRO D 35 6.25 -30.59 41.69
CA PRO D 35 5.98 -31.88 42.26
C PRO D 35 7.23 -32.43 42.87
N SER D 36 7.08 -33.53 43.60
CA SER D 36 8.21 -34.15 44.21
C SER D 36 9.29 -34.46 43.18
N SER D 37 10.54 -34.33 43.63
CA SER D 37 11.74 -34.58 42.83
C SER D 37 11.86 -36.02 42.33
N ASP D 38 11.24 -36.94 43.06
CA ASP D 38 11.23 -38.34 42.70
C ASP D 38 10.31 -38.62 41.52
N LEU D 39 9.34 -37.73 41.27
CA LEU D 39 8.38 -37.94 40.18
C LEU D 39 8.82 -37.29 38.88
N VAL D 40 9.43 -36.12 38.98
CA VAL D 40 9.80 -35.39 37.77
C VAL D 40 10.87 -34.41 38.11
N GLU D 41 11.73 -34.15 37.15
CA GLU D 41 12.79 -33.16 37.31
C GLU D 41 12.33 -31.96 36.50
N ALA D 42 12.36 -30.77 37.12
CA ALA D 42 11.92 -29.54 36.47
C ALA D 42 13.01 -28.49 36.53
N GLY D 43 13.19 -27.77 35.43
CA GLY D 43 14.18 -26.75 35.38
C GLY D 43 13.90 -25.67 34.38
N ILE D 44 14.66 -24.59 34.50
CA ILE D 44 14.50 -23.44 33.61
C ILE D 44 15.85 -23.07 33.07
N ALA D 45 15.88 -22.74 31.78
CA ALA D 45 17.08 -22.29 31.09
C ALA D 45 16.93 -20.77 30.93
N ALA D 46 17.70 -20.03 31.72
CA ALA D 46 17.57 -18.58 31.82
C ALA D 46 18.69 -17.85 31.08
N PRO D 47 18.42 -16.61 30.62
CA PRO D 47 19.48 -15.81 30.03
C PRO D 47 20.64 -15.56 30.98
N ALA D 48 21.83 -15.39 30.42
CA ALA D 48 23.06 -15.20 31.17
C ALA D 48 22.95 -14.02 32.14
N LEU D 49 22.35 -12.91 31.70
CA LEU D 49 22.15 -11.74 32.61
C LEU D 49 21.38 -12.03 33.89
N ASP D 50 20.50 -13.03 33.79
CA ASP D 50 19.58 -13.42 34.86
C ASP D 50 20.06 -14.57 35.74
N LEU D 51 21.13 -15.26 35.38
CA LEU D 51 21.47 -16.50 36.09
C LEU D 51 21.83 -16.35 37.56
N THR D 52 22.64 -15.37 37.93
CA THR D 52 22.97 -15.24 39.34
C THR D 52 21.72 -15.01 40.16
N THR D 53 20.81 -14.20 39.62
CA THR D 53 19.53 -13.91 40.26
C THR D 53 18.66 -15.16 40.44
N VAL D 54 18.48 -15.91 39.36
CA VAL D 54 17.68 -17.16 39.39
C VAL D 54 18.28 -18.15 40.36
N LEU D 55 19.61 -18.24 40.36
CA LEU D 55 20.31 -19.23 41.20
C LEU D 55 20.08 -18.93 42.69
N ALA D 56 20.19 -17.66 43.05
CA ALA D 56 20.00 -17.26 44.44
C ALA D 56 18.58 -17.49 44.94
N VAL D 57 17.59 -17.27 44.10
CA VAL D 57 16.21 -17.47 44.56
C VAL D 57 15.80 -18.94 44.52
N ALA D 58 16.45 -19.74 43.67
CA ALA D 58 16.14 -21.18 43.55
C ALA D 58 16.98 -22.04 44.47
N LYS D 59 18.07 -21.49 45.01
CA LYS D 59 18.94 -22.27 45.88
C LYS D 59 18.12 -22.91 47.02
N GLY D 60 18.30 -24.21 47.20
CA GLY D 60 17.58 -24.95 48.23
C GLY D 60 16.25 -25.53 47.81
N SER D 61 15.80 -25.21 46.59
CA SER D 61 14.55 -25.74 46.05
C SER D 61 14.85 -26.86 45.05
N ASN D 62 13.81 -27.47 44.50
CA ASN D 62 13.96 -28.50 43.49
C ASN D 62 13.98 -27.99 42.06
N LEU D 63 14.08 -26.66 41.85
CA LEU D 63 14.10 -26.13 40.48
C LEU D 63 15.53 -26.16 39.96
N LYS D 64 15.77 -26.94 38.91
CA LYS D 64 17.08 -27.02 38.32
C LYS D 64 17.29 -25.77 37.43
N VAL D 65 18.54 -25.35 37.30
CA VAL D 65 18.88 -24.14 36.57
C VAL D 65 19.86 -24.45 35.47
N ALA D 66 19.51 -23.98 34.27
CA ALA D 66 20.32 -24.17 33.09
C ALA D 66 20.68 -22.86 32.43
N ALA D 67 21.85 -22.86 31.82
CA ALA D 67 22.23 -21.78 30.88
C ALA D 67 21.71 -22.19 29.47
N GLN D 68 21.59 -21.19 28.58
CA GLN D 68 21.08 -21.43 27.20
C GLN D 68 22.17 -21.66 26.16
N ASN D 69 23.43 -21.52 26.60
CA ASN D 69 24.61 -21.70 25.77
C ASN D 69 25.86 -21.44 26.62
N CYS D 70 27.00 -21.90 26.13
CA CYS D 70 28.28 -21.48 26.73
C CYS D 70 29.37 -21.70 25.70
N TYR D 71 30.55 -21.18 25.94
CA TYR D 71 31.68 -21.44 25.07
C TYR D 71 32.41 -22.71 25.51
N PHE D 72 33.40 -23.13 24.73
CA PHE D 72 34.12 -24.37 25.03
C PHE D 72 35.51 -24.22 25.64
N GLU D 73 35.87 -23.01 26.03
CA GLU D 73 37.11 -22.74 26.74
C GLU D 73 36.68 -22.21 28.09
N ASN D 74 37.54 -22.35 29.08
CA ASN D 74 37.27 -21.88 30.44
C ASN D 74 37.41 -20.37 30.61
N ALA D 75 38.42 -19.83 29.95
CA ALA D 75 38.71 -18.43 30.02
C ALA D 75 39.55 -18.03 28.87
N GLY D 76 39.50 -16.74 28.53
CA GLY D 76 40.35 -16.24 27.43
C GLY D 76 39.79 -15.11 26.59
N ALA D 77 40.42 -14.89 25.45
CA ALA D 77 40.08 -13.77 24.57
C ALA D 77 38.95 -14.13 23.61
N PHE D 78 37.75 -14.20 24.18
CA PHE D 78 36.52 -14.56 23.51
C PHE D 78 35.45 -13.56 23.96
N THR D 79 35.68 -12.31 23.61
CA THR D 79 34.79 -11.22 23.93
C THR D 79 33.32 -11.59 23.65
N GLY D 80 32.49 -11.40 24.66
CA GLY D 80 31.05 -11.65 24.57
C GLY D 80 30.60 -13.05 24.98
N GLU D 81 31.52 -13.96 25.26
CA GLU D 81 31.19 -15.36 25.54
C GLU D 81 30.99 -15.69 26.99
N THR D 82 30.20 -16.71 27.24
CA THR D 82 29.89 -17.18 28.58
C THR D 82 30.75 -18.41 28.94
N SER D 83 31.49 -18.31 30.02
CA SER D 83 32.40 -19.37 30.41
C SER D 83 31.74 -20.53 31.14
N PRO D 84 32.00 -21.79 30.71
CA PRO D 84 31.44 -22.91 31.47
C PRO D 84 32.07 -23.04 32.86
N GLN D 85 33.29 -22.55 33.03
CA GLN D 85 33.94 -22.53 34.32
C GLN D 85 33.14 -21.60 35.28
N VAL D 86 32.84 -20.38 34.86
CA VAL D 86 32.05 -19.45 35.68
C VAL D 86 30.64 -19.97 35.96
N LEU D 87 30.01 -20.58 34.96
CA LEU D 87 28.69 -21.17 35.15
C LEU D 87 28.70 -22.20 36.29
N LYS D 88 29.73 -23.02 36.38
CA LYS D 88 29.79 -24.00 37.45
C LYS D 88 30.00 -23.31 38.78
N GLU D 89 30.89 -22.31 38.78
CA GLU D 89 31.17 -21.60 40.02
C GLU D 89 29.93 -20.96 40.63
N ILE D 90 29.03 -20.45 39.79
CA ILE D 90 27.80 -19.80 40.29
C ILE D 90 26.73 -20.83 40.68
N GLY D 91 26.97 -22.09 40.31
CA GLY D 91 26.07 -23.22 40.67
C GLY D 91 25.12 -23.76 39.63
N THR D 92 25.31 -23.36 38.37
CA THR D 92 24.49 -23.86 37.26
C THR D 92 24.52 -25.40 37.18
N ASP D 93 23.35 -26.02 36.95
CA ASP D 93 23.20 -27.48 36.83
C ASP D 93 23.37 -28.00 35.37
N TYR D 94 22.72 -27.33 34.43
CA TYR D 94 22.69 -27.75 33.01
C TYR D 94 23.06 -26.64 32.08
N VAL D 95 23.47 -27.00 30.85
CA VAL D 95 23.70 -26.05 29.79
C VAL D 95 23.09 -26.59 28.51
N VAL D 96 22.14 -25.83 27.97
CA VAL D 96 21.54 -26.15 26.66
C VAL D 96 22.60 -25.80 25.60
N ILE D 97 22.89 -26.76 24.70
CA ILE D 97 23.81 -26.53 23.59
C ILE D 97 23.22 -27.05 22.29
N GLY D 98 23.61 -26.40 21.20
CA GLY D 98 23.15 -26.81 19.88
C GLY D 98 21.70 -26.56 19.56
N HIS D 99 21.07 -25.65 20.28
CA HIS D 99 19.69 -25.31 19.97
C HIS D 99 19.58 -24.90 18.50
N SER D 100 18.47 -25.27 17.85
CA SER D 100 18.26 -24.93 16.44
C SER D 100 18.50 -23.45 16.12
N GLU D 101 18.14 -22.57 17.07
CA GLU D 101 18.34 -21.15 16.87
C GLU D 101 19.80 -20.73 16.81
N ARG D 102 20.67 -21.47 17.50
CA ARG D 102 22.10 -21.15 17.50
C ARG D 102 22.79 -21.80 16.31
N ARG D 103 22.30 -22.97 15.90
CA ARG D 103 22.80 -23.62 14.68
C ARG D 103 22.42 -22.79 13.44
N ASP D 104 21.28 -22.09 13.54
CA ASP D 104 20.75 -21.25 12.48
C ASP D 104 21.43 -19.89 12.45
N TYR D 105 21.04 -19.00 13.36
CA TYR D 105 21.51 -17.62 13.37
C TYR D 105 23.00 -17.42 13.57
N PHE D 106 23.58 -18.23 14.46
CA PHE D 106 24.98 -18.08 14.88
C PHE D 106 25.92 -19.14 14.35
N HIS D 107 25.44 -19.88 13.36
CA HIS D 107 26.23 -20.84 12.61
C HIS D 107 27.00 -21.86 13.40
N GLU D 108 26.43 -22.32 14.51
CA GLU D 108 27.11 -23.32 15.34
C GLU D 108 27.14 -24.64 14.64
N THR D 109 28.28 -25.32 14.75
CA THR D 109 28.51 -26.57 14.04
C THR D 109 28.54 -27.74 14.98
N ASP D 110 28.48 -28.95 14.43
CA ASP D 110 28.56 -30.17 15.25
C ASP D 110 29.87 -30.19 16.04
N GLU D 111 30.95 -29.71 15.42
CA GLU D 111 32.25 -29.65 16.10
C GLU D 111 32.15 -28.73 17.32
N ASP D 112 31.49 -27.59 17.15
CA ASP D 112 31.31 -26.66 18.27
C ASP D 112 30.58 -27.34 19.42
N ILE D 113 29.51 -28.08 19.10
CA ILE D 113 28.63 -28.71 20.10
C ILE D 113 29.40 -29.79 20.83
N ASN D 114 30.20 -30.58 20.11
CA ASN D 114 31.02 -31.62 20.76
C ASN D 114 31.98 -31.00 21.79
N LYS D 115 32.66 -29.93 21.39
N LYS D 115 32.65 -29.93 21.38
CA LYS D 115 33.60 -29.25 22.28
CA LYS D 115 33.58 -29.22 22.23
C LYS D 115 32.87 -28.67 23.49
C LYS D 115 32.89 -28.62 23.45
N LYS D 116 31.67 -28.14 23.26
CA LYS D 116 30.86 -27.58 24.37
C LYS D 116 30.49 -28.70 25.35
N ALA D 117 30.03 -29.83 24.82
CA ALA D 117 29.68 -30.97 25.66
C ALA D 117 30.87 -31.42 26.56
N LYS D 118 32.05 -31.50 25.98
CA LYS D 118 33.24 -31.84 26.74
C LYS D 118 33.56 -30.81 27.78
N ALA D 119 33.50 -29.52 27.42
CA ALA D 119 33.72 -28.43 28.39
C ALA D 119 32.74 -28.45 29.54
N ILE D 120 31.50 -28.78 29.22
N ILE D 120 31.49 -28.78 29.22
CA ILE D 120 30.44 -28.83 30.21
CA ILE D 120 30.44 -28.84 30.24
C ILE D 120 30.73 -29.93 31.25
C ILE D 120 30.80 -29.90 31.26
N PHE D 121 31.11 -31.11 30.79
CA PHE D 121 31.49 -32.21 31.72
C PHE D 121 32.79 -31.90 32.45
N ALA D 122 33.71 -31.21 31.77
CA ALA D 122 35.00 -30.88 32.37
C ALA D 122 34.81 -29.95 33.55
N ASN D 123 33.72 -29.17 33.48
CA ASN D 123 33.33 -28.23 34.51
C ASN D 123 32.19 -28.69 35.39
N GLY D 124 32.02 -30.01 35.51
CA GLY D 124 31.06 -30.56 36.46
C GLY D 124 29.61 -30.24 36.23
N MET D 125 29.19 -30.07 34.99
CA MET D 125 27.78 -29.80 34.70
C MET D 125 27.30 -30.86 33.72
N LEU D 126 26.03 -30.77 33.35
CA LEU D 126 25.40 -31.68 32.42
C LEU D 126 24.85 -30.93 31.21
N PRO D 127 25.07 -31.47 30.00
CA PRO D 127 24.56 -30.82 28.78
C PRO D 127 23.14 -31.25 28.41
N ILE D 128 22.38 -30.35 27.80
CA ILE D 128 21.10 -30.67 27.19
C ILE D 128 21.42 -30.43 25.73
N ILE D 129 21.67 -31.51 25.00
CA ILE D 129 22.16 -31.44 23.62
C ILE D 129 20.97 -31.45 22.68
N CYS D 130 20.81 -30.38 21.90
CA CYS D 130 19.72 -30.24 20.96
C CYS D 130 20.07 -30.73 19.56
N CYS D 131 19.09 -31.36 18.91
CA CYS D 131 19.23 -31.84 17.52
C CYS D 131 17.87 -31.74 16.85
N GLY D 132 17.83 -31.94 15.53
CA GLY D 132 16.58 -31.84 14.78
C GLY D 132 16.82 -31.48 13.32
N GLU D 133 15.97 -31.97 12.44
CA GLU D 133 16.18 -31.77 11.02
C GLU D 133 15.26 -30.73 10.42
N SER D 134 15.75 -30.09 9.36
CA SER D 134 15.02 -29.08 8.61
C SER D 134 13.91 -29.70 7.77
N LEU D 135 13.06 -28.84 7.25
CA LEU D 135 11.96 -29.24 6.38
C LEU D 135 12.53 -29.98 5.17
N GLU D 136 13.55 -29.39 4.54
CA GLU D 136 14.20 -30.00 3.36
C GLU D 136 14.66 -31.46 3.67
N THR D 137 15.33 -31.62 4.81
CA THR D 137 15.83 -32.95 5.23
C THR D 137 14.68 -33.92 5.54
N TYR D 138 13.64 -33.40 6.20
CA TYR D 138 12.43 -34.17 6.48
C TYR D 138 11.78 -34.66 5.16
N GLU D 139 11.60 -33.73 4.21
CA GLU D 139 10.95 -34.04 2.93
C GLU D 139 11.77 -35.04 2.08
N ALA D 140 13.10 -35.01 2.23
CA ALA D 140 13.99 -35.91 1.51
C ALA D 140 14.05 -37.32 2.11
N GLY D 141 13.39 -37.55 3.26
CA GLY D 141 13.37 -38.85 3.92
C GLY D 141 14.66 -39.17 4.67
N LYS D 142 15.38 -38.13 5.09
CA LYS D 142 16.69 -38.29 5.71
C LYS D 142 16.79 -37.90 7.17
N ALA D 143 15.64 -37.77 7.84
CA ALA D 143 15.62 -37.36 9.25
C ALA D 143 16.47 -38.27 10.13
N ALA D 144 16.33 -39.58 9.99
CA ALA D 144 17.06 -40.51 10.86
C ALA D 144 18.57 -40.38 10.66
N GLU D 145 18.98 -40.26 9.40
CA GLU D 145 20.37 -40.15 9.04
C GLU D 145 20.96 -38.82 9.54
N PHE D 146 20.21 -37.74 9.35
CA PHE D 146 20.68 -36.42 9.75
C PHE D 146 20.78 -36.29 11.25
N VAL D 147 19.73 -36.69 11.96
CA VAL D 147 19.69 -36.54 13.42
C VAL D 147 20.69 -37.48 14.02
N GLY D 148 20.76 -38.70 13.48
CA GLY D 148 21.76 -39.66 13.93
C GLY D 148 23.17 -39.11 13.85
N ALA D 149 23.50 -38.47 12.72
CA ALA D 149 24.82 -37.87 12.59
C ALA D 149 25.08 -36.77 13.65
N GLN D 150 24.07 -35.95 13.91
CA GLN D 150 24.21 -34.87 14.89
C GLN D 150 24.49 -35.42 16.29
N VAL D 151 23.74 -36.44 16.69
CA VAL D 151 23.91 -37.03 18.04
C VAL D 151 25.29 -37.68 18.16
N SER D 152 25.65 -38.49 17.18
N SER D 152 25.68 -38.49 17.20
CA SER D 152 26.96 -39.19 17.16
CA SER D 152 26.99 -39.15 17.27
C SER D 152 28.12 -38.19 17.26
C SER D 152 28.12 -38.14 17.31
N ALA D 153 28.03 -37.10 16.50
CA ALA D 153 29.03 -36.04 16.48
C ALA D 153 29.13 -35.32 17.83
N ALA D 154 27.99 -35.01 18.44
CA ALA D 154 27.97 -34.31 19.75
C ALA D 154 28.59 -35.15 20.87
N LEU D 155 28.30 -36.44 20.88
CA LEU D 155 28.78 -37.34 21.94
C LEU D 155 30.19 -37.91 21.74
N ALA D 156 30.78 -37.70 20.55
CA ALA D 156 32.08 -38.34 20.20
C ALA D 156 33.16 -38.03 21.23
N GLY D 157 33.80 -39.07 21.76
CA GLY D 157 34.86 -38.86 22.77
C GLY D 157 34.45 -38.81 24.24
N LEU D 158 33.15 -38.68 24.52
CA LEU D 158 32.66 -38.72 25.89
C LEU D 158 32.75 -40.14 26.39
N THR D 159 32.76 -40.29 27.71
CA THR D 159 32.82 -41.61 28.36
C THR D 159 31.40 -42.15 28.47
N ALA D 160 31.28 -43.47 28.68
CA ALA D 160 29.98 -44.10 28.90
C ALA D 160 29.21 -43.41 30.04
N GLU D 161 29.91 -43.10 31.13
CA GLU D 161 29.27 -42.44 32.29
C GLU D 161 28.75 -41.03 31.99
N GLN D 162 29.51 -40.28 31.18
CA GLN D 162 29.07 -38.95 30.74
C GLN D 162 27.87 -39.07 29.82
N VAL D 163 27.93 -40.00 28.85
CA VAL D 163 26.81 -40.16 27.94
C VAL D 163 25.53 -40.53 28.69
N ALA D 164 25.62 -41.46 29.63
CA ALA D 164 24.45 -41.88 30.40
C ALA D 164 23.82 -40.76 31.23
N ALA D 165 24.63 -39.77 31.60
CA ALA D 165 24.13 -38.63 32.37
C ALA D 165 23.70 -37.40 31.51
N SER D 166 23.87 -37.51 30.19
N SER D 166 23.88 -37.48 30.19
CA SER D 166 23.52 -36.43 29.27
CA SER D 166 23.51 -36.39 29.30
C SER D 166 22.01 -36.44 29.01
C SER D 166 22.01 -36.44 29.01
N VAL D 167 21.50 -35.31 28.54
CA VAL D 167 20.12 -35.18 28.15
C VAL D 167 20.19 -34.73 26.69
N ILE D 168 19.33 -35.28 25.84
N ILE D 168 19.33 -35.28 25.85
CA ILE D 168 19.30 -34.93 24.41
CA ILE D 168 19.31 -34.89 24.45
C ILE D 168 17.89 -34.51 24.07
C ILE D 168 17.90 -34.39 24.21
N ALA D 169 17.76 -33.38 23.35
CA ALA D 169 16.44 -32.84 23.00
C ALA D 169 16.26 -32.79 21.52
N TYR D 170 15.24 -33.50 21.05
CA TYR D 170 14.87 -33.51 19.64
C TYR D 170 13.87 -32.40 19.28
N GLU D 171 14.28 -31.52 18.36
CA GLU D 171 13.45 -30.44 17.88
C GLU D 171 12.97 -30.74 16.45
N PRO D 172 11.63 -30.87 16.22
N PRO D 172 11.63 -30.86 16.23
CA PRO D 172 11.15 -31.09 14.81
CA PRO D 172 11.14 -31.08 14.85
C PRO D 172 11.07 -29.72 14.14
C PRO D 172 11.08 -29.75 14.12
N ILE D 173 12.23 -29.24 13.68
N ILE D 173 12.25 -29.23 13.76
CA ILE D 173 12.36 -27.92 13.09
CA ILE D 173 12.38 -27.96 13.08
C ILE D 173 11.47 -27.82 11.87
C ILE D 173 11.43 -27.84 11.90
N TRP D 174 11.31 -28.95 11.18
CA TRP D 174 10.45 -29.06 10.00
C TRP D 174 8.99 -28.68 10.24
N ALA D 175 8.56 -28.73 11.50
CA ALA D 175 7.19 -28.44 11.89
C ALA D 175 6.90 -27.00 12.38
N ILE D 176 7.79 -26.05 12.08
N ILE D 176 7.77 -26.04 12.05
CA ILE D 176 7.55 -24.65 12.47
CA ILE D 176 7.60 -24.64 12.48
C ILE D 176 6.40 -24.04 11.69
C ILE D 176 6.56 -23.86 11.65
N GLY D 177 6.44 -24.21 10.37
CA GLY D 177 5.46 -23.60 9.48
C GLY D 177 4.03 -24.09 9.70
N THR D 178 3.07 -23.25 9.28
CA THR D 178 1.63 -23.55 9.37
C THR D 178 1.19 -24.79 8.58
N GLY D 179 1.98 -25.16 7.58
CA GLY D 179 1.66 -26.32 6.76
C GLY D 179 1.98 -27.67 7.36
N LYS D 180 2.77 -27.70 8.42
N LYS D 180 2.77 -27.70 8.42
CA LYS D 180 3.18 -28.95 9.05
CA LYS D 180 3.19 -28.93 9.06
C LYS D 180 2.97 -28.92 10.57
C LYS D 180 2.90 -28.90 10.57
N SER D 181 2.64 -30.09 11.12
CA SER D 181 2.42 -30.27 12.55
C SER D 181 2.99 -31.60 12.93
N ALA D 182 3.66 -31.62 14.08
CA ALA D 182 4.29 -32.82 14.62
C ALA D 182 3.30 -33.48 15.56
N SER D 183 3.44 -34.79 15.76
CA SER D 183 2.50 -35.54 16.60
C SER D 183 3.28 -36.47 17.50
N GLN D 184 2.54 -37.18 18.34
CA GLN D 184 3.13 -38.16 19.21
C GLN D 184 3.98 -39.19 18.46
N ASP D 185 3.53 -39.65 17.29
CA ASP D 185 4.25 -40.61 16.45
C ASP D 185 5.61 -40.10 16.04
N ASP D 186 5.66 -38.83 15.66
CA ASP D 186 6.92 -38.17 15.34
C ASP D 186 7.84 -38.10 16.56
N ALA D 187 7.30 -37.65 17.69
CA ALA D 187 8.06 -37.56 18.94
C ALA D 187 8.69 -38.92 19.32
N GLN D 188 7.87 -39.96 19.32
CA GLN D 188 8.36 -41.30 19.68
C GLN D 188 9.40 -41.79 18.66
N LYS D 189 9.08 -41.70 17.37
CA LYS D 189 9.99 -42.14 16.32
C LYS D 189 11.35 -41.49 16.40
N MET D 190 11.34 -40.17 16.54
CA MET D 190 12.61 -39.43 16.53
C MET D 190 13.37 -39.55 17.85
N CYS D 191 12.65 -39.65 18.97
CA CYS D 191 13.35 -39.89 20.26
C CYS D 191 13.99 -41.29 20.22
N LYS D 192 13.29 -42.24 19.59
CA LYS D 192 13.86 -43.58 19.39
C LYS D 192 15.08 -43.55 18.44
N VAL D 193 15.06 -42.70 17.41
CA VAL D 193 16.21 -42.61 16.51
C VAL D 193 17.42 -42.18 17.33
N VAL D 194 17.21 -41.20 18.20
CA VAL D 194 18.26 -40.69 19.09
C VAL D 194 18.82 -41.82 19.97
N ARG D 195 17.93 -42.55 20.65
CA ARG D 195 18.35 -43.60 21.57
C ARG D 195 19.11 -44.69 20.80
N ASP D 196 18.60 -45.05 19.63
CA ASP D 196 19.23 -46.07 18.80
C ASP D 196 20.67 -45.70 18.39
N VAL D 197 20.89 -44.43 18.04
CA VAL D 197 22.23 -43.96 17.70
C VAL D 197 23.16 -44.01 18.92
N VAL D 198 22.68 -43.60 20.08
CA VAL D 198 23.47 -43.71 21.30
C VAL D 198 23.86 -45.19 21.53
N ALA D 199 22.91 -46.10 21.31
CA ALA D 199 23.18 -47.52 21.52
C ALA D 199 24.24 -48.03 20.57
N ALA D 200 24.24 -47.52 19.34
CA ALA D 200 25.24 -47.95 18.37
C ALA D 200 26.65 -47.54 18.78
N ASP D 201 26.81 -46.34 19.36
CA ASP D 201 28.15 -45.85 19.76
C ASP D 201 28.56 -46.17 21.21
N PHE D 202 27.59 -46.42 22.10
CA PHE D 202 27.90 -46.65 23.52
C PHE D 202 27.22 -47.89 24.15
N GLY D 203 26.46 -48.64 23.37
CA GLY D 203 25.80 -49.83 23.88
C GLY D 203 24.41 -49.53 24.41
N GLN D 204 23.57 -50.56 24.45
CA GLN D 204 22.20 -50.43 24.85
C GLN D 204 22.01 -50.07 26.33
N GLU D 205 22.90 -50.51 27.21
CA GLU D 205 22.81 -50.20 28.65
C GLU D 205 22.89 -48.69 28.88
N VAL D 206 23.90 -48.07 28.28
CA VAL D 206 24.08 -46.61 28.32
C VAL D 206 22.88 -45.89 27.68
N ALA D 207 22.51 -46.32 26.47
CA ALA D 207 21.37 -45.73 25.75
C ALA D 207 20.09 -45.74 26.59
N ASP D 208 19.86 -46.81 27.34
CA ASP D 208 18.67 -46.93 28.20
C ASP D 208 18.64 -45.97 29.39
N LYS D 209 19.77 -45.34 29.69
CA LYS D 209 19.88 -44.35 30.78
C LYS D 209 19.75 -42.89 30.34
N VAL D 210 20.06 -42.61 29.09
CA VAL D 210 19.98 -41.22 28.58
C VAL D 210 18.55 -40.72 28.49
N ARG D 211 18.29 -39.54 29.07
CA ARG D 211 16.96 -38.93 28.91
C ARG D 211 16.91 -38.20 27.57
N VAL D 212 15.92 -38.55 26.74
CA VAL D 212 15.71 -37.92 25.47
C VAL D 212 14.44 -37.11 25.58
N GLN D 213 14.55 -35.78 25.45
CA GLN D 213 13.38 -34.88 25.52
C GLN D 213 12.80 -34.60 24.13
N TYR D 214 11.50 -34.36 24.09
CA TYR D 214 10.82 -33.91 22.88
C TYR D 214 10.75 -32.37 22.95
N GLY D 215 11.25 -31.69 21.91
CA GLY D 215 11.28 -30.24 21.82
C GLY D 215 10.17 -29.59 21.01
N GLY D 216 9.30 -30.39 20.39
CA GLY D 216 8.15 -29.91 19.67
C GLY D 216 7.06 -29.40 20.60
N SER D 217 5.96 -28.94 20.00
N SER D 217 5.98 -28.88 20.02
CA SER D 217 4.82 -28.39 20.72
CA SER D 217 4.90 -28.28 20.80
C SER D 217 4.15 -29.40 21.66
C SER D 217 4.10 -29.29 21.63
N VAL D 218 3.98 -29.02 22.94
CA VAL D 218 3.21 -29.84 23.88
C VAL D 218 2.32 -28.86 24.65
N LYS D 219 1.13 -29.29 25.01
CA LYS D 219 0.19 -28.43 25.70
C LYS D 219 -0.35 -29.19 26.88
N PRO D 220 -1.02 -28.49 27.81
CA PRO D 220 -1.55 -29.20 28.95
C PRO D 220 -2.50 -30.36 28.62
N GLU D 221 -3.25 -30.25 27.54
N GLU D 221 -3.28 -30.24 27.56
CA GLU D 221 -4.23 -31.28 27.18
CA GLU D 221 -4.23 -31.29 27.21
C GLU D 221 -3.66 -32.44 26.38
C GLU D 221 -3.57 -32.55 26.67
N ASN D 222 -2.35 -32.43 26.14
CA ASN D 222 -1.66 -33.57 25.51
C ASN D 222 -0.25 -33.88 25.98
N VAL D 223 0.30 -33.12 26.91
CA VAL D 223 1.65 -33.39 27.39
C VAL D 223 1.78 -34.79 27.99
N ALA D 224 0.79 -35.24 28.76
CA ALA D 224 0.85 -36.59 29.33
C ALA D 224 0.89 -37.66 28.25
N SER D 225 0.16 -37.42 27.15
CA SER D 225 0.14 -38.37 26.06
C SER D 225 1.52 -38.49 25.41
N TYR D 226 2.19 -37.35 25.19
CA TYR D 226 3.55 -37.39 24.63
C TYR D 226 4.54 -38.06 25.57
N MET D 227 4.48 -37.74 26.86
CA MET D 227 5.42 -38.28 27.84
C MET D 227 5.24 -39.79 28.06
N ALA D 228 4.05 -40.30 27.77
CA ALA D 228 3.76 -41.73 27.92
C ALA D 228 4.36 -42.58 26.77
N CME D 229 4.84 -41.92 25.72
CA CME D 229 5.51 -42.61 24.63
CB CME D 229 5.77 -41.69 23.44
SG CME D 229 4.27 -41.23 22.57
SD CME D 229 3.30 -42.99 22.14
CE CME D 229 4.04 -43.61 20.67
CZ CME D 229 3.79 -42.69 19.49
OH CME D 229 2.51 -42.98 18.94
C CME D 229 6.75 -43.25 25.22
O CME D 229 7.47 -42.64 26.07
N PRO D 230 7.02 -44.49 24.84
CA PRO D 230 8.12 -45.24 25.48
C PRO D 230 9.52 -44.65 25.41
N ASP D 231 9.84 -43.92 24.35
CA ASP D 231 11.18 -43.34 24.24
C ASP D 231 11.31 -41.84 24.51
N VAL D 232 10.20 -41.25 24.97
CA VAL D 232 10.13 -39.83 25.32
C VAL D 232 10.27 -39.68 26.83
N ASP D 233 11.28 -38.93 27.28
CA ASP D 233 11.56 -38.79 28.71
C ASP D 233 11.42 -37.38 29.23
N GLY D 234 10.72 -36.53 28.51
CA GLY D 234 10.64 -35.14 28.95
C GLY D 234 10.34 -34.24 27.79
N ALA D 235 10.50 -32.96 28.06
CA ALA D 235 10.21 -31.93 27.05
C ALA D 235 11.10 -30.74 27.28
N LEU D 236 11.52 -30.12 26.18
CA LEU D 236 12.25 -28.86 26.20
C LEU D 236 11.17 -27.92 25.67
N VAL D 237 10.66 -27.07 26.54
N VAL D 237 10.70 -27.07 26.55
CA VAL D 237 9.49 -26.25 26.25
CA VAL D 237 9.56 -26.20 26.30
C VAL D 237 9.80 -24.76 26.13
C VAL D 237 9.98 -24.79 26.00
N GLY D 238 9.33 -24.17 25.04
CA GLY D 238 9.61 -22.78 24.74
C GLY D 238 8.65 -21.84 25.41
N GLY D 239 7.77 -21.28 24.58
CA GLY D 239 6.85 -20.25 25.00
C GLY D 239 6.01 -20.49 26.23
N ALA D 240 5.61 -21.76 26.46
CA ALA D 240 4.79 -22.03 27.65
C ALA D 240 5.61 -21.90 28.95
N SER D 241 6.93 -21.88 28.84
CA SER D 241 7.76 -21.77 30.05
C SER D 241 7.87 -20.34 30.59
N LEU D 242 7.34 -19.36 29.85
CA LEU D 242 7.45 -17.97 30.26
C LEU D 242 6.50 -17.53 31.38
N GLU D 243 5.40 -18.24 31.57
CA GLU D 243 4.41 -17.89 32.58
C GLU D 243 4.38 -19.03 33.62
N ALA D 244 4.40 -18.64 34.88
CA ALA D 244 4.42 -19.62 35.97
C ALA D 244 3.35 -20.70 35.85
N GLU D 245 2.11 -20.29 35.64
CA GLU D 245 1.01 -21.27 35.64
C GLU D 245 1.05 -22.21 34.41
N SER D 246 1.40 -21.71 33.23
CA SER D 246 1.52 -22.61 32.06
C SER D 246 2.70 -23.58 32.26
N PHE D 247 3.77 -23.12 32.91
CA PHE D 247 4.91 -23.98 33.15
C PHE D 247 4.52 -25.09 34.14
N LEU D 248 3.91 -24.71 35.25
CA LEU D 248 3.46 -25.70 36.25
C LEU D 248 2.44 -26.68 35.69
N ALA D 249 1.62 -26.22 34.76
CA ALA D 249 0.61 -27.09 34.10
C ALA D 249 1.24 -28.23 33.30
N LEU D 250 2.50 -28.07 32.87
CA LEU D 250 3.16 -29.16 32.14
C LEU D 250 3.80 -30.21 33.06
N LEU D 251 3.65 -30.07 34.38
CA LEU D 251 4.24 -31.03 35.33
C LEU D 251 3.20 -31.95 35.98
N ASP D 252 1.94 -31.80 35.61
CA ASP D 252 0.84 -32.57 36.22
C ASP D 252 0.73 -34.01 35.72
N PHE D 253 1.37 -34.35 34.61
CA PHE D 253 1.34 -35.76 34.11
C PHE D 253 1.93 -36.79 35.11
N VAL D 254 2.66 -36.26 36.12
CA VAL D 254 3.28 -37.02 37.23
C VAL D 254 4.43 -37.92 36.77
N MET E 4 6.77 25.98 -34.88
CA MET E 4 6.79 26.33 -33.43
C MET E 4 5.56 27.12 -33.00
N SER E 5 5.09 28.03 -33.86
CA SER E 5 3.93 28.86 -33.54
C SER E 5 2.59 28.09 -33.61
N ARG E 6 1.84 28.12 -32.51
CA ARG E 6 0.55 27.43 -32.42
C ARG E 6 -0.60 28.35 -32.82
N LYS E 7 -1.57 27.84 -33.58
CA LYS E 7 -2.72 28.63 -34.00
C LYS E 7 -3.65 28.91 -32.83
N PRO E 8 -3.90 30.18 -32.50
CA PRO E 8 -4.82 30.44 -31.40
C PRO E 8 -6.26 29.94 -31.67
N PHE E 9 -6.93 29.52 -30.61
CA PHE E 9 -8.27 28.94 -30.68
C PHE E 9 -9.19 29.57 -29.62
N ILE E 10 -10.18 30.32 -30.06
CA ILE E 10 -11.18 30.91 -29.16
C ILE E 10 -12.43 30.05 -29.33
N ALA E 11 -12.83 29.37 -28.25
CA ALA E 11 -14.01 28.53 -28.28
C ALA E 11 -15.04 29.10 -27.29
N GLY E 12 -16.23 29.37 -27.79
CA GLY E 12 -17.31 29.91 -26.98
C GLY E 12 -18.16 28.81 -26.42
N ASN E 13 -18.17 28.64 -25.10
CA ASN E 13 -18.99 27.60 -24.46
C ASN E 13 -20.30 28.22 -24.05
N TRP E 14 -21.36 27.95 -24.80
CA TRP E 14 -22.70 28.47 -24.49
C TRP E 14 -23.30 27.86 -23.24
N LYS E 15 -22.73 26.74 -22.79
CA LYS E 15 -23.29 26.01 -21.66
C LYS E 15 -24.78 25.65 -21.98
N MET E 16 -25.68 25.69 -20.99
CA MET E 16 -27.06 25.25 -21.22
C MET E 16 -27.89 26.48 -21.55
N ASN E 17 -27.68 27.01 -22.74
CA ASN E 17 -28.38 28.21 -23.21
C ASN E 17 -28.63 28.06 -24.70
N LYS E 18 -29.78 28.57 -25.13
CA LYS E 18 -30.25 28.68 -26.54
C LYS E 18 -30.95 27.45 -27.07
N ASN E 19 -32.03 27.72 -27.79
CA ASN E 19 -32.76 26.69 -28.53
C ASN E 19 -32.20 26.66 -29.99
N PRO E 20 -32.71 25.78 -30.88
CA PRO E 20 -32.17 25.75 -32.25
C PRO E 20 -32.32 27.03 -33.07
N GLU E 21 -33.45 27.72 -32.96
CA GLU E 21 -33.65 28.95 -33.69
C GLU E 21 -32.70 30.03 -33.17
N GLU E 22 -32.52 30.09 -31.87
CA GLU E 22 -31.58 31.06 -31.31
C GLU E 22 -30.15 30.76 -31.75
N ALA E 23 -29.82 29.47 -31.75
CA ALA E 23 -28.49 29.02 -32.21
C ALA E 23 -28.28 29.40 -33.67
N LYS E 24 -29.28 29.11 -34.50
CA LYS E 24 -29.27 29.45 -35.89
C LYS E 24 -29.02 30.94 -36.12
N ALA E 25 -29.75 31.80 -35.41
CA ALA E 25 -29.62 33.24 -35.57
C ALA E 25 -28.20 33.69 -35.22
N PHE E 26 -27.65 33.14 -34.15
CA PHE E 26 -26.30 33.49 -33.72
C PHE E 26 -25.29 33.15 -34.81
N VAL E 27 -25.39 31.94 -35.38
CA VAL E 27 -24.40 31.51 -36.37
C VAL E 27 -24.51 32.38 -37.61
N GLU E 28 -25.73 32.69 -38.00
CA GLU E 28 -25.95 33.57 -39.14
C GLU E 28 -25.34 34.94 -38.90
N ALA E 29 -25.34 35.37 -37.65
CA ALA E 29 -24.79 36.66 -37.28
C ALA E 29 -23.26 36.67 -37.23
N VAL E 30 -22.64 35.51 -36.98
CA VAL E 30 -21.18 35.46 -36.79
C VAL E 30 -20.34 34.72 -37.83
N ALA E 31 -20.87 33.64 -38.39
CA ALA E 31 -20.12 32.78 -39.33
C ALA E 31 -19.23 33.48 -40.37
N SER E 32 -19.81 34.41 -41.13
CA SER E 32 -19.11 35.11 -42.19
C SER E 32 -18.29 36.30 -41.73
N LYS E 33 -18.39 36.63 -40.43
CA LYS E 33 -17.68 37.78 -39.85
C LYS E 33 -16.42 37.39 -39.10
N LEU E 34 -16.02 36.12 -39.21
CA LEU E 34 -14.84 35.61 -38.52
C LEU E 34 -13.61 36.01 -39.27
N PRO E 35 -12.49 36.12 -38.55
CA PRO E 35 -11.25 36.44 -39.22
C PRO E 35 -10.74 35.24 -40.02
N SER E 36 -9.75 35.46 -40.87
CA SER E 36 -9.16 34.41 -41.68
C SER E 36 -8.81 33.17 -40.85
N SER E 37 -9.09 32.01 -41.42
CA SER E 37 -8.81 30.72 -40.76
C SER E 37 -7.30 30.54 -40.44
N ASP E 38 -6.45 31.27 -41.16
CA ASP E 38 -5.00 31.24 -40.92
C ASP E 38 -4.56 32.06 -39.69
N LEU E 39 -5.40 33.03 -39.29
CA LEU E 39 -5.10 33.93 -38.18
C LEU E 39 -5.55 33.38 -36.85
N VAL E 40 -6.77 32.85 -36.81
CA VAL E 40 -7.35 32.30 -35.58
C VAL E 40 -8.39 31.26 -35.89
N GLU E 41 -8.58 30.30 -34.97
CA GLU E 41 -9.60 29.30 -35.09
C GLU E 41 -10.70 29.74 -34.16
N ALA E 42 -11.94 29.75 -34.63
CA ALA E 42 -13.07 30.16 -33.78
C ALA E 42 -14.14 29.10 -33.84
N GLY E 43 -14.71 28.80 -32.67
CA GLY E 43 -15.75 27.82 -32.59
C GLY E 43 -16.71 28.06 -31.45
N ILE E 44 -17.77 27.26 -31.46
CA ILE E 44 -18.81 27.31 -30.44
C ILE E 44 -19.12 25.89 -29.93
N ALA E 45 -19.22 25.75 -28.61
CA ALA E 45 -19.65 24.49 -27.99
C ALA E 45 -21.14 24.64 -27.69
N ALA E 46 -21.96 23.93 -28.50
CA ALA E 46 -23.42 24.07 -28.43
C ALA E 46 -24.10 22.89 -27.76
N PRO E 47 -25.29 23.12 -27.17
CA PRO E 47 -26.02 22.01 -26.58
C PRO E 47 -26.44 20.98 -27.61
N ALA E 48 -26.55 19.72 -27.18
CA ALA E 48 -26.87 18.60 -28.07
C ALA E 48 -28.16 18.83 -28.89
N LEU E 49 -29.18 19.40 -28.26
CA LEU E 49 -30.42 19.70 -28.99
C LEU E 49 -30.20 20.63 -30.21
N ASP E 50 -29.14 21.43 -30.19
CA ASP E 50 -28.90 22.46 -31.20
C ASP E 50 -27.82 22.11 -32.22
N LEU E 51 -27.12 21.01 -32.00
CA LEU E 51 -25.97 20.68 -32.82
C LEU E 51 -26.27 20.48 -34.29
N THR E 52 -27.29 19.72 -34.63
CA THR E 52 -27.61 19.56 -36.06
C THR E 52 -27.93 20.89 -36.73
N THR E 53 -28.60 21.80 -36.00
CA THR E 53 -28.96 23.12 -36.54
C THR E 53 -27.70 23.96 -36.73
N VAL E 54 -26.89 24.04 -35.69
CA VAL E 54 -25.63 24.79 -35.75
C VAL E 54 -24.76 24.29 -36.91
N LEU E 55 -24.65 22.97 -37.05
CA LEU E 55 -23.82 22.38 -38.12
C LEU E 55 -24.33 22.74 -39.50
N ALA E 56 -25.64 22.67 -39.71
CA ALA E 56 -26.23 22.97 -41.04
C ALA E 56 -26.02 24.44 -41.40
N VAL E 57 -26.20 25.31 -40.41
CA VAL E 57 -26.06 26.75 -40.61
C VAL E 57 -24.59 27.16 -40.78
N ALA E 58 -23.70 26.46 -40.08
CA ALA E 58 -22.26 26.71 -40.15
C ALA E 58 -21.54 26.06 -41.34
N LYS E 59 -22.18 25.12 -42.03
CA LYS E 59 -21.51 24.42 -43.12
C LYS E 59 -21.04 25.44 -44.17
N GLY E 60 -19.78 25.34 -44.58
CA GLY E 60 -19.23 26.25 -45.60
C GLY E 60 -18.53 27.45 -45.01
N SER E 61 -18.53 27.56 -43.68
CA SER E 61 -17.86 28.64 -42.97
C SER E 61 -16.67 28.11 -42.19
N ASN E 62 -15.96 29.05 -41.58
CA ASN E 62 -14.82 28.75 -40.72
C ASN E 62 -15.19 28.52 -39.28
N LEU E 63 -16.49 28.56 -38.95
CA LEU E 63 -16.92 28.37 -37.57
C LEU E 63 -16.82 26.89 -37.21
N LYS E 64 -15.93 26.58 -36.26
CA LYS E 64 -15.79 25.21 -35.74
C LYS E 64 -16.91 24.94 -34.73
N VAL E 65 -17.30 23.68 -34.59
CA VAL E 65 -18.45 23.32 -33.80
C VAL E 65 -18.04 22.23 -32.83
N ALA E 66 -18.37 22.47 -31.56
CA ALA E 66 -18.04 21.56 -30.49
C ALA E 66 -19.26 21.11 -29.74
N ALA E 67 -19.24 19.87 -29.25
CA ALA E 67 -20.24 19.41 -28.30
C ALA E 67 -19.69 19.79 -26.93
N GLN E 68 -20.55 19.77 -25.92
CA GLN E 68 -20.17 20.13 -24.52
C GLN E 68 -19.86 18.94 -23.64
N ASN E 69 -20.09 17.73 -24.17
CA ASN E 69 -19.84 16.48 -23.50
C ASN E 69 -20.27 15.36 -24.48
N CYS E 70 -19.78 14.16 -24.22
CA CYS E 70 -20.24 12.95 -24.89
C CYS E 70 -19.91 11.75 -23.99
N TYR E 71 -20.48 10.59 -24.26
CA TYR E 71 -20.16 9.37 -23.50
C TYR E 71 -18.95 8.67 -24.13
N PHE E 72 -18.44 7.63 -23.46
CA PHE E 72 -17.24 6.94 -23.97
C PHE E 72 -17.48 5.68 -24.81
N GLU E 73 -18.75 5.32 -25.02
CA GLU E 73 -19.11 4.18 -25.89
C GLU E 73 -19.77 4.75 -27.13
N ASN E 74 -19.74 3.99 -28.22
CA ASN E 74 -20.35 4.43 -29.49
C ASN E 74 -21.85 4.30 -29.57
N ALA E 75 -22.38 3.26 -28.94
CA ALA E 75 -23.82 3.03 -28.94
C ALA E 75 -24.17 2.05 -27.83
N GLY E 76 -25.43 2.04 -27.40
CA GLY E 76 -25.87 1.06 -26.41
C GLY E 76 -26.87 1.57 -25.40
N ALA E 77 -26.95 0.81 -24.32
CA ALA E 77 -27.94 0.99 -23.28
C ALA E 77 -27.46 2.01 -22.26
N PHE E 78 -27.46 3.26 -22.72
CA PHE E 78 -27.01 4.43 -21.94
C PHE E 78 -28.00 5.54 -22.16
N THR E 79 -29.19 5.33 -21.63
CA THR E 79 -30.30 6.25 -21.79
C THR E 79 -29.87 7.67 -21.44
N GLY E 80 -30.10 8.61 -22.37
CA GLY E 80 -29.82 10.02 -22.13
C GLY E 80 -28.43 10.49 -22.54
N GLU E 81 -27.59 9.57 -22.97
CA GLU E 81 -26.21 9.94 -23.32
C GLU E 81 -26.05 10.30 -24.78
N THR E 82 -25.06 11.14 -25.03
CA THR E 82 -24.72 11.57 -26.39
C THR E 82 -23.54 10.78 -26.92
N SER E 83 -23.75 10.19 -28.11
CA SER E 83 -22.73 9.34 -28.73
C SER E 83 -21.62 10.09 -29.47
N PRO E 84 -20.33 9.76 -29.22
CA PRO E 84 -19.25 10.34 -30.02
C PRO E 84 -19.28 9.87 -31.50
N GLN E 85 -19.82 8.69 -31.74
CA GLN E 85 -19.96 8.15 -33.10
C GLN E 85 -20.91 9.03 -33.91
N VAL E 86 -22.08 9.30 -33.33
CA VAL E 86 -23.07 10.15 -33.96
C VAL E 86 -22.59 11.59 -34.09
N LEU E 87 -21.96 12.13 -33.05
CA LEU E 87 -21.34 13.44 -33.12
C LEU E 87 -20.43 13.54 -34.34
N LYS E 88 -19.63 12.50 -34.61
CA LYS E 88 -18.75 12.52 -35.76
C LYS E 88 -19.56 12.48 -37.03
N GLU E 89 -20.55 11.59 -37.07
CA GLU E 89 -21.40 11.43 -38.24
C GLU E 89 -22.06 12.75 -38.72
N ILE E 90 -22.50 13.59 -37.76
CA ILE E 90 -23.13 14.87 -38.13
C ILE E 90 -22.11 15.97 -38.39
N GLY E 91 -20.82 15.69 -38.17
CA GLY E 91 -19.75 16.61 -38.49
C GLY E 91 -19.16 17.48 -37.40
N THR E 92 -19.36 17.08 -36.15
CA THR E 92 -18.80 17.81 -35.03
C THR E 92 -17.26 17.78 -35.10
N ASP E 93 -16.61 18.90 -34.79
CA ASP E 93 -15.15 19.03 -34.81
C ASP E 93 -14.46 18.71 -33.50
N TYR E 94 -15.02 19.26 -32.43
CA TYR E 94 -14.47 19.13 -31.11
C TYR E 94 -15.50 18.66 -30.07
N VAL E 95 -15.00 18.11 -28.96
CA VAL E 95 -15.87 17.79 -27.77
C VAL E 95 -15.20 18.30 -26.52
N VAL E 96 -15.87 19.19 -25.79
CA VAL E 96 -15.40 19.68 -24.49
C VAL E 96 -15.67 18.52 -23.51
N ILE E 97 -14.66 18.15 -22.74
CA ILE E 97 -14.77 17.15 -21.69
C ILE E 97 -14.10 17.62 -20.41
N GLY E 98 -14.66 17.17 -19.28
CA GLY E 98 -14.10 17.47 -17.98
C GLY E 98 -14.31 18.87 -17.51
N HIS E 99 -15.31 19.54 -18.07
CA HIS E 99 -15.62 20.91 -17.64
C HIS E 99 -15.90 20.88 -16.15
N SER E 100 -15.45 21.92 -15.46
CA SER E 100 -15.66 21.98 -14.02
C SER E 100 -17.10 21.72 -13.58
N GLU E 101 -18.08 22.19 -14.37
CA GLU E 101 -19.49 22.00 -14.02
C GLU E 101 -19.90 20.54 -14.01
N ARG E 102 -19.27 19.76 -14.89
CA ARG E 102 -19.58 18.33 -14.98
C ARG E 102 -18.85 17.53 -13.91
N ARG E 103 -17.63 17.94 -13.60
CA ARG E 103 -16.91 17.35 -12.48
C ARG E 103 -17.62 17.67 -11.15
N ASP E 104 -18.30 18.81 -11.08
CA ASP E 104 -19.01 19.26 -9.85
C ASP E 104 -20.40 18.63 -9.72
N TYR E 105 -21.28 18.96 -10.65
CA TYR E 105 -22.65 18.53 -10.54
C TYR E 105 -22.91 17.12 -10.99
N PHE E 106 -22.16 16.68 -12.00
CA PHE E 106 -22.42 15.42 -12.66
C PHE E 106 -21.40 14.33 -12.41
N HIS E 107 -20.66 14.47 -11.31
CA HIS E 107 -19.83 13.35 -10.80
C HIS E 107 -18.72 12.89 -11.67
N GLU E 108 -18.31 13.70 -12.64
CA GLU E 108 -17.31 13.17 -13.62
C GLU E 108 -15.93 13.04 -13.02
N THR E 109 -15.29 11.90 -13.26
CA THR E 109 -13.95 11.60 -12.72
C THR E 109 -12.86 11.67 -13.75
N ASP E 110 -11.63 11.69 -13.28
CA ASP E 110 -10.47 11.65 -14.17
C ASP E 110 -10.57 10.46 -15.09
N GLU E 111 -10.95 9.32 -14.53
CA GLU E 111 -11.08 8.10 -15.34
C GLU E 111 -12.11 8.28 -16.44
N ASP E 112 -13.27 8.86 -16.13
CA ASP E 112 -14.28 9.09 -17.14
C ASP E 112 -13.74 9.99 -18.26
N ILE E 113 -12.99 11.02 -17.87
N ILE E 113 -12.99 11.02 -17.90
CA ILE E 113 -12.45 12.01 -18.82
CA ILE E 113 -12.50 12.00 -18.87
C ILE E 113 -11.50 11.29 -19.76
C ILE E 113 -11.39 11.42 -19.75
N ASN E 114 -10.60 10.50 -19.20
CA ASN E 114 -9.58 9.77 -19.97
C ASN E 114 -10.28 8.86 -21.00
N LYS E 115 -11.27 8.10 -20.54
CA LYS E 115 -12.04 7.24 -21.45
C LYS E 115 -12.68 8.05 -22.59
N LYS E 116 -13.30 9.18 -22.25
CA LYS E 116 -13.90 10.08 -23.27
C LYS E 116 -12.89 10.57 -24.25
N ALA E 117 -11.71 10.98 -23.77
CA ALA E 117 -10.65 11.46 -24.71
C ALA E 117 -10.32 10.36 -25.74
N LYS E 118 -10.18 9.13 -25.25
CA LYS E 118 -9.88 7.99 -26.15
C LYS E 118 -11.01 7.76 -27.17
N ALA E 119 -12.25 7.90 -26.72
CA ALA E 119 -13.41 7.70 -27.60
C ALA E 119 -13.51 8.79 -28.65
N ILE E 120 -13.15 10.01 -28.24
CA ILE E 120 -13.18 11.15 -29.13
C ILE E 120 -12.19 10.92 -30.29
N PHE E 121 -10.96 10.62 -29.95
CA PHE E 121 -9.96 10.23 -30.96
C PHE E 121 -10.36 9.01 -31.78
N ALA E 122 -10.92 7.98 -31.16
CA ALA E 122 -11.42 6.82 -31.92
C ALA E 122 -12.48 7.19 -32.98
N ASN E 123 -13.28 8.22 -32.70
CA ASN E 123 -14.29 8.75 -33.62
C ASN E 123 -13.87 9.98 -34.40
N GLY E 124 -12.57 10.16 -34.58
CA GLY E 124 -12.03 11.22 -35.43
C GLY E 124 -12.34 12.65 -35.11
N MET E 125 -12.47 12.96 -33.83
CA MET E 125 -12.69 14.33 -33.42
C MET E 125 -11.54 14.70 -32.50
N LEU E 126 -11.58 15.94 -32.02
CA LEU E 126 -10.52 16.43 -31.12
C LEU E 126 -11.13 16.85 -29.81
N PRO E 127 -10.45 16.55 -28.67
CA PRO E 127 -11.00 16.98 -27.38
C PRO E 127 -10.49 18.33 -26.91
N ILE E 128 -11.34 19.03 -26.16
CA ILE E 128 -10.98 20.24 -25.41
C ILE E 128 -11.11 19.75 -23.96
N ILE E 129 -9.97 19.39 -23.37
CA ILE E 129 -9.92 18.79 -22.03
C ILE E 129 -9.79 19.87 -20.97
N CYS E 130 -10.79 19.98 -20.09
CA CYS E 130 -10.77 20.99 -19.03
C CYS E 130 -10.17 20.52 -17.71
N CYS E 131 -9.45 21.43 -17.05
CA CYS E 131 -8.88 21.20 -15.76
C CYS E 131 -8.99 22.54 -15.01
N GLY E 132 -8.68 22.49 -13.72
CA GLY E 132 -8.67 23.69 -12.86
C GLY E 132 -8.91 23.37 -11.40
N GLU E 133 -8.33 24.19 -10.53
CA GLU E 133 -8.38 24.00 -9.09
C GLU E 133 -9.37 24.94 -8.39
N SER E 134 -9.84 24.45 -7.24
CA SER E 134 -10.76 25.17 -6.38
C SER E 134 -10.06 26.24 -5.56
N LEU E 135 -10.87 27.06 -4.89
CA LEU E 135 -10.38 28.07 -3.98
C LEU E 135 -9.53 27.45 -2.88
N GLU E 136 -10.00 26.34 -2.29
CA GLU E 136 -9.25 25.69 -1.20
C GLU E 136 -7.88 25.22 -1.67
N THR E 137 -7.84 24.60 -2.86
CA THR E 137 -6.57 24.11 -3.41
C THR E 137 -5.62 25.28 -3.71
N TYR E 138 -6.18 26.34 -4.29
CA TYR E 138 -5.43 27.55 -4.64
C TYR E 138 -4.80 28.13 -3.38
N GLU E 139 -5.61 28.34 -2.34
CA GLU E 139 -5.13 28.95 -1.06
C GLU E 139 -4.11 28.05 -0.31
N ALA E 140 -4.20 26.75 -0.53
CA ALA E 140 -3.29 25.77 0.04
C ALA E 140 -1.91 25.73 -0.67
N GLY E 141 -1.76 26.45 -1.78
CA GLY E 141 -0.52 26.45 -2.57
C GLY E 141 -0.34 25.22 -3.45
N LYS E 142 -1.40 24.45 -3.65
CA LYS E 142 -1.31 23.19 -4.41
C LYS E 142 -1.87 23.24 -5.85
N ALA E 143 -2.05 24.43 -6.42
CA ALA E 143 -2.63 24.52 -7.79
C ALA E 143 -1.85 23.71 -8.84
N ALA E 144 -0.54 23.86 -8.84
CA ALA E 144 0.34 23.18 -9.77
C ALA E 144 0.22 21.66 -9.62
N GLU E 145 0.29 21.19 -8.38
CA GLU E 145 0.17 19.74 -8.12
C GLU E 145 -1.18 19.20 -8.59
N PHE E 146 -2.25 19.88 -8.20
CA PHE E 146 -3.60 19.43 -8.50
C PHE E 146 -3.91 19.42 -9.97
N VAL E 147 -3.59 20.53 -10.65
CA VAL E 147 -3.89 20.69 -12.10
C VAL E 147 -3.00 19.77 -12.90
N GLY E 148 -1.73 19.67 -12.55
CA GLY E 148 -0.82 18.76 -13.22
C GLY E 148 -1.34 17.33 -13.18
N ALA E 149 -1.78 16.87 -12.01
CA ALA E 149 -2.33 15.53 -11.88
C ALA E 149 -3.57 15.31 -12.75
N GLN E 150 -4.44 16.32 -12.83
CA GLN E 150 -5.62 16.21 -13.70
C GLN E 150 -5.25 16.01 -15.18
N VAL E 151 -4.27 16.80 -15.65
CA VAL E 151 -3.85 16.75 -17.04
C VAL E 151 -3.20 15.38 -17.36
N SER E 152 -2.31 14.93 -16.48
N SER E 152 -2.30 14.95 -16.50
CA SER E 152 -1.64 13.63 -16.66
CA SER E 152 -1.64 13.65 -16.68
C SER E 152 -2.64 12.48 -16.68
C SER E 152 -2.70 12.54 -16.75
N ALA E 153 -3.65 12.55 -15.82
CA ALA E 153 -4.72 11.51 -15.78
C ALA E 153 -5.59 11.53 -17.06
N ALA E 154 -5.95 12.73 -17.51
CA ALA E 154 -6.79 12.86 -18.71
C ALA E 154 -6.10 12.31 -19.96
N LEU E 155 -4.79 12.48 -20.07
CA LEU E 155 -4.04 12.10 -21.28
C LEU E 155 -3.45 10.68 -21.25
N ALA E 156 -3.54 10.01 -20.10
CA ALA E 156 -2.93 8.71 -19.90
C ALA E 156 -3.26 7.73 -21.04
N GLY E 157 -2.23 7.15 -21.64
CA GLY E 157 -2.40 6.18 -22.71
C GLY E 157 -2.69 6.62 -24.13
N LEU E 158 -2.83 7.94 -24.34
CA LEU E 158 -3.00 8.50 -25.69
C LEU E 158 -1.69 8.44 -26.42
N THR E 159 -1.74 8.55 -27.75
CA THR E 159 -0.52 8.56 -28.52
C THR E 159 0.04 9.97 -28.57
N ALA E 160 1.33 10.05 -28.92
CA ALA E 160 1.99 11.33 -29.06
C ALA E 160 1.28 12.24 -30.05
N GLU E 161 0.81 11.66 -31.15
CA GLU E 161 0.11 12.42 -32.18
C GLU E 161 -1.27 12.86 -31.71
N GLN E 162 -1.90 12.08 -30.83
CA GLN E 162 -3.21 12.47 -30.30
C GLN E 162 -3.05 13.64 -29.34
N VAL E 163 -2.05 13.58 -28.46
CA VAL E 163 -1.85 14.66 -27.49
C VAL E 163 -1.46 15.94 -28.23
N ALA E 164 -0.65 15.82 -29.28
CA ALA E 164 -0.21 17.02 -30.01
C ALA E 164 -1.35 17.75 -30.66
N ALA E 165 -2.40 16.99 -31.00
CA ALA E 165 -3.62 17.54 -31.65
C ALA E 165 -4.74 17.95 -30.67
N SER E 166 -4.50 17.74 -29.38
N SER E 166 -4.50 17.75 -29.38
CA SER E 166 -5.46 18.02 -28.33
CA SER E 166 -5.47 18.05 -28.36
C SER E 166 -5.40 19.46 -27.85
C SER E 166 -5.43 19.51 -27.95
N VAL E 167 -6.49 19.90 -27.25
CA VAL E 167 -6.62 21.22 -26.64
C VAL E 167 -6.90 20.99 -25.16
N ILE E 168 -6.27 21.76 -24.29
CA ILE E 168 -6.48 21.67 -22.84
C ILE E 168 -6.89 23.08 -22.37
N ALA E 169 -8.01 23.17 -21.64
CA ALA E 169 -8.50 24.46 -21.11
C ALA E 169 -8.31 24.53 -19.61
N TYR E 170 -7.62 25.56 -19.15
CA TYR E 170 -7.41 25.77 -17.70
C TYR E 170 -8.45 26.77 -17.13
N GLU E 171 -9.24 26.30 -16.19
CA GLU E 171 -10.28 27.10 -15.57
C GLU E 171 -9.87 27.50 -14.13
N PRO E 172 -9.68 28.81 -13.89
CA PRO E 172 -9.33 29.21 -12.53
C PRO E 172 -10.59 29.29 -11.70
N ILE E 173 -11.06 28.13 -11.26
CA ILE E 173 -12.34 28.02 -10.52
C ILE E 173 -12.30 28.89 -9.27
N TRP E 174 -11.11 28.98 -8.69
CA TRP E 174 -10.84 29.79 -7.52
C TRP E 174 -11.17 31.28 -7.68
N ALA E 175 -11.20 31.76 -8.92
CA ALA E 175 -11.45 33.16 -9.21
C ALA E 175 -12.91 33.49 -9.53
N ILE E 176 -13.82 32.53 -9.37
CA ILE E 176 -15.25 32.76 -9.62
C ILE E 176 -15.85 33.76 -8.61
N GLY E 177 -15.48 33.62 -7.33
CA GLY E 177 -15.99 34.50 -6.27
C GLY E 177 -15.54 35.94 -6.43
N THR E 178 -16.35 36.87 -5.93
CA THR E 178 -16.06 38.30 -6.03
C THR E 178 -14.78 38.74 -5.30
N GLY E 179 -14.37 37.96 -4.29
CA GLY E 179 -13.16 38.26 -3.52
C GLY E 179 -11.85 37.90 -4.24
N LYS E 180 -11.95 37.20 -5.39
CA LYS E 180 -10.78 36.78 -6.17
C LYS E 180 -10.85 37.16 -7.67
N SER E 181 -9.73 37.65 -8.18
CA SER E 181 -9.58 38.00 -9.61
C SER E 181 -8.25 37.42 -10.14
N ALA E 182 -8.30 36.81 -11.32
CA ALA E 182 -7.10 36.24 -11.98
C ALA E 182 -6.49 37.31 -12.91
N SER E 183 -5.18 37.19 -13.18
CA SER E 183 -4.44 38.14 -14.00
C SER E 183 -3.73 37.39 -15.12
N GLN E 184 -3.15 38.15 -16.05
CA GLN E 184 -2.35 37.57 -17.12
C GLN E 184 -1.25 36.66 -16.57
N ASP E 185 -0.63 37.04 -15.46
N ASP E 185 -0.64 37.09 -15.45
CA ASP E 185 0.41 36.19 -14.92
CA ASP E 185 0.39 36.33 -14.76
C ASP E 185 -0.17 34.84 -14.46
C ASP E 185 -0.11 34.93 -14.36
N ASP E 186 -1.34 34.87 -13.82
CA ASP E 186 -1.97 33.57 -13.44
C ASP E 186 -2.23 32.70 -14.68
N ALA E 187 -2.70 33.33 -15.75
CA ALA E 187 -3.02 32.61 -17.00
C ALA E 187 -1.77 31.96 -17.57
N GLN E 188 -0.70 32.76 -17.69
CA GLN E 188 0.57 32.26 -18.20
C GLN E 188 1.15 31.13 -17.31
N LYS E 189 1.16 31.36 -16.01
CA LYS E 189 1.75 30.43 -15.08
C LYS E 189 1.04 29.07 -15.13
N MET E 190 -0.29 29.11 -15.07
CA MET E 190 -1.08 27.88 -15.08
C MET E 190 -1.12 27.21 -16.46
N CYS E 191 -1.11 27.99 -17.53
CA CYS E 191 -1.02 27.39 -18.89
C CYS E 191 0.36 26.73 -19.09
N LYS E 192 1.41 27.31 -18.49
N LYS E 192 1.41 27.31 -18.48
CA LYS E 192 2.71 26.70 -18.55
CA LYS E 192 2.74 26.73 -18.54
C LYS E 192 2.74 25.41 -17.70
C LYS E 192 2.80 25.45 -17.66
N VAL E 193 2.06 25.42 -16.55
CA VAL E 193 1.97 24.20 -15.70
C VAL E 193 1.42 23.05 -16.54
N VAL E 194 0.36 23.34 -17.31
CA VAL E 194 -0.27 22.36 -18.19
C VAL E 194 0.74 21.86 -19.22
N ARG E 195 1.41 22.79 -19.89
CA ARG E 195 2.36 22.39 -20.92
C ARG E 195 3.54 21.60 -20.37
N ASP E 196 4.03 21.96 -19.18
CA ASP E 196 5.16 21.27 -18.56
C ASP E 196 4.79 19.83 -18.24
N VAL E 197 3.54 19.58 -17.82
CA VAL E 197 3.07 18.20 -17.60
C VAL E 197 3.02 17.41 -18.92
N VAL E 198 2.56 18.06 -19.98
CA VAL E 198 2.55 17.39 -21.29
C VAL E 198 3.98 17.03 -21.65
N ALA E 199 4.92 17.96 -21.44
CA ALA E 199 6.34 17.68 -21.71
C ALA E 199 6.88 16.50 -20.86
N ALA E 200 6.51 16.44 -19.58
CA ALA E 200 6.91 15.35 -18.71
C ALA E 200 6.40 13.98 -19.15
N ASP E 201 5.17 13.93 -19.61
CA ASP E 201 4.56 12.67 -20.03
C ASP E 201 4.78 12.28 -21.51
N PHE E 202 4.95 13.27 -22.41
CA PHE E 202 5.03 13.00 -23.86
C PHE E 202 6.19 13.63 -24.61
N GLY E 203 6.99 14.44 -23.90
CA GLY E 203 8.14 15.08 -24.52
C GLY E 203 7.83 16.48 -24.96
N GLN E 204 8.86 17.30 -25.04
CA GLN E 204 8.71 18.71 -25.35
C GLN E 204 8.20 18.96 -26.78
N GLU E 205 8.57 18.10 -27.73
CA GLU E 205 8.12 18.22 -29.12
C GLU E 205 6.58 18.17 -29.18
N VAL E 206 5.98 17.25 -28.42
CA VAL E 206 4.52 17.15 -28.33
C VAL E 206 3.98 18.36 -27.55
N ALA E 207 4.62 18.69 -26.42
CA ALA E 207 4.16 19.82 -25.60
C ALA E 207 4.13 21.15 -26.38
N ASP E 208 5.04 21.31 -27.33
CA ASP E 208 5.10 22.52 -28.12
C ASP E 208 4.00 22.60 -29.19
N LYS E 209 3.27 21.51 -29.41
CA LYS E 209 2.17 21.47 -30.39
C LYS E 209 0.82 21.52 -29.72
N VAL E 210 0.72 21.00 -28.50
CA VAL E 210 -0.57 21.01 -27.79
C VAL E 210 -1.01 22.44 -27.53
N ARG E 211 -2.30 22.71 -27.71
CA ARG E 211 -2.82 24.05 -27.49
C ARG E 211 -3.51 24.16 -26.13
N VAL E 212 -3.05 25.13 -25.34
CA VAL E 212 -3.57 25.39 -23.99
C VAL E 212 -4.39 26.68 -23.94
N GLN E 213 -5.66 26.53 -23.63
CA GLN E 213 -6.59 27.66 -23.54
C GLN E 213 -6.71 28.15 -22.11
N TYR E 214 -6.86 29.46 -21.97
CA TYR E 214 -7.17 30.08 -20.69
C TYR E 214 -8.69 30.22 -20.63
N GLY E 215 -9.28 29.67 -19.56
CA GLY E 215 -10.73 29.66 -19.33
C GLY E 215 -11.25 30.69 -18.36
N GLY E 216 -10.37 31.52 -17.82
CA GLY E 216 -10.78 32.58 -16.92
C GLY E 216 -11.35 33.76 -17.67
N SER E 217 -11.79 34.76 -16.92
N SER E 217 -11.88 34.73 -16.93
CA SER E 217 -12.38 35.96 -17.49
CA SER E 217 -12.52 35.92 -17.52
C SER E 217 -11.48 36.69 -18.47
C SER E 217 -11.62 36.79 -18.39
N VAL E 218 -11.99 36.91 -19.68
CA VAL E 218 -11.30 37.75 -20.68
C VAL E 218 -12.35 38.69 -21.28
N LYS E 219 -11.92 39.90 -21.63
CA LYS E 219 -12.82 40.93 -22.14
C LYS E 219 -12.20 41.58 -23.38
N PRO E 220 -12.99 42.39 -24.11
CA PRO E 220 -12.39 43.05 -25.27
C PRO E 220 -11.21 43.97 -24.91
N GLU E 221 -11.20 44.50 -23.70
CA GLU E 221 -10.13 45.41 -23.25
C GLU E 221 -8.85 44.67 -22.91
N ASN E 222 -8.91 43.35 -22.79
CA ASN E 222 -7.70 42.62 -22.40
C ASN E 222 -7.43 41.28 -23.05
N VAL E 223 -8.29 40.82 -23.95
CA VAL E 223 -8.08 39.51 -24.55
C VAL E 223 -6.73 39.42 -25.30
N ALA E 224 -6.39 40.48 -26.03
CA ALA E 224 -5.14 40.50 -26.78
C ALA E 224 -3.95 40.32 -25.87
N SER E 225 -3.98 41.01 -24.73
CA SER E 225 -2.93 40.92 -23.72
C SER E 225 -2.77 39.49 -23.12
N TYR E 226 -3.88 38.80 -22.87
CA TYR E 226 -3.82 37.42 -22.35
C TYR E 226 -3.34 36.50 -23.46
N MET E 227 -3.83 36.67 -24.71
CA MET E 227 -3.44 35.78 -25.82
C MET E 227 -1.94 35.93 -26.19
N ALA E 228 -1.37 37.11 -25.98
CA ALA E 228 0.04 37.36 -26.27
C ALA E 228 1.03 36.67 -25.28
N CME E 229 0.51 36.07 -24.22
CA CME E 229 1.39 35.39 -23.26
CB CME E 229 0.66 35.07 -21.95
SG CME E 229 0.40 36.49 -20.90
SD CME E 229 2.19 37.49 -20.71
CE CME E 229 3.01 36.62 -19.44
CZ CME E 229 2.30 36.81 -18.12
OH CME E 229 2.53 38.13 -17.63
C CME E 229 1.90 34.15 -23.98
O CME E 229 1.15 33.52 -24.72
N PRO E 230 3.18 33.82 -23.81
CA PRO E 230 3.80 32.71 -24.61
C PRO E 230 3.18 31.30 -24.50
N ASP E 231 2.64 30.96 -23.34
CA ASP E 231 2.02 29.64 -23.19
C ASP E 231 0.49 29.61 -23.26
N VAL E 232 -0.11 30.75 -23.59
CA VAL E 232 -1.58 30.87 -23.80
C VAL E 232 -1.90 30.80 -25.29
N ASP E 233 -2.72 29.83 -25.67
CA ASP E 233 -3.02 29.63 -27.11
C ASP E 233 -4.49 29.84 -27.46
N GLY E 234 -5.22 30.48 -26.57
CA GLY E 234 -6.62 30.68 -26.78
C GLY E 234 -7.39 30.92 -25.51
N ALA E 235 -8.70 30.88 -25.68
CA ALA E 235 -9.61 31.06 -24.59
C ALA E 235 -10.83 30.17 -24.75
N LEU E 236 -11.23 29.55 -23.65
CA LEU E 236 -12.53 28.89 -23.53
C LEU E 236 -13.41 29.95 -22.82
N VAL E 237 -14.31 30.55 -23.58
CA VAL E 237 -15.14 31.68 -23.13
C VAL E 237 -16.56 31.26 -22.76
N GLY E 238 -17.05 31.73 -21.60
CA GLY E 238 -18.39 31.38 -21.17
C GLY E 238 -19.42 32.42 -21.54
N GLY E 239 -19.83 33.20 -20.54
CA GLY E 239 -20.89 34.20 -20.74
C GLY E 239 -20.78 35.11 -21.97
N ALA E 240 -19.58 35.61 -22.28
CA ALA E 240 -19.43 36.49 -23.48
C ALA E 240 -19.71 35.83 -24.84
N SER E 241 -19.72 34.50 -24.89
CA SER E 241 -20.00 33.79 -26.14
C SER E 241 -21.48 33.72 -26.48
N LEU E 242 -22.36 34.16 -25.59
CA LEU E 242 -23.80 34.09 -25.82
C LEU E 242 -24.35 35.15 -26.79
N GLU E 243 -23.71 36.31 -26.84
N GLU E 243 -23.71 36.31 -26.85
CA GLU E 243 -24.13 37.38 -27.73
CA GLU E 243 -24.15 37.36 -27.75
C GLU E 243 -23.17 37.45 -28.93
C GLU E 243 -23.18 37.46 -28.93
N ALA E 244 -23.74 37.57 -30.12
CA ALA E 244 -22.94 37.61 -31.34
C ALA E 244 -21.85 38.71 -31.31
N GLU E 245 -22.23 39.92 -30.93
CA GLU E 245 -21.25 41.03 -30.89
C GLU E 245 -20.14 40.85 -29.83
N SER E 246 -20.48 40.34 -28.65
CA SER E 246 -19.47 40.09 -27.62
C SER E 246 -18.52 38.96 -28.05
N PHE E 247 -19.06 37.99 -28.79
CA PHE E 247 -18.23 36.87 -29.24
C PHE E 247 -17.24 37.39 -30.27
N LEU E 248 -17.76 38.11 -31.26
CA LEU E 248 -16.92 38.67 -32.32
C LEU E 248 -15.85 39.59 -31.77
N ALA E 249 -16.19 40.37 -30.75
CA ALA E 249 -15.24 41.31 -30.13
C ALA E 249 -14.00 40.65 -29.55
N LEU E 250 -14.08 39.35 -29.25
CA LEU E 250 -12.96 38.57 -28.71
C LEU E 250 -12.00 38.00 -29.77
N LEU E 251 -12.29 38.23 -31.06
CA LEU E 251 -11.44 37.77 -32.15
C LEU E 251 -10.63 38.92 -32.76
N ASP E 252 -10.71 40.10 -32.16
CA ASP E 252 -10.01 41.31 -32.69
C ASP E 252 -8.50 41.29 -32.51
N PHE E 253 -7.98 40.41 -31.64
CA PHE E 253 -6.53 40.34 -31.38
C PHE E 253 -5.62 39.85 -32.53
N VAL E 254 -6.17 39.20 -33.56
CA VAL E 254 -5.34 38.72 -34.68
C VAL E 254 -5.39 39.68 -35.88
N SER F 5 -61.34 4.98 -18.73
CA SER F 5 -60.36 3.88 -18.96
C SER F 5 -59.00 4.45 -19.31
N ARG F 6 -57.93 3.76 -18.87
CA ARG F 6 -56.56 4.22 -19.11
C ARG F 6 -56.09 3.86 -20.51
N LYS F 7 -55.67 4.89 -21.23
CA LYS F 7 -55.21 4.75 -22.60
C LYS F 7 -53.85 4.08 -22.61
N PRO F 8 -53.74 2.88 -23.22
CA PRO F 8 -52.43 2.24 -23.22
C PRO F 8 -51.37 3.08 -23.93
N PHE F 9 -50.13 3.01 -23.45
CA PHE F 9 -49.05 3.82 -23.99
C PHE F 9 -47.77 3.00 -24.20
N ILE F 10 -47.40 2.85 -25.47
CA ILE F 10 -46.16 2.17 -25.89
C ILE F 10 -45.12 3.23 -26.25
N ALA F 11 -44.09 3.34 -25.41
CA ALA F 11 -43.03 4.29 -25.64
C ALA F 11 -41.75 3.53 -25.94
N GLY F 12 -41.18 3.76 -27.12
CA GLY F 12 -39.96 3.09 -27.54
C GLY F 12 -38.73 3.85 -27.10
N ASN F 13 -38.01 3.32 -26.13
CA ASN F 13 -36.76 3.96 -25.65
C ASN F 13 -35.60 3.48 -26.49
N TRP F 14 -35.15 4.31 -27.43
CA TRP F 14 -34.01 3.96 -28.30
C TRP F 14 -32.67 3.90 -27.56
N LYS F 15 -32.63 4.48 -26.37
CA LYS F 15 -31.40 4.62 -25.62
C LYS F 15 -30.37 5.32 -26.50
N MET F 16 -29.08 5.00 -26.35
CA MET F 16 -28.05 5.74 -27.13
C MET F 16 -27.82 5.04 -28.48
N ASN F 17 -28.81 5.13 -29.36
CA ASN F 17 -28.76 4.53 -30.69
C ASN F 17 -29.42 5.47 -31.67
N LYS F 18 -28.83 5.51 -32.87
CA LYS F 18 -29.35 6.24 -34.03
C LYS F 18 -28.84 7.64 -34.23
N ASN F 19 -28.44 7.91 -35.47
CA ASN F 19 -28.05 9.23 -35.90
C ASN F 19 -29.31 9.89 -36.49
N PRO F 20 -29.24 11.18 -36.86
CA PRO F 20 -30.46 11.85 -37.35
C PRO F 20 -31.08 11.25 -38.62
N GLU F 21 -30.25 10.76 -39.54
CA GLU F 21 -30.76 10.16 -40.74
C GLU F 21 -31.46 8.86 -40.47
N GLU F 22 -30.90 8.06 -39.54
CA GLU F 22 -31.53 6.80 -39.15
C GLU F 22 -32.85 7.06 -38.42
N ALA F 23 -32.86 8.12 -37.63
CA ALA F 23 -34.06 8.52 -36.89
C ALA F 23 -35.13 8.95 -37.87
N LYS F 24 -34.74 9.76 -38.85
CA LYS F 24 -35.64 10.26 -39.89
C LYS F 24 -36.30 9.10 -40.63
N ALA F 25 -35.49 8.13 -41.04
CA ALA F 25 -35.98 6.96 -41.77
C ALA F 25 -37.01 6.15 -40.98
N PHE F 26 -36.75 5.98 -39.69
CA PHE F 26 -37.61 5.23 -38.83
C PHE F 26 -38.96 5.92 -38.73
N VAL F 27 -38.94 7.24 -38.48
CA VAL F 27 -40.16 8.00 -38.32
C VAL F 27 -40.97 7.96 -39.62
N GLU F 28 -40.31 8.03 -40.76
CA GLU F 28 -41.00 7.96 -42.06
C GLU F 28 -41.62 6.59 -42.28
N ALA F 29 -41.02 5.56 -41.68
CA ALA F 29 -41.54 4.20 -41.82
C ALA F 29 -42.75 3.91 -40.90
N VAL F 30 -42.88 4.65 -39.79
CA VAL F 30 -43.93 4.38 -38.80
C VAL F 30 -45.01 5.46 -38.60
N ALA F 31 -44.66 6.73 -38.81
CA ALA F 31 -45.59 7.84 -38.50
C ALA F 31 -46.97 7.71 -39.14
N SER F 32 -47.02 7.44 -40.44
CA SER F 32 -48.31 7.33 -41.17
C SER F 32 -49.03 5.98 -41.01
N LYS F 33 -48.45 5.04 -40.26
CA LYS F 33 -49.03 3.70 -40.09
C LYS F 33 -49.44 3.37 -38.64
N LEU F 34 -49.40 4.35 -37.75
CA LEU F 34 -49.77 4.13 -36.36
C LEU F 34 -51.28 3.88 -36.23
N PRO F 35 -51.70 3.12 -35.20
CA PRO F 35 -53.13 2.94 -34.99
C PRO F 35 -53.78 4.25 -34.54
N SER F 36 -55.10 4.27 -34.56
CA SER F 36 -55.88 5.43 -34.12
C SER F 36 -55.49 5.80 -32.67
N SER F 37 -55.40 7.10 -32.39
CA SER F 37 -55.05 7.59 -31.05
C SER F 37 -56.02 7.09 -29.97
N ASP F 38 -57.25 6.80 -30.38
CA ASP F 38 -58.28 6.27 -29.48
C ASP F 38 -57.92 4.90 -28.92
N LEU F 39 -57.15 4.11 -29.67
CA LEU F 39 -56.80 2.74 -29.26
C LEU F 39 -55.53 2.64 -28.42
N VAL F 40 -54.48 3.32 -28.86
CA VAL F 40 -53.21 3.28 -28.16
C VAL F 40 -52.36 4.52 -28.45
N GLU F 41 -51.62 4.95 -27.45
CA GLU F 41 -50.68 6.05 -27.59
C GLU F 41 -49.31 5.44 -27.89
N ALA F 42 -48.64 5.98 -28.89
CA ALA F 42 -47.36 5.47 -29.34
C ALA F 42 -46.36 6.57 -29.35
N GLY F 43 -45.16 6.30 -28.86
CA GLY F 43 -44.12 7.33 -28.81
C GLY F 43 -42.72 6.79 -28.88
N ILE F 44 -41.75 7.69 -29.14
CA ILE F 44 -40.34 7.31 -29.22
C ILE F 44 -39.52 8.23 -28.36
N ALA F 45 -38.65 7.65 -27.53
CA ALA F 45 -37.69 8.46 -26.71
C ALA F 45 -36.39 8.41 -27.48
N ALA F 46 -36.06 9.53 -28.12
CA ALA F 46 -34.89 9.63 -28.99
C ALA F 46 -33.74 10.43 -28.40
N PRO F 47 -32.49 10.15 -28.86
CA PRO F 47 -31.34 10.91 -28.37
C PRO F 47 -31.50 12.39 -28.62
N ALA F 48 -30.93 13.22 -27.74
CA ALA F 48 -31.04 14.66 -27.91
C ALA F 48 -30.56 15.16 -29.25
N LEU F 49 -29.49 14.57 -29.81
CA LEU F 49 -28.95 15.00 -31.11
C LEU F 49 -29.98 14.80 -32.23
N ASP F 50 -30.87 13.83 -32.03
CA ASP F 50 -31.90 13.46 -33.04
C ASP F 50 -33.29 14.11 -32.90
N LEU F 51 -33.55 14.78 -31.79
CA LEU F 51 -34.92 15.27 -31.51
C LEU F 51 -35.55 16.27 -32.49
N THR F 52 -34.79 17.26 -32.93
CA THR F 52 -35.37 18.22 -33.88
C THR F 52 -35.74 17.48 -35.18
N THR F 53 -34.92 16.49 -35.56
CA THR F 53 -35.17 15.68 -36.74
C THR F 53 -36.43 14.85 -36.63
N VAL F 54 -36.59 14.16 -35.50
CA VAL F 54 -37.77 13.36 -35.20
C VAL F 54 -39.05 14.22 -35.15
N LEU F 55 -38.99 15.35 -34.45
CA LEU F 55 -40.15 16.22 -34.36
C LEU F 55 -40.64 16.71 -35.73
N ALA F 56 -39.68 17.12 -36.55
CA ALA F 56 -39.95 17.61 -37.88
C ALA F 56 -40.62 16.55 -38.75
N VAL F 57 -40.07 15.34 -38.73
CA VAL F 57 -40.60 14.26 -39.56
C VAL F 57 -41.95 13.77 -39.02
N ALA F 58 -42.13 13.80 -37.69
CA ALA F 58 -43.38 13.34 -37.09
C ALA F 58 -44.50 14.37 -37.15
N LYS F 59 -44.20 15.60 -37.58
CA LYS F 59 -45.20 16.66 -37.56
C LYS F 59 -46.45 16.30 -38.38
N GLY F 60 -47.61 16.44 -37.75
CA GLY F 60 -48.90 16.12 -38.36
C GLY F 60 -49.40 14.72 -38.02
N SER F 61 -48.51 13.88 -37.49
CA SER F 61 -48.85 12.49 -37.14
C SER F 61 -49.23 12.40 -35.67
N ASN F 62 -49.68 11.22 -35.24
CA ASN F 62 -49.96 10.99 -33.81
C ASN F 62 -48.76 10.34 -33.07
N LEU F 63 -47.57 10.41 -33.65
CA LEU F 63 -46.38 9.89 -32.98
C LEU F 63 -45.97 10.89 -31.89
N LYS F 64 -45.90 10.41 -30.65
CA LYS F 64 -45.44 11.25 -29.53
C LYS F 64 -43.92 11.18 -29.44
N VAL F 65 -43.30 12.29 -29.09
CA VAL F 65 -41.86 12.37 -29.05
C VAL F 65 -41.41 12.65 -27.61
N ALA F 66 -40.43 11.89 -27.16
CA ALA F 66 -39.92 12.01 -25.80
C ALA F 66 -38.45 12.22 -25.78
N ALA F 67 -37.98 12.96 -24.79
CA ALA F 67 -36.53 13.07 -24.57
C ALA F 67 -36.18 11.94 -23.57
N GLN F 68 -34.90 11.56 -23.49
CA GLN F 68 -34.46 10.47 -22.58
C GLN F 68 -33.94 10.97 -21.22
N ASN F 69 -33.83 12.29 -21.07
CA ASN F 69 -33.43 12.95 -19.82
C ASN F 69 -33.46 14.47 -20.03
N CYS F 70 -33.49 15.22 -18.94
CA CYS F 70 -33.32 16.64 -18.95
C CYS F 70 -32.83 17.07 -17.58
N TYR F 71 -32.34 18.30 -17.49
CA TYR F 71 -31.91 18.88 -16.22
C TYR F 71 -33.12 19.58 -15.60
N PHE F 72 -32.97 20.09 -14.40
CA PHE F 72 -34.08 20.71 -13.65
C PHE F 72 -34.05 22.26 -13.58
N GLU F 73 -33.24 22.90 -14.42
N GLU F 73 -33.23 22.88 -14.42
CA GLU F 73 -33.22 24.35 -14.54
CA GLU F 73 -33.13 24.34 -14.57
C GLU F 73 -33.42 24.62 -16.02
C GLU F 73 -33.43 24.61 -16.03
N ASN F 74 -33.98 25.77 -16.34
CA ASN F 74 -34.25 26.11 -17.77
C ASN F 74 -32.99 26.53 -18.52
N ALA F 75 -32.11 27.25 -17.85
CA ALA F 75 -30.91 27.74 -18.52
C ALA F 75 -29.85 28.04 -17.53
N GLY F 76 -28.59 28.00 -17.96
CA GLY F 76 -27.51 28.39 -17.08
C GLY F 76 -26.22 27.65 -17.26
N ALA F 77 -25.39 27.76 -16.24
CA ALA F 77 -24.03 27.23 -16.30
C ALA F 77 -23.99 25.78 -15.92
N PHE F 78 -24.50 24.97 -16.83
CA PHE F 78 -24.60 23.50 -16.67
C PHE F 78 -24.15 22.86 -17.99
N THR F 79 -22.86 23.00 -18.25
CA THR F 79 -22.20 22.49 -19.47
C THR F 79 -22.59 21.05 -19.69
N GLY F 80 -23.12 20.78 -20.88
CA GLY F 80 -23.49 19.44 -21.27
C GLY F 80 -24.90 19.00 -21.00
N GLU F 81 -25.70 19.84 -20.35
CA GLU F 81 -27.08 19.49 -20.01
C GLU F 81 -28.14 19.92 -21.06
N THR F 82 -29.22 19.14 -21.08
CA THR F 82 -30.38 19.35 -21.93
C THR F 82 -31.45 20.07 -21.12
N SER F 83 -31.86 21.22 -21.65
CA SER F 83 -32.85 22.07 -21.03
C SER F 83 -34.30 21.64 -21.26
N PRO F 84 -35.14 21.55 -20.20
CA PRO F 84 -36.58 21.27 -20.41
C PRO F 84 -37.31 22.41 -21.10
N GLN F 85 -36.80 23.64 -20.94
CA GLN F 85 -37.43 24.77 -21.63
C GLN F 85 -37.22 24.65 -23.11
N VAL F 86 -35.99 24.34 -23.51
CA VAL F 86 -35.73 24.11 -24.92
C VAL F 86 -36.50 22.89 -25.42
N LEU F 87 -36.58 21.81 -24.64
CA LEU F 87 -37.40 20.64 -25.06
C LEU F 87 -38.84 21.06 -25.39
N LYS F 88 -39.45 21.88 -24.55
CA LYS F 88 -40.80 22.38 -24.81
C LYS F 88 -40.81 23.25 -26.09
N GLU F 89 -39.86 24.17 -26.20
CA GLU F 89 -39.79 25.10 -27.35
C GLU F 89 -39.72 24.38 -28.69
N ILE F 90 -39.03 23.26 -28.74
CA ILE F 90 -38.93 22.49 -29.98
C ILE F 90 -40.15 21.59 -30.25
N GLY F 91 -40.97 21.35 -29.23
CA GLY F 91 -42.22 20.58 -29.41
C GLY F 91 -42.31 19.22 -28.77
N THR F 92 -41.38 18.90 -27.90
CA THR F 92 -41.34 17.61 -27.19
C THR F 92 -42.59 17.34 -26.31
N ASP F 93 -43.04 16.09 -26.25
CA ASP F 93 -44.23 15.73 -25.45
C ASP F 93 -43.93 15.27 -24.01
N TYR F 94 -43.01 14.29 -23.93
CA TYR F 94 -42.63 13.61 -22.69
C TYR F 94 -41.15 13.68 -22.47
N VAL F 95 -40.74 13.46 -21.23
CA VAL F 95 -39.32 13.31 -20.91
C VAL F 95 -39.25 12.13 -19.95
N VAL F 96 -38.45 11.14 -20.33
CA VAL F 96 -38.11 10.02 -19.46
C VAL F 96 -37.07 10.51 -18.41
N ILE F 97 -37.37 10.23 -17.15
CA ILE F 97 -36.46 10.55 -16.07
C ILE F 97 -36.31 9.40 -15.10
N GLY F 98 -35.13 9.29 -14.50
CA GLY F 98 -34.90 8.28 -13.49
C GLY F 98 -34.68 6.90 -14.03
N HIS F 99 -34.41 6.77 -15.32
CA HIS F 99 -34.14 5.46 -15.91
C HIS F 99 -32.99 4.79 -15.15
N SER F 100 -33.13 3.49 -14.91
CA SER F 100 -32.14 2.69 -14.18
C SER F 100 -30.69 2.96 -14.58
N GLU F 101 -30.49 3.15 -15.89
CA GLU F 101 -29.15 3.40 -16.41
C GLU F 101 -28.56 4.72 -15.93
N ARG F 102 -29.44 5.71 -15.76
CA ARG F 102 -29.02 7.02 -15.29
C ARG F 102 -28.84 7.03 -13.80
N ARG F 103 -29.69 6.29 -13.07
CA ARG F 103 -29.49 6.13 -11.64
C ARG F 103 -28.19 5.39 -11.33
N ASP F 104 -27.78 4.51 -12.25
CA ASP F 104 -26.58 3.69 -12.11
C ASP F 104 -25.32 4.44 -12.56
N TYR F 105 -25.15 4.58 -13.86
CA TYR F 105 -23.96 5.22 -14.39
C TYR F 105 -23.73 6.67 -13.97
N PHE F 106 -24.82 7.42 -13.80
CA PHE F 106 -24.77 8.87 -13.56
C PHE F 106 -25.22 9.30 -12.16
N HIS F 107 -25.38 8.33 -11.26
CA HIS F 107 -25.70 8.57 -9.87
C HIS F 107 -26.91 9.50 -9.66
N GLU F 108 -27.90 9.41 -10.53
CA GLU F 108 -29.10 10.22 -10.35
C GLU F 108 -29.85 9.77 -9.11
N THR F 109 -30.35 10.74 -8.34
CA THR F 109 -31.00 10.44 -7.10
C THR F 109 -32.48 10.73 -7.13
N ASP F 110 -33.18 10.24 -6.12
CA ASP F 110 -34.60 10.55 -5.96
C ASP F 110 -34.86 12.06 -6.00
N GLU F 111 -34.04 12.84 -5.27
CA GLU F 111 -34.18 14.31 -5.28
C GLU F 111 -34.01 14.89 -6.68
N ASP F 112 -33.02 14.40 -7.44
CA ASP F 112 -32.86 14.85 -8.83
C ASP F 112 -34.16 14.59 -9.63
N ILE F 113 -34.75 13.43 -9.42
CA ILE F 113 -35.92 13.02 -10.17
C ILE F 113 -37.13 13.85 -9.74
N ASN F 114 -37.26 14.10 -8.44
CA ASN F 114 -38.37 14.92 -7.95
C ASN F 114 -38.29 16.30 -8.62
N LYS F 115 -37.08 16.89 -8.67
CA LYS F 115 -36.88 18.20 -9.30
C LYS F 115 -37.17 18.20 -10.78
N LYS F 116 -36.71 17.15 -11.45
CA LYS F 116 -36.98 17.00 -12.86
C LYS F 116 -38.45 16.92 -13.19
N ALA F 117 -39.21 16.11 -12.45
CA ALA F 117 -40.65 15.96 -12.71
C ALA F 117 -41.32 17.35 -12.59
N LYS F 118 -40.95 18.12 -11.57
CA LYS F 118 -41.51 19.48 -11.35
C LYS F 118 -41.16 20.42 -12.50
N ALA F 119 -39.93 20.35 -12.98
CA ALA F 119 -39.42 21.16 -14.10
C ALA F 119 -40.14 20.82 -15.41
N ILE F 120 -40.43 19.54 -15.58
CA ILE F 120 -41.13 19.05 -16.79
C ILE F 120 -42.56 19.62 -16.79
N PHE F 121 -43.26 19.56 -15.67
CA PHE F 121 -44.59 20.16 -15.60
C PHE F 121 -44.54 21.65 -15.69
N ALA F 122 -43.53 22.28 -15.08
CA ALA F 122 -43.47 23.73 -15.12
C ALA F 122 -43.29 24.19 -16.57
N ASN F 123 -42.64 23.36 -17.38
CA ASN F 123 -42.44 23.63 -18.82
C ASN F 123 -43.51 23.09 -19.78
N GLY F 124 -44.64 22.62 -19.24
CA GLY F 124 -45.75 22.15 -20.07
C GLY F 124 -45.62 20.83 -20.77
N MET F 125 -44.76 19.94 -20.26
CA MET F 125 -44.58 18.59 -20.83
C MET F 125 -44.98 17.58 -19.77
N LEU F 126 -44.82 16.29 -20.09
CA LEU F 126 -45.22 15.18 -19.21
C LEU F 126 -44.06 14.25 -18.88
N PRO F 127 -43.94 13.83 -17.61
CA PRO F 127 -42.83 12.95 -17.28
C PRO F 127 -43.16 11.47 -17.41
N ILE F 128 -42.16 10.69 -17.79
CA ILE F 128 -42.24 9.20 -17.73
C ILE F 128 -41.21 8.92 -16.66
N ILE F 129 -41.70 8.67 -15.44
CA ILE F 129 -40.85 8.47 -14.23
C ILE F 129 -40.52 7.00 -14.04
N CYS F 130 -39.22 6.67 -14.10
CA CYS F 130 -38.79 5.28 -13.96
C CYS F 130 -38.39 4.93 -12.53
N CYS F 131 -38.66 3.69 -12.18
CA CYS F 131 -38.32 3.17 -10.87
C CYS F 131 -38.07 1.66 -11.06
N GLY F 132 -37.58 0.99 -10.03
CA GLY F 132 -37.27 -0.44 -10.15
C GLY F 132 -36.20 -0.87 -9.17
N GLU F 133 -36.23 -2.15 -8.75
CA GLU F 133 -35.30 -2.62 -7.75
C GLU F 133 -34.20 -3.52 -8.34
N SER F 134 -33.04 -3.50 -7.69
CA SER F 134 -31.89 -4.31 -8.07
C SER F 134 -32.05 -5.76 -7.62
N LEU F 135 -31.08 -6.60 -7.99
CA LEU F 135 -31.10 -8.01 -7.64
C LEU F 135 -31.05 -8.23 -6.13
N GLU F 136 -30.12 -7.56 -5.47
CA GLU F 136 -29.97 -7.64 -4.02
C GLU F 136 -31.32 -7.39 -3.33
N THR F 137 -31.94 -6.28 -3.68
CA THR F 137 -33.25 -5.90 -3.11
C THR F 137 -34.33 -6.96 -3.43
N TYR F 138 -34.36 -7.42 -4.67
CA TYR F 138 -35.31 -8.45 -5.12
C TYR F 138 -35.18 -9.76 -4.35
N GLU F 139 -33.96 -10.28 -4.22
N GLU F 139 -33.96 -10.28 -4.23
CA GLU F 139 -33.75 -11.53 -3.49
CA GLU F 139 -33.71 -11.51 -3.48
C GLU F 139 -34.01 -11.36 -2.01
C GLU F 139 -34.08 -11.35 -2.02
N ALA F 140 -33.86 -10.14 -1.49
CA ALA F 140 -34.14 -9.84 -0.07
C ALA F 140 -35.64 -9.81 0.25
N GLY F 141 -36.49 -9.71 -0.77
CA GLY F 141 -37.93 -9.64 -0.61
C GLY F 141 -38.39 -8.23 -0.31
N LYS F 142 -37.59 -7.22 -0.69
CA LYS F 142 -37.88 -5.83 -0.38
C LYS F 142 -38.26 -4.98 -1.59
N ALA F 143 -38.60 -5.64 -2.70
CA ALA F 143 -38.95 -4.93 -3.92
C ALA F 143 -40.08 -3.90 -3.73
N ALA F 144 -41.20 -4.33 -3.15
CA ALA F 144 -42.35 -3.45 -2.92
C ALA F 144 -41.99 -2.23 -2.07
N GLU F 145 -41.20 -2.46 -1.02
N GLU F 145 -41.21 -2.46 -1.01
CA GLU F 145 -40.76 -1.42 -0.12
CA GLU F 145 -40.75 -1.39 -0.13
C GLU F 145 -39.83 -0.40 -0.81
C GLU F 145 -39.86 -0.39 -0.85
N PHE F 146 -38.87 -0.91 -1.57
CA PHE F 146 -37.91 -0.09 -2.28
C PHE F 146 -38.55 0.74 -3.41
N VAL F 147 -39.33 0.09 -4.26
CA VAL F 147 -40.03 0.74 -5.37
C VAL F 147 -41.04 1.77 -4.82
N GLY F 148 -41.79 1.36 -3.81
CA GLY F 148 -42.73 2.27 -3.17
C GLY F 148 -42.07 3.57 -2.71
N ALA F 149 -40.90 3.45 -2.08
CA ALA F 149 -40.22 4.63 -1.56
C ALA F 149 -39.75 5.52 -2.73
N GLN F 150 -39.35 4.90 -3.84
CA GLN F 150 -38.93 5.66 -5.01
C GLN F 150 -40.09 6.44 -5.59
N VAL F 151 -41.25 5.79 -5.68
CA VAL F 151 -42.44 6.43 -6.24
C VAL F 151 -42.87 7.59 -5.34
N SER F 152 -42.95 7.37 -4.03
CA SER F 152 -43.32 8.46 -3.11
C SER F 152 -42.37 9.65 -3.23
N ALA F 153 -41.08 9.38 -3.25
CA ALA F 153 -40.10 10.47 -3.32
C ALA F 153 -40.17 11.22 -4.64
N ALA F 154 -40.41 10.54 -5.78
CA ALA F 154 -40.47 11.24 -7.05
C ALA F 154 -41.68 12.16 -7.20
N LEU F 155 -42.81 11.73 -6.64
CA LEU F 155 -44.05 12.45 -6.78
C LEU F 155 -44.32 13.49 -5.69
N ALA F 156 -43.55 13.44 -4.60
CA ALA F 156 -43.81 14.34 -3.48
C ALA F 156 -43.87 15.79 -3.94
N GLY F 157 -44.95 16.47 -3.56
CA GLY F 157 -45.15 17.88 -3.88
C GLY F 157 -45.86 18.20 -5.17
N LEU F 158 -46.05 17.21 -6.04
CA LEU F 158 -46.84 17.40 -7.25
C LEU F 158 -48.33 17.57 -6.91
N THR F 159 -49.09 18.20 -7.80
CA THR F 159 -50.56 18.36 -7.59
C THR F 159 -51.23 17.05 -7.96
N ALA F 160 -52.45 16.86 -7.49
CA ALA F 160 -53.18 15.66 -7.80
C ALA F 160 -53.37 15.54 -9.31
N GLU F 161 -53.61 16.68 -9.98
CA GLU F 161 -53.77 16.68 -11.44
C GLU F 161 -52.48 16.30 -12.17
N GLN F 162 -51.35 16.74 -11.63
CA GLN F 162 -50.04 16.37 -12.18
C GLN F 162 -49.75 14.87 -12.03
N VAL F 163 -50.01 14.31 -10.85
CA VAL F 163 -49.78 12.88 -10.61
C VAL F 163 -50.69 12.07 -11.57
N ALA F 164 -51.95 12.47 -11.66
CA ALA F 164 -52.88 11.76 -12.53
C ALA F 164 -52.45 11.78 -14.01
N ALA F 165 -51.74 12.84 -14.42
CA ALA F 165 -51.21 12.98 -15.79
C ALA F 165 -49.80 12.37 -16.04
N SER F 166 -49.14 11.93 -14.98
N SER F 166 -49.12 11.93 -14.99
CA SER F 166 -47.80 11.33 -15.10
CA SER F 166 -47.78 11.36 -15.15
C SER F 166 -47.87 9.90 -15.61
C SER F 166 -47.83 9.89 -15.53
N VAL F 167 -46.74 9.42 -16.12
CA VAL F 167 -46.58 8.03 -16.52
C VAL F 167 -45.46 7.52 -15.64
N ILE F 168 -45.66 6.35 -15.01
CA ILE F 168 -44.61 5.73 -14.20
C ILE F 168 -44.22 4.39 -14.86
N ALA F 169 -42.92 4.18 -15.09
CA ALA F 169 -42.42 2.93 -15.71
C ALA F 169 -41.64 2.08 -14.70
N TYR F 170 -42.11 0.85 -14.47
CA TYR F 170 -41.45 -0.10 -13.58
C TYR F 170 -40.44 -0.94 -14.35
N GLU F 171 -39.18 -0.92 -13.90
CA GLU F 171 -38.08 -1.67 -14.50
C GLU F 171 -37.63 -2.78 -13.54
N PRO F 172 -37.74 -4.05 -13.94
CA PRO F 172 -37.19 -5.08 -13.08
C PRO F 172 -35.70 -5.15 -13.39
N ILE F 173 -34.93 -4.33 -12.69
CA ILE F 173 -33.52 -4.15 -12.99
C ILE F 173 -32.74 -5.46 -12.90
N TRP F 174 -33.16 -6.31 -11.97
CA TRP F 174 -32.58 -7.61 -11.75
C TRP F 174 -32.70 -8.55 -12.98
N ALA F 175 -33.57 -8.21 -13.93
CA ALA F 175 -33.80 -9.02 -15.13
C ALA F 175 -33.55 -8.28 -16.45
N ILE F 176 -32.72 -7.22 -16.43
CA ILE F 176 -32.42 -6.44 -17.66
C ILE F 176 -30.91 -6.49 -17.95
N GLY F 177 -30.53 -7.39 -18.86
CA GLY F 177 -29.13 -7.65 -19.25
C GLY F 177 -28.30 -8.27 -18.13
N THR F 178 -28.91 -9.18 -17.39
CA THR F 178 -28.30 -9.81 -16.23
C THR F 178 -28.25 -11.34 -16.31
N GLY F 179 -28.82 -11.90 -17.38
CA GLY F 179 -28.92 -13.34 -17.55
C GLY F 179 -30.17 -13.91 -16.91
N LYS F 180 -31.06 -13.06 -16.41
CA LYS F 180 -32.30 -13.56 -15.82
C LYS F 180 -33.51 -12.93 -16.52
N SER F 181 -34.68 -13.55 -16.37
CA SER F 181 -35.95 -13.05 -16.97
C SER F 181 -37.07 -12.82 -15.95
N ALA F 182 -37.90 -11.80 -16.23
CA ALA F 182 -39.09 -11.49 -15.44
C ALA F 182 -40.30 -12.01 -16.24
N SER F 183 -41.46 -12.08 -15.58
CA SER F 183 -42.68 -12.62 -16.20
C SER F 183 -43.84 -11.61 -16.11
N GLN F 184 -44.95 -11.95 -16.78
CA GLN F 184 -46.18 -11.12 -16.75
C GLN F 184 -46.66 -11.01 -15.30
N ASP F 185 -46.47 -12.08 -14.53
CA ASP F 185 -46.83 -12.12 -13.10
C ASP F 185 -46.04 -11.04 -12.33
N ASP F 186 -44.74 -10.93 -12.62
CA ASP F 186 -43.90 -9.87 -11.99
C ASP F 186 -44.36 -8.48 -12.42
N ALA F 187 -44.66 -8.33 -13.71
CA ALA F 187 -45.11 -7.04 -14.26
C ALA F 187 -46.42 -6.58 -13.63
N GLN F 188 -47.37 -7.49 -13.46
CA GLN F 188 -48.65 -7.14 -12.81
C GLN F 188 -48.45 -6.79 -11.31
N LYS F 189 -47.70 -7.61 -10.56
CA LYS F 189 -47.51 -7.37 -9.13
C LYS F 189 -46.85 -6.02 -8.91
N MET F 190 -45.77 -5.74 -9.66
CA MET F 190 -44.99 -4.53 -9.45
C MET F 190 -45.67 -3.26 -9.97
N CYS F 191 -46.43 -3.37 -11.05
CA CYS F 191 -47.19 -2.23 -11.50
C CYS F 191 -48.33 -1.94 -10.53
N LYS F 192 -48.89 -2.98 -9.89
CA LYS F 192 -49.91 -2.75 -8.86
C LYS F 192 -49.26 -2.13 -7.61
N VAL F 193 -48.02 -2.53 -7.28
CA VAL F 193 -47.31 -1.93 -6.14
C VAL F 193 -47.24 -0.42 -6.41
N VAL F 194 -46.83 -0.07 -7.62
CA VAL F 194 -46.74 1.35 -8.00
C VAL F 194 -48.09 2.06 -7.84
N ARG F 195 -49.16 1.47 -8.35
CA ARG F 195 -50.46 2.08 -8.25
C ARG F 195 -50.89 2.21 -6.79
N ASP F 196 -50.63 1.18 -5.96
CA ASP F 196 -51.04 1.24 -4.54
C ASP F 196 -50.37 2.37 -3.77
N VAL F 197 -49.12 2.72 -4.11
CA VAL F 197 -48.45 3.83 -3.42
C VAL F 197 -49.05 5.15 -3.88
N VAL F 198 -49.38 5.25 -5.17
CA VAL F 198 -50.02 6.42 -5.70
C VAL F 198 -51.39 6.60 -5.01
N ALA F 199 -52.09 5.49 -4.72
CA ALA F 199 -53.37 5.55 -3.99
C ALA F 199 -53.16 6.02 -2.55
N ALA F 200 -52.12 5.50 -1.91
CA ALA F 200 -51.83 5.90 -0.51
C ALA F 200 -51.48 7.38 -0.40
N ASP F 201 -50.69 7.90 -1.34
CA ASP F 201 -50.22 9.29 -1.27
C ASP F 201 -51.17 10.35 -1.84
N PHE F 202 -51.98 9.97 -2.83
CA PHE F 202 -52.88 10.90 -3.50
C PHE F 202 -54.35 10.48 -3.64
N GLY F 203 -54.69 9.28 -3.18
CA GLY F 203 -56.06 8.81 -3.26
C GLY F 203 -56.28 7.88 -4.44
N GLN F 204 -57.20 6.94 -4.27
CA GLN F 204 -57.48 5.92 -5.28
C GLN F 204 -57.95 6.53 -6.59
N GLU F 205 -58.65 7.65 -6.52
CA GLU F 205 -59.15 8.32 -7.70
C GLU F 205 -58.02 8.76 -8.61
N VAL F 206 -56.98 9.33 -8.00
CA VAL F 206 -55.78 9.73 -8.75
C VAL F 206 -55.06 8.48 -9.24
N ALA F 207 -54.98 7.46 -8.39
CA ALA F 207 -54.29 6.21 -8.74
C ALA F 207 -54.92 5.49 -9.95
N ASP F 208 -56.23 5.63 -10.09
CA ASP F 208 -56.95 4.99 -11.21
C ASP F 208 -56.70 5.69 -12.55
N LYS F 209 -56.16 6.90 -12.52
CA LYS F 209 -55.86 7.66 -13.75
C LYS F 209 -54.40 7.53 -14.20
N VAL F 210 -53.49 7.40 -13.24
CA VAL F 210 -52.05 7.31 -13.56
C VAL F 210 -51.74 6.05 -14.39
N ARG F 211 -51.00 6.24 -15.48
CA ARG F 211 -50.57 5.16 -16.35
C ARG F 211 -49.25 4.60 -15.83
N VAL F 212 -49.25 3.29 -15.57
CA VAL F 212 -48.09 2.59 -15.11
C VAL F 212 -47.62 1.67 -16.24
N GLN F 213 -46.41 1.90 -16.75
CA GLN F 213 -45.86 1.06 -17.81
C GLN F 213 -44.93 0.02 -17.26
N TYR F 214 -44.81 -1.08 -17.99
CA TYR F 214 -43.85 -2.13 -17.68
C TYR F 214 -42.59 -1.84 -18.47
N GLY F 215 -41.46 -1.82 -17.77
CA GLY F 215 -40.16 -1.55 -18.39
C GLY F 215 -39.23 -2.74 -18.58
N GLY F 216 -39.69 -3.95 -18.26
CA GLY F 216 -38.89 -5.16 -18.50
C GLY F 216 -39.04 -5.60 -19.95
N SER F 217 -38.36 -6.66 -20.33
CA SER F 217 -38.38 -7.11 -21.71
C SER F 217 -39.78 -7.46 -22.22
N VAL F 218 -40.17 -6.80 -23.30
CA VAL F 218 -41.40 -7.14 -24.01
C VAL F 218 -41.01 -7.16 -25.48
N LYS F 219 -41.73 -8.00 -26.23
N LYS F 219 -41.71 -8.00 -26.24
CA LYS F 219 -41.49 -8.18 -27.66
CA LYS F 219 -41.46 -8.15 -27.67
C LYS F 219 -42.85 -8.25 -28.35
C LYS F 219 -42.82 -8.27 -28.36
N PRO F 220 -42.85 -8.12 -29.69
CA PRO F 220 -44.10 -8.22 -30.44
C PRO F 220 -44.92 -9.50 -30.14
N GLU F 221 -44.24 -10.63 -30.01
CA GLU F 221 -44.93 -11.91 -29.71
C GLU F 221 -45.54 -12.03 -28.30
N ASN F 222 -45.14 -11.17 -27.37
CA ASN F 222 -45.70 -11.24 -26.02
C ASN F 222 -46.29 -9.97 -25.43
N VAL F 223 -46.24 -8.86 -26.16
CA VAL F 223 -46.73 -7.58 -25.63
C VAL F 223 -48.19 -7.66 -25.19
N ALA F 224 -49.05 -8.31 -25.98
CA ALA F 224 -50.46 -8.43 -25.62
C ALA F 224 -50.66 -9.06 -24.25
N SER F 225 -49.90 -10.11 -23.95
CA SER F 225 -49.99 -10.80 -22.66
C SER F 225 -49.59 -9.90 -21.49
N TYR F 226 -48.71 -8.92 -21.75
CA TYR F 226 -48.33 -7.98 -20.69
C TYR F 226 -49.40 -6.93 -20.52
N MET F 227 -49.86 -6.38 -21.64
CA MET F 227 -50.91 -5.36 -21.64
C MET F 227 -52.24 -5.83 -21.03
N ALA F 228 -52.54 -7.12 -21.12
CA ALA F 228 -53.78 -7.67 -20.56
C ALA F 228 -53.85 -7.53 -19.03
N CYS F 229 -52.69 -7.41 -18.38
CA CYS F 229 -52.65 -7.32 -16.92
C CYS F 229 -53.41 -6.06 -16.46
N PRO F 230 -54.29 -6.20 -15.45
CA PRO F 230 -55.13 -5.06 -15.05
C PRO F 230 -54.40 -3.79 -14.65
N ASP F 231 -53.21 -3.88 -14.07
CA ASP F 231 -52.50 -2.67 -13.63
C ASP F 231 -51.35 -2.25 -14.56
N VAL F 232 -51.25 -2.89 -15.73
CA VAL F 232 -50.20 -2.56 -16.74
C VAL F 232 -50.86 -1.77 -17.87
N ASP F 233 -50.46 -0.51 -18.00
CA ASP F 233 -51.07 0.42 -18.98
C ASP F 233 -50.15 0.73 -20.14
N GLY F 234 -49.09 -0.03 -20.30
CA GLY F 234 -48.14 0.25 -21.36
C GLY F 234 -46.80 -0.38 -21.14
N ALA F 235 -45.87 -0.01 -22.00
CA ALA F 235 -44.50 -0.51 -21.90
C ALA F 235 -43.53 0.55 -22.37
N LEU F 236 -42.42 0.66 -21.64
CA LEU F 236 -41.30 1.51 -22.00
C LEU F 236 -40.34 0.44 -22.56
N VAL F 237 -40.26 0.38 -23.89
CA VAL F 237 -39.60 -0.70 -24.62
C VAL F 237 -38.20 -0.38 -25.18
N GLY F 238 -37.25 -1.27 -24.91
CA GLY F 238 -35.87 -1.09 -25.33
C GLY F 238 -35.60 -1.64 -26.72
N GLY F 239 -34.86 -2.75 -26.77
CA GLY F 239 -34.45 -3.38 -28.01
C GLY F 239 -35.51 -3.50 -29.08
N ALA F 240 -36.71 -3.92 -28.70
CA ALA F 240 -37.80 -4.12 -29.68
C ALA F 240 -38.34 -2.84 -30.30
N SER F 241 -37.89 -1.68 -29.82
CA SER F 241 -38.31 -0.42 -30.45
C SER F 241 -37.32 0.10 -31.49
N LEU F 242 -36.19 -0.58 -31.66
CA LEU F 242 -35.17 -0.06 -32.60
C LEU F 242 -35.49 -0.27 -34.08
N GLU F 243 -36.21 -1.34 -34.39
CA GLU F 243 -36.58 -1.64 -35.78
C GLU F 243 -38.02 -1.24 -36.01
N ALA F 244 -38.28 -0.58 -37.12
CA ALA F 244 -39.60 -0.01 -37.42
C ALA F 244 -40.78 -1.02 -37.40
N GLU F 245 -40.63 -2.15 -38.09
CA GLU F 245 -41.68 -3.19 -38.14
C GLU F 245 -41.93 -3.78 -36.77
N SER F 246 -40.85 -3.95 -35.99
CA SER F 246 -40.97 -4.44 -34.63
C SER F 246 -41.78 -3.43 -33.81
N PHE F 247 -41.43 -2.15 -33.91
CA PHE F 247 -42.14 -1.11 -33.15
C PHE F 247 -43.64 -1.11 -33.47
N LEU F 248 -43.99 -1.11 -34.77
CA LEU F 248 -45.40 -1.15 -35.18
C LEU F 248 -46.11 -2.39 -34.64
N ALA F 249 -45.38 -3.51 -34.63
CA ALA F 249 -45.93 -4.79 -34.15
C ALA F 249 -46.23 -4.79 -32.65
N LEU F 250 -45.60 -3.88 -31.91
CA LEU F 250 -45.92 -3.70 -30.49
C LEU F 250 -47.27 -3.01 -30.26
N LEU F 251 -47.86 -2.46 -31.31
CA LEU F 251 -49.08 -1.67 -31.16
C LEU F 251 -50.37 -2.41 -31.60
N ASP F 252 -50.23 -3.65 -32.03
CA ASP F 252 -51.35 -4.47 -32.53
C ASP F 252 -52.14 -5.26 -31.49
N PHE F 253 -51.74 -5.16 -30.23
CA PHE F 253 -52.48 -5.83 -29.16
C PHE F 253 -53.91 -5.27 -28.94
N VAL F 254 -54.22 -4.09 -29.50
CA VAL F 254 -55.59 -3.55 -29.42
C VAL F 254 -56.41 -4.03 -30.61
N ARG G 6 37.21 16.75 23.08
CA ARG G 6 36.56 15.44 23.37
C ARG G 6 37.07 14.81 24.66
N LYS G 7 36.16 14.23 25.42
CA LYS G 7 36.49 13.63 26.71
C LYS G 7 37.15 12.24 26.56
N PRO G 8 38.39 12.09 27.07
CA PRO G 8 39.07 10.78 26.94
C PRO G 8 38.28 9.67 27.59
N PHE G 9 38.26 8.50 26.97
CA PHE G 9 37.52 7.36 27.51
C PHE G 9 38.39 6.10 27.52
N ILE G 10 38.70 5.61 28.73
CA ILE G 10 39.50 4.38 28.88
C ILE G 10 38.55 3.24 29.30
N ALA G 11 38.36 2.25 28.42
CA ALA G 11 37.45 1.12 28.68
C ALA G 11 38.24 -0.18 28.69
N GLY G 12 38.10 -0.92 29.78
CA GLY G 12 38.83 -2.17 29.98
C GLY G 12 37.94 -3.32 29.57
N ASN G 13 38.36 -4.05 28.54
CA ASN G 13 37.62 -5.18 28.04
C ASN G 13 38.18 -6.43 28.68
N TRP G 14 37.45 -6.98 29.67
CA TRP G 14 37.88 -8.18 30.37
C TRP G 14 37.81 -9.43 29.52
N LYS G 15 37.05 -9.37 28.44
CA LYS G 15 36.82 -10.52 27.56
C LYS G 15 36.20 -11.64 28.42
N MET G 16 36.50 -12.91 28.14
CA MET G 16 35.88 -14.01 28.89
C MET G 16 36.71 -14.38 30.09
N ASN G 17 36.67 -13.47 31.07
CA ASN G 17 37.43 -13.59 32.27
C ASN G 17 36.62 -13.00 33.42
N LYS G 18 36.69 -13.68 34.57
CA LYS G 18 36.10 -13.31 35.87
C LYS G 18 34.71 -13.85 36.20
N ASN G 19 34.59 -14.41 37.41
CA ASN G 19 33.32 -14.82 37.95
C ASN G 19 32.75 -13.61 38.74
N PRO G 20 31.54 -13.74 39.27
CA PRO G 20 30.98 -12.55 39.94
C PRO G 20 31.76 -12.08 41.16
N GLU G 21 32.30 -13.01 41.95
CA GLU G 21 33.07 -12.65 43.13
C GLU G 21 34.32 -11.85 42.73
N GLU G 22 34.98 -12.27 41.66
CA GLU G 22 36.18 -11.60 41.19
C GLU G 22 35.85 -10.22 40.63
N ALA G 23 34.70 -10.13 39.94
CA ALA G 23 34.23 -8.86 39.36
C ALA G 23 33.95 -7.88 40.47
N LYS G 24 33.30 -8.38 41.52
CA LYS G 24 33.00 -7.55 42.69
C LYS G 24 34.27 -7.05 43.39
N ALA G 25 35.26 -7.92 43.56
CA ALA G 25 36.52 -7.53 44.20
C ALA G 25 37.24 -6.45 43.38
N PHE G 26 37.22 -6.60 42.06
CA PHE G 26 37.84 -5.59 41.18
C PHE G 26 37.16 -4.24 41.32
N VAL G 27 35.83 -4.21 41.23
CA VAL G 27 35.11 -2.95 41.34
C VAL G 27 35.43 -2.26 42.68
N GLU G 28 35.45 -3.06 43.75
CA GLU G 28 35.77 -2.55 45.10
C GLU G 28 37.17 -1.91 45.16
N ALA G 29 38.11 -2.50 44.43
CA ALA G 29 39.48 -2.04 44.37
C ALA G 29 39.69 -0.76 43.56
N VAL G 30 38.88 -0.54 42.54
CA VAL G 30 39.07 0.63 41.66
C VAL G 30 38.06 1.78 41.76
N ALA G 31 36.81 1.48 42.10
CA ALA G 31 35.76 2.51 42.05
C ALA G 31 36.08 3.81 42.80
N SER G 32 36.63 3.70 44.01
CA SER G 32 36.96 4.89 44.82
C SER G 32 38.27 5.56 44.39
N LYS G 33 39.06 4.87 43.55
CA LYS G 33 40.37 5.38 43.10
C LYS G 33 40.42 5.98 41.70
N LEU G 34 39.28 6.02 41.01
CA LEU G 34 39.21 6.58 39.66
C LEU G 34 39.47 8.10 39.70
N PRO G 35 40.04 8.67 38.61
CA PRO G 35 40.17 10.13 38.61
C PRO G 35 38.81 10.78 38.41
N SER G 36 38.80 12.11 38.43
CA SER G 36 37.58 12.90 38.24
C SER G 36 36.90 12.60 36.92
N SER G 37 35.57 12.53 36.93
CA SER G 37 34.78 12.28 35.72
C SER G 37 34.96 13.39 34.68
N ASP G 38 35.30 14.58 35.13
CA ASP G 38 35.57 15.71 34.22
C ASP G 38 36.88 15.55 33.46
N LEU G 39 37.80 14.73 33.97
CA LEU G 39 39.13 14.55 33.38
C LEU G 39 39.21 13.37 32.43
N VAL G 40 38.63 12.25 32.86
CA VAL G 40 38.69 11.02 32.10
C VAL G 40 37.51 10.15 32.43
N GLU G 41 36.98 9.47 31.42
CA GLU G 41 35.87 8.54 31.60
C GLU G 41 36.50 7.17 31.71
N ALA G 42 36.08 6.40 32.71
CA ALA G 42 36.64 5.05 32.92
C ALA G 42 35.54 4.03 32.95
N GLY G 43 35.73 2.94 32.22
CA GLY G 43 34.73 1.87 32.13
C GLY G 43 35.31 0.48 31.97
N ILE G 44 34.45 -0.50 32.22
CA ILE G 44 34.80 -1.92 32.12
C ILE G 44 33.69 -2.61 31.37
N ALA G 45 34.08 -3.40 30.37
CA ALA G 45 33.17 -4.26 29.66
C ALA G 45 33.31 -5.64 30.33
N ALA G 46 32.25 -6.08 31.01
CA ALA G 46 32.23 -7.33 31.81
C ALA G 46 31.39 -8.43 31.17
N PRO G 47 31.70 -9.69 31.49
CA PRO G 47 30.85 -10.77 30.97
C PRO G 47 29.41 -10.64 31.47
N ALA G 48 28.46 -11.10 30.66
CA ALA G 48 27.04 -11.03 30.99
C ALA G 48 26.70 -11.65 32.35
N LEU G 49 27.35 -12.73 32.72
CA LEU G 49 27.06 -13.39 34.02
C LEU G 49 27.40 -12.47 35.18
N ASP G 50 28.36 -11.57 34.97
CA ASP G 50 28.84 -10.69 35.99
C ASP G 50 28.19 -9.30 36.01
N LEU G 51 27.40 -8.95 34.98
CA LEU G 51 26.91 -7.57 34.87
C LEU G 51 26.04 -7.07 36.03
N THR G 52 25.07 -7.86 36.51
CA THR G 52 24.25 -7.34 37.60
C THR G 52 25.12 -7.09 38.85
N THR G 53 26.16 -7.92 39.05
CA THR G 53 27.05 -7.79 40.18
C THR G 53 27.92 -6.53 40.03
N VAL G 54 28.52 -6.35 38.85
CA VAL G 54 29.36 -5.14 38.58
C VAL G 54 28.52 -3.89 38.81
N LEU G 55 27.32 -3.89 38.23
CA LEU G 55 26.40 -2.75 38.34
C LEU G 55 26.07 -2.38 39.79
N ALA G 56 25.68 -3.37 40.59
CA ALA G 56 25.35 -3.10 42.00
C ALA G 56 26.54 -2.61 42.81
N VAL G 57 27.71 -3.18 42.54
CA VAL G 57 28.93 -2.84 43.27
C VAL G 57 29.40 -1.44 42.84
N ALA G 58 29.19 -1.08 41.56
CA ALA G 58 29.61 0.21 41.02
C ALA G 58 28.57 1.33 41.19
N LYS G 59 27.38 1.00 41.69
CA LYS G 59 26.32 2.00 41.83
C LYS G 59 26.80 3.15 42.72
N GLY G 60 26.68 4.36 42.19
CA GLY G 60 27.07 5.56 42.89
C GLY G 60 28.47 6.04 42.57
N SER G 61 29.30 5.19 41.96
CA SER G 61 30.67 5.58 41.58
C SER G 61 30.67 6.12 40.15
N ASN G 62 31.83 6.53 39.66
CA ASN G 62 31.98 7.01 38.29
C ASN G 62 32.44 5.92 37.31
N LEU G 63 32.40 4.66 37.76
CA LEU G 63 32.79 3.55 36.89
C LEU G 63 31.66 3.25 35.90
N LYS G 64 31.91 3.46 34.62
CA LYS G 64 30.92 3.13 33.59
C LYS G 64 30.98 1.63 33.34
N VAL G 65 29.85 1.07 32.95
CA VAL G 65 29.71 -0.36 32.73
C VAL G 65 29.24 -0.64 31.32
N ALA G 66 29.94 -1.55 30.67
CA ALA G 66 29.61 -1.95 29.32
C ALA G 66 29.38 -3.46 29.24
N ALA G 67 28.51 -3.87 28.31
CA ALA G 67 28.38 -5.26 27.92
C ALA G 67 29.41 -5.51 26.80
N GLN G 68 29.74 -6.77 26.56
CA GLN G 68 30.71 -7.17 25.54
C GLN G 68 30.09 -7.52 24.19
N ASN G 69 28.75 -7.56 24.15
CA ASN G 69 27.95 -7.90 22.95
C ASN G 69 26.45 -7.85 23.36
N CYS G 70 25.58 -7.78 22.36
CA CYS G 70 24.13 -7.93 22.57
C CYS G 70 23.53 -8.29 21.23
N TYR G 71 22.28 -8.73 21.23
CA TYR G 71 21.59 -9.03 19.99
C TYR G 71 20.86 -7.77 19.52
N PHE G 72 20.20 -7.85 18.36
CA PHE G 72 19.54 -6.68 17.74
C PHE G 72 18.01 -6.64 17.83
N GLU G 73 17.45 -7.50 18.68
CA GLU G 73 16.03 -7.46 19.04
C GLU G 73 15.93 -7.37 20.56
N ASN G 74 14.81 -6.87 21.04
CA ASN G 74 14.59 -6.70 22.47
C ASN G 74 14.20 -8.00 23.18
N ALA G 75 13.43 -8.84 22.52
CA ALA G 75 12.99 -10.10 23.13
C ALA G 75 12.61 -11.05 22.04
N GLY G 76 12.77 -12.35 22.27
CA GLY G 76 12.31 -13.31 21.31
C GLY G 76 13.04 -14.64 21.31
N ALA G 77 12.77 -15.39 20.25
CA ALA G 77 13.26 -16.76 20.13
C ALA G 77 14.70 -16.78 19.61
N PHE G 78 15.62 -16.29 20.45
CA PHE G 78 17.04 -16.19 20.16
C PHE G 78 17.79 -16.80 21.33
N THR G 79 17.71 -18.11 21.41
CA THR G 79 18.30 -18.85 22.53
C THR G 79 19.77 -18.51 22.71
N GLY G 80 20.15 -18.14 23.94
CA GLY G 80 21.53 -17.80 24.28
C GLY G 80 21.96 -16.36 24.05
N GLU G 81 21.07 -15.51 23.55
CA GLU G 81 21.41 -14.10 23.30
C GLU G 81 21.08 -13.16 24.45
N THR G 82 21.85 -12.07 24.53
CA THR G 82 21.71 -11.07 25.52
C THR G 82 20.87 -9.91 24.97
N SER G 83 19.78 -9.59 25.66
CA SER G 83 18.91 -8.51 25.20
C SER G 83 19.39 -7.09 25.50
N PRO G 84 19.45 -6.20 24.49
CA PRO G 84 19.79 -4.82 24.82
C PRO G 84 18.72 -4.13 25.68
N GLN G 85 17.47 -4.60 25.62
CA GLN G 85 16.42 -4.04 26.46
C GLN G 85 16.71 -4.37 27.95
N VAL G 86 17.03 -5.64 28.25
CA VAL G 86 17.38 -6.03 29.63
C VAL G 86 18.66 -5.31 30.10
N LEU G 87 19.67 -5.24 29.22
CA LEU G 87 20.90 -4.48 29.49
C LEU G 87 20.58 -3.07 29.96
N LYS G 88 19.62 -2.41 29.30
CA LYS G 88 19.24 -1.04 29.68
C LYS G 88 18.51 -1.06 31.01
N GLU G 89 17.58 -2.01 31.15
CA GLU G 89 16.78 -2.17 32.38
C GLU G 89 17.66 -2.33 33.61
N ILE G 90 18.77 -3.04 33.47
CA ILE G 90 19.70 -3.25 34.60
C ILE G 90 20.69 -2.10 34.85
N GLY G 91 20.78 -1.18 33.90
CA GLY G 91 21.60 0.02 34.07
C GLY G 91 22.92 0.08 33.32
N THR G 92 23.05 -0.73 32.28
CA THR G 92 24.24 -0.75 31.45
C THR G 92 24.39 0.57 30.64
N ASP G 93 25.61 1.09 30.57
CA ASP G 93 25.90 2.34 29.88
C ASP G 93 26.27 2.17 28.41
N TYR G 94 27.14 1.20 28.13
CA TYR G 94 27.70 0.97 26.80
C TYR G 94 27.62 -0.49 26.39
N VAL G 95 27.66 -0.74 25.09
CA VAL G 95 27.79 -2.10 24.61
C VAL G 95 28.87 -2.13 23.54
N VAL G 96 29.88 -2.98 23.76
CA VAL G 96 30.93 -3.25 22.78
C VAL G 96 30.35 -4.14 21.68
N ILE G 97 30.45 -3.72 20.41
CA ILE G 97 29.95 -4.49 19.27
C ILE G 97 30.98 -4.58 18.17
N GLY G 98 31.03 -5.74 17.51
CA GLY G 98 31.92 -5.92 16.39
C GLY G 98 33.36 -6.14 16.76
N HIS G 99 33.61 -6.54 17.99
CA HIS G 99 34.97 -6.82 18.41
C HIS G 99 35.53 -7.84 17.42
N SER G 100 36.82 -7.73 17.08
CA SER G 100 37.50 -8.65 16.15
C SER G 100 37.26 -10.14 16.46
N GLU G 101 37.24 -10.45 17.74
CA GLU G 101 37.02 -11.83 18.22
C GLU G 101 35.65 -12.34 17.79
N ARG G 102 34.65 -11.46 17.85
CA ARG G 102 33.29 -11.84 17.43
C ARG G 102 33.18 -11.86 15.93
N ARG G 103 33.82 -10.94 15.19
CA ARG G 103 33.80 -11.01 13.74
C ARG G 103 34.55 -12.29 13.27
N ASP G 104 35.52 -12.74 14.06
CA ASP G 104 36.30 -13.93 13.73
C ASP G 104 35.57 -15.23 14.11
N TYR G 105 35.63 -15.58 15.38
CA TYR G 105 35.07 -16.86 15.81
C TYR G 105 33.58 -17.03 15.60
N PHE G 106 32.82 -15.93 15.66
CA PHE G 106 31.37 -16.03 15.65
C PHE G 106 30.75 -15.46 14.40
N HIS G 107 31.57 -15.17 13.40
CA HIS G 107 31.09 -14.82 12.07
C HIS G 107 30.19 -13.58 12.02
N GLU G 108 30.35 -12.64 12.95
CA GLU G 108 29.53 -11.43 12.92
C GLU G 108 29.91 -10.61 11.72
N THR G 109 28.89 -10.09 11.06
CA THR G 109 29.04 -9.32 9.82
C THR G 109 28.82 -7.84 10.00
N ASP G 110 29.22 -7.05 9.01
CA ASP G 110 28.93 -5.62 9.09
C ASP G 110 27.45 -5.35 9.33
N GLU G 111 26.57 -6.12 8.68
CA GLU G 111 25.14 -5.89 8.80
C GLU G 111 24.68 -6.15 10.23
N ASP G 112 25.20 -7.23 10.85
CA ASP G 112 24.90 -7.54 12.26
C ASP G 112 25.26 -6.35 13.14
N ILE G 113 26.45 -5.76 12.91
CA ILE G 113 26.92 -4.63 13.71
C ILE G 113 26.05 -3.38 13.54
N ASN G 114 25.67 -3.09 12.29
CA ASN G 114 24.76 -1.99 11.98
C ASN G 114 23.46 -2.15 12.76
N LYS G 115 22.86 -3.35 12.66
N LYS G 115 22.85 -3.34 12.65
CA LYS G 115 21.60 -3.63 13.36
CA LYS G 115 21.61 -3.63 13.37
C LYS G 115 21.77 -3.48 14.88
C LYS G 115 21.78 -3.45 14.88
N LYS G 116 22.90 -3.92 15.41
CA LYS G 116 23.20 -3.79 16.86
C LYS G 116 23.30 -2.35 17.31
N ALA G 117 23.96 -1.49 16.51
CA ALA G 117 24.10 -0.08 16.82
C ALA G 117 22.72 0.57 16.94
N LYS G 118 21.83 0.28 15.99
N LYS G 118 21.83 0.29 16.00
CA LYS G 118 20.45 0.79 15.98
CA LYS G 118 20.47 0.84 16.04
C LYS G 118 19.67 0.31 17.22
C LYS G 118 19.65 0.32 17.24
N ALA G 119 19.82 -0.95 17.59
CA ALA G 119 19.13 -1.49 18.76
C ALA G 119 19.63 -0.89 20.07
N ILE G 120 20.92 -0.61 20.12
CA ILE G 120 21.54 -0.03 21.30
C ILE G 120 20.94 1.38 21.52
N PHE G 121 20.88 2.19 20.45
CA PHE G 121 20.25 3.49 20.55
C PHE G 121 18.78 3.38 20.86
N ALA G 122 18.10 2.40 20.23
CA ALA G 122 16.67 2.20 20.50
C ALA G 122 16.39 1.90 21.95
N ASN G 123 17.42 1.44 22.68
CA ASN G 123 17.32 1.11 24.10
C ASN G 123 18.06 2.09 25.01
N GLY G 124 18.37 3.28 24.48
CA GLY G 124 18.93 4.35 25.32
C GLY G 124 20.31 4.14 25.88
N MET G 125 21.11 3.34 25.17
CA MET G 125 22.50 3.09 25.51
C MET G 125 23.41 3.65 24.39
N LEU G 126 24.72 3.48 24.54
CA LEU G 126 25.68 3.96 23.58
C LEU G 126 26.57 2.81 23.12
N PRO G 127 26.88 2.73 21.81
CA PRO G 127 27.74 1.66 21.31
C PRO G 127 29.23 2.02 21.29
N ILE G 128 30.06 1.00 21.53
CA ILE G 128 31.50 1.05 21.32
C ILE G 128 31.67 0.12 20.12
N ILE G 129 31.79 0.74 18.95
CA ILE G 129 31.83 0.03 17.66
C ILE G 129 33.26 -0.29 17.28
N CYS G 130 33.60 -1.57 17.18
CA CYS G 130 34.98 -1.96 16.87
C CYS G 130 35.19 -2.20 15.40
N CYS G 131 36.40 -1.86 14.96
CA CYS G 131 36.82 -2.08 13.59
C CYS G 131 38.33 -2.28 13.62
N GLY G 132 38.87 -2.76 12.49
CA GLY G 132 40.31 -3.01 12.35
C GLY G 132 40.66 -3.98 11.24
N GLU G 133 41.88 -3.86 10.70
CA GLU G 133 42.32 -4.75 9.62
C GLU G 133 43.28 -5.84 10.09
N SER G 134 43.24 -6.96 9.39
CA SER G 134 44.11 -8.11 9.65
C SER G 134 45.57 -7.81 9.28
N LEU G 135 46.47 -8.77 9.53
CA LEU G 135 47.89 -8.66 9.13
C LEU G 135 48.00 -8.64 7.61
N GLU G 136 47.26 -9.54 6.96
CA GLU G 136 47.21 -9.64 5.50
C GLU G 136 46.83 -8.31 4.85
N THR G 137 45.76 -7.71 5.36
CA THR G 137 45.28 -6.44 4.84
C THR G 137 46.28 -5.30 5.11
N TYR G 138 46.92 -5.34 6.29
CA TYR G 138 47.92 -4.35 6.66
C TYR G 138 49.14 -4.41 5.74
N GLU G 139 49.65 -5.62 5.51
CA GLU G 139 50.82 -5.82 4.65
C GLU G 139 50.54 -5.50 3.15
N ALA G 140 49.27 -5.57 2.73
CA ALA G 140 48.89 -5.25 1.34
C ALA G 140 48.67 -3.74 1.14
N GLY G 141 48.77 -2.96 2.21
CA GLY G 141 48.60 -1.51 2.16
C GLY G 141 47.17 -1.07 1.92
N LYS G 142 46.21 -1.87 2.41
CA LYS G 142 44.78 -1.57 2.25
C LYS G 142 44.03 -1.27 3.55
N ALA G 143 44.76 -0.98 4.62
CA ALA G 143 44.16 -0.67 5.92
C ALA G 143 43.07 0.40 5.85
N ALA G 144 43.40 1.53 5.22
CA ALA G 144 42.47 2.66 5.11
C ALA G 144 41.17 2.27 4.38
N GLU G 145 41.30 1.64 3.22
CA GLU G 145 40.14 1.19 2.44
C GLU G 145 39.26 0.23 3.24
N PHE G 146 39.90 -0.74 3.89
CA PHE G 146 39.18 -1.77 4.65
C PHE G 146 38.48 -1.24 5.90
N VAL G 147 39.23 -0.51 6.72
CA VAL G 147 38.68 0.04 7.97
C VAL G 147 37.61 1.08 7.67
N GLY G 148 37.85 1.93 6.68
CA GLY G 148 36.86 2.94 6.28
C GLY G 148 35.54 2.34 5.81
N ALA G 149 35.59 1.18 5.14
CA ALA G 149 34.38 0.52 4.66
C ALA G 149 33.61 -0.04 5.84
N GLN G 150 34.34 -0.58 6.82
CA GLN G 150 33.70 -1.10 8.03
C GLN G 150 32.97 -0.01 8.82
N VAL G 151 33.60 1.16 8.92
CA VAL G 151 33.03 2.28 9.68
C VAL G 151 31.75 2.76 8.99
N SER G 152 31.81 2.98 7.67
CA SER G 152 30.62 3.42 6.94
C SER G 152 29.45 2.45 7.07
N ALA G 153 29.73 1.16 6.90
CA ALA G 153 28.65 0.13 7.00
C ALA G 153 28.04 0.06 8.41
N ALA G 154 28.87 0.23 9.42
CA ALA G 154 28.38 0.13 10.80
C ALA G 154 27.48 1.33 11.13
N LEU G 155 27.86 2.52 10.64
CA LEU G 155 27.13 3.76 10.94
C LEU G 155 25.95 4.06 10.03
N ALA G 156 25.85 3.38 8.89
CA ALA G 156 24.82 3.71 7.88
C ALA G 156 23.39 3.67 8.45
N GLY G 157 22.69 4.80 8.29
CA GLY G 157 21.31 4.94 8.79
C GLY G 157 21.18 5.57 10.17
N LEU G 158 22.30 5.70 10.89
CA LEU G 158 22.28 6.36 12.18
C LEU G 158 22.09 7.85 11.93
N THR G 159 21.56 8.55 12.92
CA THR G 159 21.38 9.98 12.82
C THR G 159 22.67 10.66 13.22
N ALA G 160 22.79 11.93 12.84
CA ALA G 160 23.97 12.73 13.16
C ALA G 160 24.18 12.78 14.67
N GLU G 161 23.09 12.97 15.41
CA GLU G 161 23.17 13.01 16.87
C GLU G 161 23.65 11.67 17.47
N GLN G 162 23.20 10.55 16.91
CA GLN G 162 23.66 9.23 17.38
C GLN G 162 25.15 8.98 17.04
N VAL G 163 25.60 9.43 15.87
CA VAL G 163 27.01 9.25 15.50
C VAL G 163 27.87 10.10 16.41
N ALA G 164 27.46 11.34 16.69
CA ALA G 164 28.24 12.22 17.57
C ALA G 164 28.40 11.70 19.00
N ALA G 165 27.48 10.86 19.47
CA ALA G 165 27.54 10.26 20.81
C ALA G 165 28.16 8.85 20.84
N SER G 166 28.43 8.27 19.66
N SER G 166 28.46 8.29 19.67
CA SER G 166 29.04 6.94 19.55
CA SER G 166 29.04 6.95 19.56
C SER G 166 30.53 6.96 19.86
C SER G 166 30.53 6.96 19.88
N VAL G 167 31.07 5.77 20.11
CA VAL G 167 32.50 5.57 20.35
C VAL G 167 32.90 4.54 19.31
N ILE G 168 34.03 4.76 18.60
CA ILE G 168 34.53 3.77 17.65
C ILE G 168 35.93 3.39 18.13
N ALA G 169 36.19 2.10 18.27
CA ALA G 169 37.49 1.59 18.71
C ALA G 169 38.20 0.90 17.56
N TYR G 170 39.38 1.39 17.23
CA TYR G 170 40.20 0.82 16.17
C TYR G 170 41.12 -0.21 16.78
N GLU G 171 41.03 -1.46 16.29
CA GLU G 171 41.89 -2.54 16.73
C GLU G 171 42.97 -2.84 15.67
N PRO G 172 44.26 -2.65 16.01
CA PRO G 172 45.29 -3.02 15.05
C PRO G 172 45.55 -4.53 15.18
N ILE G 173 44.63 -5.33 14.64
N ILE G 173 44.63 -5.31 14.61
CA ILE G 173 44.72 -6.79 14.76
CA ILE G 173 44.66 -6.77 14.67
C ILE G 173 46.10 -7.28 14.30
C ILE G 173 46.02 -7.34 14.20
N TRP G 174 46.66 -6.60 13.30
CA TRP G 174 47.99 -6.92 12.78
C TRP G 174 49.15 -6.75 13.79
N ALA G 175 48.92 -6.05 14.90
CA ALA G 175 49.97 -5.75 15.89
C ALA G 175 49.73 -6.33 17.29
N ILE G 176 48.89 -7.34 17.38
CA ILE G 176 48.60 -8.01 18.64
C ILE G 176 48.72 -9.52 18.39
N GLY G 177 49.66 -10.15 19.08
CA GLY G 177 49.93 -11.59 18.91
C GLY G 177 50.54 -11.93 17.55
N THR G 178 51.17 -10.96 16.89
CA THR G 178 51.84 -11.18 15.60
C THR G 178 53.36 -10.99 15.68
N GLY G 179 53.85 -10.53 16.82
CA GLY G 179 55.26 -10.19 16.98
C GLY G 179 55.59 -8.81 16.43
N LYS G 180 54.60 -8.16 15.82
CA LYS G 180 54.76 -6.80 15.30
C LYS G 180 54.33 -5.81 16.38
N SER G 181 55.02 -4.68 16.46
CA SER G 181 54.73 -3.65 17.46
C SER G 181 54.18 -2.37 16.83
N ALA G 182 52.87 -2.13 16.98
CA ALA G 182 52.26 -0.89 16.46
C ALA G 182 52.76 0.25 17.32
N SER G 183 52.86 1.44 16.74
CA SER G 183 53.34 2.62 17.46
C SER G 183 52.28 3.73 17.54
N GLN G 184 52.63 4.81 18.24
CA GLN G 184 51.81 6.02 18.33
C GLN G 184 51.44 6.56 16.94
N ASP G 185 52.35 6.42 15.98
CA ASP G 185 52.07 6.89 14.61
C ASP G 185 50.95 6.08 13.98
N ASP G 186 50.93 4.76 14.25
CA ASP G 186 49.89 3.87 13.71
C ASP G 186 48.55 4.21 14.31
N ALA G 187 48.57 4.50 15.61
CA ALA G 187 47.39 4.88 16.36
C ALA G 187 46.79 6.15 15.81
N GLN G 188 47.63 7.18 15.69
CA GLN G 188 47.16 8.47 15.19
C GLN G 188 46.61 8.36 13.76
N LYS G 189 47.36 7.73 12.87
CA LYS G 189 46.98 7.56 11.47
C LYS G 189 45.62 6.86 11.28
N MET G 190 45.45 5.74 12.00
CA MET G 190 44.23 4.93 11.83
C MET G 190 43.03 5.50 12.51
N CYS G 191 43.23 6.15 13.65
CA CYS G 191 42.14 6.85 14.34
C CYS G 191 41.68 8.03 13.50
N LYS G 192 42.62 8.66 12.77
CA LYS G 192 42.26 9.74 11.86
C LYS G 192 41.51 9.19 10.64
N VAL G 193 41.91 8.00 10.16
CA VAL G 193 41.20 7.33 9.05
C VAL G 193 39.72 7.16 9.41
N VAL G 194 39.47 6.67 10.63
CA VAL G 194 38.10 6.54 11.14
C VAL G 194 37.36 7.89 11.15
N ARG G 195 37.94 8.91 11.76
CA ARG G 195 37.26 10.21 11.89
C ARG G 195 36.99 10.82 10.51
N ASP G 196 37.93 10.66 9.58
CA ASP G 196 37.77 11.18 8.22
C ASP G 196 36.56 10.55 7.52
N VAL G 197 36.33 9.25 7.77
CA VAL G 197 35.17 8.56 7.18
C VAL G 197 33.90 9.10 7.81
N VAL G 198 33.95 9.38 9.12
CA VAL G 198 32.80 9.92 9.82
C VAL G 198 32.48 11.30 9.23
N ALA G 199 33.53 12.08 8.98
CA ALA G 199 33.39 13.40 8.37
C ALA G 199 32.80 13.30 6.97
N ALA G 200 33.25 12.32 6.19
CA ALA G 200 32.77 12.13 4.83
C ALA G 200 31.30 11.72 4.77
N ASP G 201 30.83 10.98 5.78
CA ASP G 201 29.45 10.49 5.81
C ASP G 201 28.47 11.35 6.63
N PHE G 202 28.99 12.05 7.65
CA PHE G 202 28.14 12.84 8.57
C PHE G 202 28.55 14.31 8.78
N GLY G 203 29.60 14.75 8.10
CA GLY G 203 30.07 16.14 8.23
C GLY G 203 31.09 16.27 9.34
N GLN G 204 31.89 17.34 9.25
CA GLN G 204 32.98 17.57 10.19
C GLN G 204 32.53 17.89 11.62
N GLU G 205 31.35 18.49 11.78
CA GLU G 205 30.86 18.83 13.12
C GLU G 205 30.62 17.56 13.92
N VAL G 206 29.96 16.60 13.30
CA VAL G 206 29.70 15.30 13.94
C VAL G 206 31.02 14.56 14.15
N ALA G 207 31.90 14.62 13.15
CA ALA G 207 33.21 13.97 13.22
C ALA G 207 34.06 14.50 14.37
N ASP G 208 33.94 15.79 14.67
CA ASP G 208 34.70 16.40 15.77
C ASP G 208 34.19 16.00 17.16
N LYS G 209 33.00 15.40 17.23
CA LYS G 209 32.39 14.97 18.50
C LYS G 209 32.58 13.50 18.82
N VAL G 210 32.55 12.66 17.78
CA VAL G 210 32.70 11.21 17.96
C VAL G 210 34.04 10.89 18.58
N ARG G 211 34.06 9.89 19.45
CA ARG G 211 35.30 9.51 20.11
C ARG G 211 35.85 8.24 19.51
N VAL G 212 37.16 8.25 19.31
CA VAL G 212 37.84 7.16 18.68
C VAL G 212 38.89 6.64 19.65
N GLN G 213 38.77 5.38 20.02
CA GLN G 213 39.71 4.73 20.90
C GLN G 213 40.68 3.92 20.07
N TYR G 214 41.87 3.73 20.62
CA TYR G 214 42.90 2.88 20.02
C TYR G 214 42.98 1.56 20.83
N GLY G 215 42.93 0.41 20.14
CA GLY G 215 42.97 -0.92 20.80
C GLY G 215 44.32 -1.64 20.93
N GLY G 216 45.41 -0.95 20.62
CA GLY G 216 46.76 -1.55 20.72
C GLY G 216 47.39 -1.48 22.11
N SER G 217 48.64 -1.93 22.22
CA SER G 217 49.31 -1.99 23.53
C SER G 217 49.65 -0.65 24.14
N VAL G 218 49.23 -0.45 25.39
CA VAL G 218 49.59 0.74 26.18
C VAL G 218 49.99 0.32 27.59
N LYS G 219 50.96 1.02 28.15
CA LYS G 219 51.48 0.72 29.48
C LYS G 219 51.59 2.03 30.27
N PRO G 220 51.77 1.94 31.60
CA PRO G 220 51.81 3.18 32.40
C PRO G 220 52.90 4.20 32.03
N GLU G 221 53.88 3.80 31.21
CA GLU G 221 54.99 4.68 30.82
C GLU G 221 54.74 5.42 29.50
N ASN G 222 53.78 4.96 28.71
CA ASN G 222 53.51 5.57 27.39
C ASN G 222 52.03 5.89 27.04
N VAL G 223 51.07 5.43 27.84
CA VAL G 223 49.65 5.68 27.54
C VAL G 223 49.37 7.16 27.22
N ALA G 224 50.04 8.07 27.92
CA ALA G 224 49.89 9.52 27.71
C ALA G 224 50.29 9.97 26.30
N SER G 225 51.42 9.45 25.81
CA SER G 225 51.91 9.77 24.46
C SER G 225 50.96 9.22 23.38
N TYR G 226 50.16 8.21 23.73
CA TYR G 226 49.13 7.72 22.81
C TYR G 226 47.94 8.68 22.89
N MET G 227 47.57 9.08 24.11
CA MET G 227 46.44 9.99 24.30
C MET G 227 46.74 11.39 23.76
N ALA G 228 48.01 11.74 23.69
CA ALA G 228 48.45 13.04 23.15
C ALA G 228 48.28 13.17 21.62
N CYS G 229 47.96 12.07 20.94
CA CYS G 229 47.71 12.07 19.49
C CYS G 229 46.39 12.80 19.28
N PRO G 230 46.33 13.78 18.37
CA PRO G 230 45.10 14.59 18.26
C PRO G 230 43.79 13.83 17.94
N ASP G 231 43.88 12.73 17.21
CA ASP G 231 42.68 11.97 16.83
C ASP G 231 42.42 10.75 17.73
N VAL G 232 43.23 10.54 18.76
CA VAL G 232 43.01 9.42 19.70
C VAL G 232 42.30 9.97 20.95
N ASP G 233 41.11 9.45 21.25
CA ASP G 233 40.30 9.92 22.39
C ASP G 233 40.16 8.87 23.51
N GLY G 234 41.03 7.87 23.51
CA GLY G 234 40.93 6.83 24.51
C GLY G 234 41.52 5.51 24.05
N ALA G 235 41.21 4.45 24.76
CA ALA G 235 41.69 3.14 24.41
C ALA G 235 40.74 2.07 24.92
N LEU G 236 40.54 1.07 24.09
CA LEU G 236 39.76 -0.11 24.50
C LEU G 236 40.90 -1.07 24.92
N VAL G 237 41.05 -1.29 26.24
CA VAL G 237 42.18 -2.06 26.78
C VAL G 237 41.83 -3.51 27.10
N GLY G 238 42.66 -4.43 26.62
CA GLY G 238 42.49 -5.89 26.84
C GLY G 238 43.14 -6.36 28.15
N GLY G 239 44.19 -7.16 28.05
CA GLY G 239 44.87 -7.80 29.19
C GLY G 239 45.23 -6.94 30.38
N ALA G 240 45.63 -5.71 30.11
CA ALA G 240 46.04 -4.81 31.19
C ALA G 240 44.86 -4.34 32.05
N SER G 241 43.63 -4.65 31.63
CA SER G 241 42.45 -4.25 32.44
C SER G 241 42.04 -5.36 33.42
N LEU G 242 42.73 -6.49 33.39
CA LEU G 242 42.34 -7.63 34.25
C LEU G 242 42.71 -7.42 35.72
N GLU G 243 43.82 -6.73 35.98
CA GLU G 243 44.24 -6.47 37.36
C GLU G 243 43.94 -5.01 37.70
N ALA G 244 43.37 -4.80 38.87
CA ALA G 244 43.01 -3.47 39.32
C ALA G 244 44.16 -2.47 39.23
N GLU G 245 45.37 -2.88 39.66
CA GLU G 245 46.50 -1.94 39.67
C GLU G 245 46.96 -1.58 38.26
N SER G 246 47.01 -2.56 37.38
CA SER G 246 47.34 -2.30 35.99
C SER G 246 46.29 -1.38 35.37
N PHE G 247 45.01 -1.61 35.69
CA PHE G 247 43.92 -0.76 35.14
C PHE G 247 44.08 0.66 35.62
N LEU G 248 44.15 0.84 36.93
CA LEU G 248 44.32 2.16 37.52
C LEU G 248 45.57 2.85 37.00
N ALA G 249 46.64 2.08 36.79
CA ALA G 249 47.89 2.67 36.29
C ALA G 249 47.74 3.35 34.91
N LEU G 250 46.75 2.92 34.12
CA LEU G 250 46.46 3.50 32.80
C LEU G 250 45.56 4.76 32.81
N LEU G 251 45.12 5.20 33.99
CA LEU G 251 44.27 6.37 34.08
C LEU G 251 45.03 7.58 34.66
N ASP G 252 46.36 7.49 34.74
CA ASP G 252 47.20 8.57 35.33
C ASP G 252 47.52 9.75 34.38
N PHE G 253 47.19 9.61 33.10
CA PHE G 253 47.47 10.69 32.13
C PHE G 253 46.50 11.87 32.32
N SER H 5 10.07 42.91 38.09
CA SER H 5 10.73 41.72 38.69
C SER H 5 10.13 40.41 38.17
N ARG H 6 10.05 40.29 36.86
CA ARG H 6 9.50 39.08 36.22
C ARG H 6 10.51 37.95 36.29
N LYS H 7 10.07 36.79 36.80
CA LYS H 7 10.94 35.64 36.96
C LYS H 7 11.36 35.04 35.60
N PRO H 8 12.68 34.90 35.35
CA PRO H 8 13.05 34.33 34.04
C PRO H 8 12.62 32.88 33.89
N PHE H 9 12.26 32.53 32.66
CA PHE H 9 11.76 31.19 32.35
C PHE H 9 12.40 30.60 31.08
N ILE H 10 13.21 29.56 31.29
CA ILE H 10 13.86 28.85 30.19
C ILE H 10 13.08 27.56 30.03
N ALA H 11 12.43 27.39 28.87
CA ALA H 11 11.69 26.15 28.63
C ALA H 11 12.29 25.49 27.40
N GLY H 12 12.68 24.22 27.57
CA GLY H 12 13.26 23.43 26.49
C GLY H 12 12.24 22.61 25.72
N ASN H 13 12.02 22.96 24.46
CA ASN H 13 11.08 22.22 23.59
C ASN H 13 11.81 21.11 22.83
N TRP H 14 11.66 19.87 23.29
CA TRP H 14 12.28 18.73 22.63
C TRP H 14 11.67 18.44 21.26
N LYS H 15 10.47 18.96 20.98
CA LYS H 15 9.75 18.64 19.75
C LYS H 15 9.53 17.13 19.69
N MET H 16 9.56 16.50 18.50
CA MET H 16 9.23 15.09 18.41
C MET H 16 10.53 14.28 18.50
N ASN H 17 11.07 14.27 19.71
CA ASN H 17 12.31 13.60 20.00
C ASN H 17 12.24 12.98 21.38
N LYS H 18 12.88 11.83 21.52
CA LYS H 18 13.07 11.04 22.74
C LYS H 18 12.00 10.01 23.07
N ASN H 19 12.48 8.82 23.40
CA ASN H 19 11.62 7.78 23.93
C ASN H 19 11.66 7.88 25.45
N PRO H 20 10.87 7.06 26.14
CA PRO H 20 10.89 7.20 27.61
C PRO H 20 12.26 7.01 28.30
N GLU H 21 13.07 6.07 27.83
CA GLU H 21 14.38 5.83 28.42
C GLU H 21 15.25 7.07 28.27
N GLU H 22 15.25 7.63 27.07
CA GLU H 22 16.05 8.81 26.82
C GLU H 22 15.55 10.00 27.66
N ALA H 23 14.23 10.16 27.75
CA ALA H 23 13.66 11.25 28.57
C ALA H 23 14.06 11.11 30.03
N LYS H 24 13.91 9.91 30.57
CA LYS H 24 14.27 9.62 31.96
C LYS H 24 15.74 9.94 32.24
N ALA H 25 16.64 9.44 31.39
CA ALA H 25 18.06 9.70 31.53
C ALA H 25 18.36 11.20 31.56
N PHE H 26 17.76 11.97 30.65
CA PHE H 26 17.94 13.44 30.62
C PHE H 26 17.50 14.05 31.95
N VAL H 27 16.28 13.73 32.40
CA VAL H 27 15.78 14.33 33.67
C VAL H 27 16.71 14.00 34.84
N GLU H 28 17.17 12.74 34.92
CA GLU H 28 18.09 12.31 35.99
C GLU H 28 19.44 13.07 35.94
N ALA H 29 19.82 13.50 34.74
CA ALA H 29 21.08 14.24 34.55
C ALA H 29 20.98 15.74 34.82
N VAL H 30 19.76 16.28 34.88
CA VAL H 30 19.57 17.74 35.00
C VAL H 30 18.79 18.21 36.24
N ALA H 31 17.75 17.48 36.65
CA ALA H 31 16.84 17.92 37.72
C ALA H 31 17.52 18.39 39.02
N SER H 32 18.49 17.62 39.52
CA SER H 32 19.20 17.98 40.75
C SER H 32 20.30 19.04 40.58
N LYS H 33 20.66 19.30 39.33
CA LYS H 33 21.66 20.32 38.98
C LYS H 33 21.09 21.72 38.68
N LEU H 34 19.76 21.91 38.80
CA LEU H 34 19.15 23.21 38.48
C LEU H 34 19.47 24.28 39.52
N PRO H 35 19.62 25.54 39.09
CA PRO H 35 19.80 26.58 40.09
C PRO H 35 18.53 26.80 40.92
N SER H 36 18.65 27.65 41.92
CA SER H 36 17.53 27.96 42.77
C SER H 36 16.33 28.47 42.00
N SER H 37 15.16 28.04 42.46
CA SER H 37 13.87 28.43 41.92
C SER H 37 13.65 29.96 41.95
N ASP H 38 14.24 30.65 42.91
CA ASP H 38 14.08 32.09 43.02
C ASP H 38 14.81 32.86 41.90
N LEU H 39 15.78 32.22 41.25
CA LEU H 39 16.60 32.86 40.22
C LEU H 39 16.12 32.63 38.79
N VAL H 40 15.66 31.42 38.52
CA VAL H 40 15.19 31.07 37.19
C VAL H 40 14.25 29.88 37.28
N GLU H 41 13.24 29.90 36.41
CA GLU H 41 12.30 28.79 36.25
C GLU H 41 12.78 28.04 35.03
N ALA H 42 13.00 26.72 35.18
CA ALA H 42 13.50 25.85 34.14
C ALA H 42 12.51 24.71 33.91
N GLY H 43 12.22 24.45 32.64
CA GLY H 43 11.30 23.37 32.29
C GLY H 43 11.59 22.73 30.95
N ILE H 44 10.91 21.59 30.73
CA ILE H 44 11.03 20.81 29.51
C ILE H 44 9.64 20.53 28.95
N ALA H 45 9.45 20.75 27.65
CA ALA H 45 8.21 20.39 26.96
C ALA H 45 8.51 19.04 26.29
N ALA H 46 7.91 17.98 26.81
CA ALA H 46 8.20 16.60 26.37
C ALA H 46 7.06 15.98 25.61
N PRO H 47 7.36 15.05 24.70
CA PRO H 47 6.25 14.40 23.98
C PRO H 47 5.27 13.67 24.92
N ALA H 48 4.00 13.60 24.51
CA ALA H 48 2.95 12.95 25.29
C ALA H 48 3.37 11.55 25.74
N LEU H 49 3.96 10.74 24.86
CA LEU H 49 4.40 9.38 25.22
C LEU H 49 5.35 9.33 26.41
N ASP H 50 6.14 10.40 26.59
CA ASP H 50 7.17 10.48 27.62
C ASP H 50 6.78 11.21 28.89
N LEU H 51 5.59 11.83 28.89
CA LEU H 51 5.22 12.70 30.03
C LEU H 51 5.16 12.05 31.42
N THR H 52 4.50 10.90 31.53
CA THR H 52 4.46 10.23 32.86
C THR H 52 5.87 9.88 33.34
N THR H 53 6.74 9.51 32.41
CA THR H 53 8.10 9.14 32.73
C THR H 53 8.89 10.34 33.27
N VAL H 54 8.79 11.45 32.56
CA VAL H 54 9.44 12.66 32.96
C VAL H 54 8.94 13.11 34.33
N LEU H 55 7.62 13.13 34.49
CA LEU H 55 7.01 13.60 35.74
C LEU H 55 7.48 12.76 36.91
N ALA H 56 7.57 11.44 36.72
CA ALA H 56 8.02 10.56 37.81
C ALA H 56 9.45 10.85 38.25
N VAL H 57 10.32 11.11 37.28
CA VAL H 57 11.71 11.39 37.58
C VAL H 57 11.88 12.81 38.13
N ALA H 58 11.04 13.76 37.68
CA ALA H 58 11.14 15.18 38.12
C ALA H 58 10.51 15.46 39.47
N LYS H 59 9.67 14.54 39.95
CA LYS H 59 9.01 14.68 41.25
C LYS H 59 10.00 15.04 42.36
N GLY H 60 9.72 16.14 43.07
CA GLY H 60 10.61 16.60 44.12
C GLY H 60 11.70 17.56 43.72
N SER H 61 11.84 17.84 42.42
CA SER H 61 12.83 18.79 41.90
C SER H 61 12.13 20.07 41.50
N ASN H 62 12.94 21.02 41.01
CA ASN H 62 12.48 22.29 40.52
C ASN H 62 12.22 22.27 39.02
N LEU H 63 12.32 21.11 38.40
CA LEU H 63 12.09 21.02 36.95
C LEU H 63 10.61 21.06 36.65
N LYS H 64 10.20 22.04 35.85
N LYS H 64 10.18 22.07 35.89
CA LYS H 64 8.81 22.18 35.48
CA LYS H 64 8.79 22.20 35.51
C LYS H 64 8.61 21.35 34.24
C LYS H 64 8.61 21.33 34.28
N VAL H 65 7.40 20.81 34.12
CA VAL H 65 7.08 19.92 33.02
C VAL H 65 5.97 20.51 32.18
N ALA H 66 6.17 20.48 30.85
CA ALA H 66 5.20 20.99 29.91
C ALA H 66 4.89 19.98 28.85
N ALA H 67 3.67 20.09 28.34
CA ALA H 67 3.21 19.35 27.18
C ALA H 67 3.46 20.25 25.99
N GLN H 68 3.54 19.66 24.80
CA GLN H 68 3.78 20.37 23.56
C GLN H 68 2.52 20.83 22.80
N ASN H 69 1.38 20.34 23.25
CA ASN H 69 0.08 20.67 22.71
C ASN H 69 -0.95 19.93 23.54
N CYS H 70 -2.20 20.38 23.46
CA CYS H 70 -3.34 19.68 24.07
C CYS H 70 -4.60 20.14 23.34
N TYR H 71 -5.69 19.40 23.53
CA TYR H 71 -6.94 19.75 22.88
C TYR H 71 -7.68 20.70 23.80
N PHE H 72 -8.79 21.28 23.30
CA PHE H 72 -9.56 22.22 24.15
C PHE H 72 -10.81 21.65 24.83
N GLU H 73 -10.97 20.32 24.85
CA GLU H 73 -12.07 19.70 25.59
C GLU H 73 -11.42 18.77 26.59
N ASN H 74 -12.13 18.46 27.65
CA ASN H 74 -11.58 17.60 28.69
C ASN H 74 -11.57 16.11 28.34
N ALA H 75 -12.58 15.67 27.60
CA ALA H 75 -12.67 14.27 27.29
C ALA H 75 -13.68 14.08 26.19
N GLY H 76 -13.57 12.98 25.46
CA GLY H 76 -14.54 12.72 24.43
C GLY H 76 -14.05 12.10 23.16
N ALA H 77 -14.89 12.20 22.14
CA ALA H 77 -14.65 11.56 20.86
C ALA H 77 -13.73 12.39 19.98
N PHE H 78 -12.47 12.42 20.36
CA PHE H 78 -11.41 13.16 19.70
C PHE H 78 -10.20 12.23 19.64
N THR H 79 -10.34 11.19 18.83
CA THR H 79 -9.32 10.17 18.63
C THR H 79 -7.98 10.85 18.32
N GLY H 80 -6.92 10.45 19.03
CA GLY H 80 -5.57 10.96 18.85
C GLY H 80 -5.19 12.17 19.67
N GLU H 81 -6.15 12.77 20.40
CA GLU H 81 -5.86 13.99 21.15
C GLU H 81 -5.47 13.82 22.59
N THR H 82 -4.73 14.81 23.08
CA THR H 82 -4.21 14.84 24.43
C THR H 82 -5.10 15.77 25.26
N SER H 83 -5.66 15.21 26.32
CA SER H 83 -6.57 15.91 27.18
C SER H 83 -5.88 16.83 28.19
N PRO H 84 -6.35 18.08 28.33
CA PRO H 84 -5.78 18.95 29.36
C PRO H 84 -6.15 18.49 30.77
N GLN H 85 -7.29 17.80 30.91
N GLN H 85 -7.30 17.81 30.91
CA GLN H 85 -7.71 17.28 32.20
CA GLN H 85 -7.72 17.27 32.22
C GLN H 85 -6.72 16.20 32.65
C GLN H 85 -6.79 16.14 32.69
N VAL H 86 -6.40 15.27 31.77
CA VAL H 86 -5.46 14.24 32.09
C VAL H 86 -4.08 14.85 32.35
N LEU H 87 -3.72 15.87 31.58
CA LEU H 87 -2.42 16.54 31.79
C LEU H 87 -2.32 17.07 33.19
N LYS H 88 -3.37 17.73 33.67
N LYS H 88 -3.37 17.73 33.67
CA LYS H 88 -3.39 18.26 35.03
CA LYS H 88 -3.36 18.25 35.03
C LYS H 88 -3.32 17.12 36.07
C LYS H 88 -3.27 17.10 36.04
N GLU H 89 -4.07 16.06 35.83
CA GLU H 89 -4.10 14.91 36.75
C GLU H 89 -2.72 14.30 36.99
N ILE H 90 -1.92 14.18 35.93
CA ILE H 90 -0.57 13.59 36.06
C ILE H 90 0.49 14.56 36.56
N GLY H 91 0.12 15.82 36.72
CA GLY H 91 0.99 16.83 37.34
C GLY H 91 1.68 17.82 36.41
N THR H 92 1.24 17.91 35.17
CA THR H 92 1.82 18.83 34.19
C THR H 92 1.64 20.30 34.68
N ASP H 93 2.66 21.13 34.43
CA ASP H 93 2.65 22.54 34.84
C ASP H 93 2.22 23.50 33.73
N TYR H 94 2.81 23.34 32.54
CA TYR H 94 2.56 24.19 31.39
C TYR H 94 2.14 23.41 30.13
N VAL H 95 1.59 24.12 29.15
CA VAL H 95 1.29 23.53 27.85
C VAL H 95 1.67 24.57 26.79
N VAL H 96 2.53 24.16 25.87
CA VAL H 96 2.94 24.97 24.70
C VAL H 96 1.78 24.86 23.72
N ILE H 97 1.27 26.00 23.26
CA ILE H 97 0.20 26.04 22.25
C ILE H 97 0.54 27.04 21.18
N GLY H 98 0.08 26.79 19.96
CA GLY H 98 0.33 27.73 18.90
C GLY H 98 1.69 27.71 18.27
N HIS H 99 2.49 26.69 18.57
CA HIS H 99 3.83 26.60 17.99
C HIS H 99 3.76 26.71 16.47
N SER H 100 4.70 27.45 15.86
CA SER H 100 4.73 27.63 14.42
C SER H 100 4.52 26.33 13.64
N GLU H 101 5.15 25.27 14.10
CA GLU H 101 5.02 23.96 13.47
C GLU H 101 3.57 23.44 13.45
N ARG H 102 2.81 23.71 14.50
CA ARG H 102 1.42 23.25 14.55
C ARG H 102 0.46 24.14 13.74
N ARG H 103 0.74 25.46 13.69
CA ARG H 103 -0.07 26.35 12.86
C ARG H 103 0.18 25.99 11.39
N ASP H 104 1.43 25.59 11.07
CA ASP H 104 1.80 25.20 9.70
C ASP H 104 1.25 23.82 9.35
N TYR H 105 1.92 22.77 9.85
CA TYR H 105 1.57 21.43 9.45
C TYR H 105 0.16 20.99 9.81
N PHE H 106 -0.34 21.45 10.94
CA PHE H 106 -1.63 20.94 11.40
C PHE H 106 -2.75 21.97 11.38
N HIS H 107 -2.53 23.07 10.64
CA HIS H 107 -3.56 24.05 10.36
C HIS H 107 -4.23 24.64 11.59
N GLU H 108 -3.51 24.78 12.70
CA GLU H 108 -4.10 25.36 13.90
C GLU H 108 -4.34 26.86 13.72
N THR H 109 -5.51 27.32 14.14
CA THR H 109 -5.91 28.71 13.97
C THR H 109 -5.82 29.50 15.27
N ASP H 110 -5.88 30.81 15.14
CA ASP H 110 -5.94 31.67 16.34
C ASP H 110 -7.07 31.24 17.28
N GLU H 111 -8.23 30.91 16.71
CA GLU H 111 -9.36 30.47 17.49
C GLU H 111 -9.04 29.18 18.27
N ASP H 112 -8.38 28.23 17.60
CA ASP H 112 -7.94 27.00 18.29
C ASP H 112 -7.07 27.39 19.47
N ILE H 113 -6.14 28.32 19.27
CA ILE H 113 -5.22 28.72 20.32
C ILE H 113 -5.93 29.41 21.51
N ASN H 114 -6.87 30.26 21.18
CA ASN H 114 -7.69 30.96 22.17
C ASN H 114 -8.42 29.92 23.03
N LYS H 115 -9.01 28.92 22.39
CA LYS H 115 -9.75 27.90 23.11
C LYS H 115 -8.85 27.06 23.99
N LYS H 116 -7.68 26.67 23.47
CA LYS H 116 -6.71 25.92 24.25
C LYS H 116 -6.27 26.71 25.45
N ALA H 117 -6.01 27.99 25.29
CA ALA H 117 -5.57 28.81 26.44
C ALA H 117 -6.62 28.80 27.56
N LYS H 118 -7.89 28.93 27.20
CA LYS H 118 -8.97 28.93 28.18
C LYS H 118 -9.10 27.55 28.86
N ALA H 119 -8.95 26.48 28.08
CA ALA H 119 -8.97 25.11 28.58
C ALA H 119 -7.83 24.82 29.51
N ILE H 120 -6.65 25.38 29.23
N ILE H 120 -6.65 25.39 29.22
CA ILE H 120 -5.46 25.19 30.08
CA ILE H 120 -5.47 25.24 30.06
C ILE H 120 -5.71 25.80 31.46
C ILE H 120 -5.69 25.81 31.45
N PHE H 121 -6.24 27.02 31.49
CA PHE H 121 -6.57 27.68 32.74
C PHE H 121 -7.71 26.99 33.50
N ALA H 122 -8.73 26.53 32.77
CA ALA H 122 -9.85 25.82 33.40
C ALA H 122 -9.34 24.54 34.08
N ASN H 123 -8.27 23.98 33.54
CA ASN H 123 -7.64 22.79 34.08
C ASN H 123 -6.43 23.05 34.99
N GLY H 124 -6.32 24.29 35.51
CA GLY H 124 -5.30 24.61 36.53
C GLY H 124 -3.84 24.53 36.13
N MET H 125 -3.59 24.77 34.84
CA MET H 125 -2.26 24.78 34.25
C MET H 125 -2.03 26.15 33.63
N LEU H 126 -0.87 26.37 33.02
CA LEU H 126 -0.50 27.65 32.44
C LEU H 126 -0.06 27.47 30.97
N PRO H 127 -0.45 28.39 30.08
CA PRO H 127 -0.04 28.26 28.68
C PRO H 127 1.28 28.97 28.33
N ILE H 128 2.01 28.38 27.39
CA ILE H 128 3.14 29.01 26.74
C ILE H 128 2.60 29.24 25.33
N ILE H 129 2.17 30.48 25.06
CA ILE H 129 1.51 30.84 23.78
C ILE H 129 2.53 31.31 22.77
N CYS H 130 2.66 30.57 21.67
CA CYS H 130 3.64 30.92 20.64
C CYS H 130 3.06 31.77 19.53
N CYS H 131 3.91 32.66 19.02
CA CYS H 131 3.61 33.58 17.93
C CYS H 131 4.92 33.79 17.17
N GLY H 132 4.79 34.29 15.96
CA GLY H 132 5.97 34.56 15.12
C GLY H 132 5.61 34.67 13.67
N GLU H 133 6.36 35.50 12.95
CA GLU H 133 6.03 35.80 11.57
C GLU H 133 6.93 35.05 10.59
N SER H 134 6.41 34.82 9.39
CA SER H 134 7.15 34.17 8.32
C SER H 134 8.14 35.13 7.67
N LEU H 135 8.97 34.57 6.78
CA LEU H 135 9.98 35.35 6.07
C LEU H 135 9.32 36.37 5.16
N GLU H 136 8.26 35.95 4.48
CA GLU H 136 7.48 36.82 3.61
C GLU H 136 6.95 38.03 4.39
N THR H 137 6.30 37.77 5.52
CA THR H 137 5.76 38.83 6.36
C THR H 137 6.86 39.73 6.85
N TYR H 138 7.95 39.13 7.33
CA TYR H 138 9.10 39.89 7.80
C TYR H 138 9.66 40.82 6.71
N GLU H 139 9.81 40.27 5.50
CA GLU H 139 10.35 41.02 4.34
C GLU H 139 9.37 42.08 3.83
N ALA H 140 8.08 41.87 4.06
CA ALA H 140 7.02 42.82 3.74
C ALA H 140 6.92 43.96 4.77
N GLY H 141 7.69 43.88 5.85
CA GLY H 141 7.68 44.89 6.90
C GLY H 141 6.45 44.80 7.82
N LYS H 142 5.84 43.62 7.89
CA LYS H 142 4.60 43.45 8.65
C LYS H 142 4.75 42.60 9.92
N ALA H 143 5.98 42.39 10.40
CA ALA H 143 6.21 41.53 11.57
C ALA H 143 5.45 41.97 12.83
N ALA H 144 5.57 43.24 13.19
CA ALA H 144 4.91 43.75 14.38
C ALA H 144 3.38 43.62 14.29
N GLU H 145 2.82 43.88 13.11
CA GLU H 145 1.36 43.76 12.93
C GLU H 145 0.90 42.31 13.05
N PHE H 146 1.58 41.43 12.32
CA PHE H 146 1.23 40.01 12.29
C PHE H 146 1.27 39.43 13.68
N VAL H 147 2.38 39.68 14.37
CA VAL H 147 2.61 39.14 15.71
C VAL H 147 1.61 39.72 16.70
N GLY H 148 1.38 41.03 16.59
CA GLY H 148 0.39 41.70 17.42
C GLY H 148 -0.98 41.08 17.29
N ALA H 149 -1.37 40.78 16.05
CA ALA H 149 -2.68 40.23 15.79
C ALA H 149 -2.81 38.84 16.38
N GLN H 150 -1.74 38.04 16.33
CA GLN H 150 -1.73 36.70 16.93
C GLN H 150 -1.90 36.74 18.40
N VAL H 151 -1.18 37.65 19.03
CA VAL H 151 -1.25 37.83 20.47
C VAL H 151 -2.65 38.26 20.97
N SER H 152 -3.22 39.24 20.29
CA SER H 152 -4.56 39.75 20.63
C SER H 152 -5.61 38.68 20.49
N ALA H 153 -5.51 37.91 19.42
CA ALA H 153 -6.46 36.82 19.19
C ALA H 153 -6.36 35.70 20.22
N ALA H 154 -5.14 35.36 20.62
CA ALA H 154 -4.91 34.30 21.57
C ALA H 154 -5.44 34.62 22.99
N LEU H 155 -5.30 35.87 23.42
CA LEU H 155 -5.68 36.26 24.77
C LEU H 155 -7.13 36.73 24.95
N ALA H 156 -7.84 36.94 23.83
CA ALA H 156 -9.19 37.52 23.91
C ALA H 156 -10.09 36.71 24.82
N GLY H 157 -10.63 37.38 25.83
CA GLY H 157 -11.53 36.73 26.78
C GLY H 157 -10.90 36.22 28.07
N LEU H 158 -9.58 36.20 28.15
CA LEU H 158 -8.92 35.82 29.40
C LEU H 158 -9.06 36.98 30.41
N THR H 159 -9.05 36.63 31.69
CA THR H 159 -9.13 37.61 32.74
C THR H 159 -7.79 38.27 32.87
N ALA H 160 -7.77 39.41 33.54
CA ALA H 160 -6.50 40.12 33.78
C ALA H 160 -5.47 39.24 34.50
N GLU H 161 -5.95 38.44 35.46
CA GLU H 161 -5.05 37.58 36.23
C GLU H 161 -4.51 36.43 35.38
N GLN H 162 -5.35 35.87 34.52
CA GLN H 162 -4.92 34.85 33.60
C GLN H 162 -3.85 35.38 32.63
N VAL H 163 -4.10 36.52 32.01
CA VAL H 163 -3.12 37.14 31.11
C VAL H 163 -1.78 37.34 31.83
N ALA H 164 -1.83 37.90 33.05
CA ALA H 164 -0.62 38.13 33.85
C ALA H 164 0.17 36.87 34.12
N ALA H 165 -0.52 35.74 34.20
CA ALA H 165 0.13 34.46 34.47
C ALA H 165 0.51 33.66 33.19
N SER H 166 0.18 34.17 32.00
N SER H 166 0.23 34.22 32.00
CA SER H 166 0.52 33.45 30.78
CA SER H 166 0.51 33.54 30.72
C SER H 166 1.98 33.74 30.42
C SER H 166 1.87 33.90 30.12
N VAL H 167 2.52 32.90 29.55
CA VAL H 167 3.86 33.08 28.99
C VAL H 167 3.62 33.14 27.50
N ILE H 168 4.31 34.08 26.84
CA ILE H 168 4.20 34.24 25.41
C ILE H 168 5.58 34.07 24.84
N ALA H 169 5.71 33.17 23.87
CA ALA H 169 6.99 32.89 23.23
C ALA H 169 7.00 33.40 21.78
N TYR H 170 7.92 34.30 21.49
CA TYR H 170 8.09 34.83 20.13
C TYR H 170 9.14 34.02 19.35
N GLU H 171 8.78 33.55 18.15
CA GLU H 171 9.63 32.72 17.28
C GLU H 171 9.89 33.49 15.99
N PRO H 172 11.14 33.92 15.73
CA PRO H 172 11.42 34.59 14.47
C PRO H 172 11.57 33.51 13.40
N ILE H 173 10.41 33.03 12.93
CA ILE H 173 10.33 31.97 11.93
C ILE H 173 11.15 32.39 10.70
N TRP H 174 11.09 33.69 10.39
CA TRP H 174 11.83 34.29 9.27
C TRP H 174 13.34 34.02 9.26
N ALA H 175 13.93 33.79 10.44
CA ALA H 175 15.38 33.54 10.57
C ALA H 175 15.78 32.05 10.50
N ILE H 176 14.84 31.16 10.19
CA ILE H 176 15.11 29.73 10.05
C ILE H 176 16.11 29.45 8.92
N GLY H 177 15.89 30.06 7.76
CA GLY H 177 16.79 29.89 6.60
C GLY H 177 18.17 30.47 6.89
N THR H 178 19.21 29.87 6.30
CA THR H 178 20.59 30.30 6.55
C THR H 178 20.90 31.70 5.99
N GLY H 179 20.02 32.22 5.13
CA GLY H 179 20.15 33.58 4.59
C GLY H 179 19.95 34.70 5.60
N LYS H 180 19.08 34.48 6.59
CA LYS H 180 18.80 35.48 7.63
C LYS H 180 19.29 34.99 8.99
N SER H 181 19.50 35.91 9.93
CA SER H 181 20.00 35.56 11.27
C SER H 181 19.63 36.63 12.30
N ALA H 182 18.76 36.25 13.24
CA ALA H 182 18.26 37.14 14.29
C ALA H 182 19.37 37.56 15.27
N SER H 183 19.08 38.67 16.00
CA SER H 183 19.97 39.31 16.96
C SER H 183 19.26 39.68 18.27
N GLN H 184 20.05 40.14 19.25
CA GLN H 184 19.50 40.64 20.49
C GLN H 184 18.53 41.81 20.22
N ASP H 185 18.89 42.71 19.31
CA ASP H 185 18.03 43.83 18.93
C ASP H 185 16.68 43.34 18.44
N ASP H 186 16.67 42.27 17.62
CA ASP H 186 15.42 41.69 17.11
C ASP H 186 14.60 41.14 18.27
N ALA H 187 15.25 40.37 19.12
CA ALA H 187 14.59 39.74 20.29
C ALA H 187 13.95 40.78 21.17
N GLN H 188 14.74 41.80 21.59
CA GLN H 188 14.20 42.89 22.39
C GLN H 188 13.05 43.60 21.69
N LYS H 189 13.23 43.97 20.44
CA LYS H 189 12.22 44.71 19.71
C LYS H 189 10.90 43.96 19.65
N MET H 190 10.96 42.69 19.26
CA MET H 190 9.75 41.86 19.13
C MET H 190 9.12 41.46 20.46
N CYS H 191 9.94 41.26 21.50
CA CYS H 191 9.37 40.98 22.82
C CYS H 191 8.60 42.21 23.34
N LYS H 192 9.09 43.41 23.05
CA LYS H 192 8.40 44.63 23.46
C LYS H 192 7.11 44.80 22.65
N VAL H 193 7.15 44.46 21.37
CA VAL H 193 5.92 44.49 20.53
C VAL H 193 4.82 43.66 21.22
N VAL H 194 5.16 42.46 21.65
CA VAL H 194 4.24 41.56 22.33
C VAL H 194 3.71 42.23 23.58
N ARG H 195 4.61 42.74 24.40
CA ARG H 195 4.22 43.39 25.64
C ARG H 195 3.31 44.61 25.38
N ASP H 196 3.61 45.44 24.37
CA ASP H 196 2.79 46.59 24.06
C ASP H 196 1.38 46.22 23.58
N VAL H 197 1.22 45.05 22.98
CA VAL H 197 -0.11 44.61 22.56
C VAL H 197 -0.89 44.21 23.79
N VAL H 198 -0.23 43.51 24.71
CA VAL H 198 -0.85 43.13 25.97
C VAL H 198 -1.25 44.44 26.71
N ALA H 199 -0.38 45.45 26.70
CA ALA H 199 -0.70 46.72 27.34
C ALA H 199 -1.96 47.38 26.69
N ALA H 200 -2.05 47.34 25.37
CA ALA H 200 -3.19 47.91 24.66
C ALA H 200 -4.50 47.21 25.02
N ASP H 201 -4.44 45.88 25.09
CA ASP H 201 -5.65 45.09 25.31
C ASP H 201 -6.06 44.89 26.77
N PHE H 202 -5.08 44.92 27.69
CA PHE H 202 -5.33 44.66 29.13
C PHE H 202 -4.72 45.68 30.11
N GLY H 203 -3.99 46.66 29.59
CA GLY H 203 -3.35 47.68 30.43
C GLY H 203 -1.90 47.38 30.75
N GLN H 204 -1.13 48.44 30.95
CA GLN H 204 0.31 48.29 31.21
C GLN H 204 0.64 47.46 32.45
N GLU H 205 -0.18 47.58 33.48
CA GLU H 205 0.02 46.87 34.76
C GLU H 205 0.01 45.35 34.55
N VAL H 206 -0.97 44.85 33.78
CA VAL H 206 -1.00 43.44 33.41
C VAL H 206 0.20 43.13 32.50
N ALA H 207 0.43 43.99 31.51
CA ALA H 207 1.54 43.78 30.57
C ALA H 207 2.90 43.64 31.24
N ASP H 208 3.14 44.43 32.29
CA ASP H 208 4.43 44.37 32.97
C ASP H 208 4.61 43.08 33.76
N LYS H 209 3.55 42.30 33.88
CA LYS H 209 3.62 40.99 34.55
C LYS H 209 3.81 39.79 33.60
N VAL H 210 3.34 39.91 32.35
N VAL H 210 3.34 39.91 32.36
CA VAL H 210 3.42 38.78 31.41
CA VAL H 210 3.46 38.84 31.38
C VAL H 210 4.89 38.52 31.02
C VAL H 210 4.92 38.52 31.09
N ARG H 211 5.28 37.24 31.06
CA ARG H 211 6.63 36.84 30.72
C ARG H 211 6.66 36.53 29.25
N VAL H 212 7.58 37.18 28.54
CA VAL H 212 7.71 37.03 27.10
C VAL H 212 9.04 36.36 26.86
N GLN H 213 9.01 35.22 26.16
CA GLN H 213 10.21 34.45 25.89
C GLN H 213 10.66 34.66 24.47
N TYR H 214 11.98 34.54 24.26
CA TYR H 214 12.57 34.58 22.92
C TYR H 214 12.71 33.15 22.46
N GLY H 215 12.36 32.88 21.20
CA GLY H 215 12.40 31.53 20.64
C GLY H 215 13.33 31.32 19.48
N GLY H 216 14.06 32.37 19.12
CA GLY H 216 15.08 32.27 18.09
C GLY H 216 16.17 31.32 18.57
N SER H 217 17.03 30.95 17.66
CA SER H 217 18.04 29.95 17.95
C SER H 217 19.28 30.56 18.51
N VAL H 218 19.31 30.59 19.85
CA VAL H 218 20.42 31.12 20.63
C VAL H 218 21.23 29.92 21.10
N LYS H 219 22.55 29.99 20.93
CA LYS H 219 23.42 28.95 21.48
C LYS H 219 23.49 29.23 23.00
N PRO H 220 23.75 28.20 23.81
CA PRO H 220 23.76 28.46 25.25
C PRO H 220 24.69 29.60 25.72
N GLU H 221 25.86 29.73 25.07
CA GLU H 221 26.83 30.77 25.42
C GLU H 221 26.32 32.22 25.26
N ASN H 222 25.28 32.44 24.45
CA ASN H 222 24.73 33.80 24.28
C ASN H 222 23.44 34.07 25.03
N VAL H 223 22.89 33.07 25.74
CA VAL H 223 21.62 33.28 26.44
C VAL H 223 21.64 34.44 27.42
N ALA H 224 22.73 34.57 28.17
CA ALA H 224 22.86 35.64 29.18
C ALA H 224 22.72 37.04 28.57
N SER H 225 23.28 37.21 27.38
N SER H 225 23.27 37.21 27.38
CA SER H 225 23.20 38.48 26.65
CA SER H 225 23.20 38.46 26.64
C SER H 225 21.77 38.78 26.20
C SER H 225 21.78 38.79 26.18
N TYR H 226 21.02 37.77 25.76
CA TYR H 226 19.60 37.95 25.40
C TYR H 226 18.75 38.21 26.67
N MET H 227 18.98 37.41 27.71
CA MET H 227 18.25 37.59 28.98
C MET H 227 18.43 38.96 29.62
N ALA H 228 19.55 39.63 29.32
CA ALA H 228 19.82 40.97 29.86
C ALA H 228 19.01 42.08 29.18
N CME H 229 18.35 41.79 28.06
CA CME H 229 17.50 42.79 27.40
CB CME H 229 17.18 42.35 25.96
SG CME H 229 18.60 42.30 24.87
SD CME H 229 19.59 44.06 25.06
CE CME H 229 18.69 45.17 24.03
CZ CME H 229 18.74 44.75 22.55
OH CME H 229 20.06 44.91 22.02
C CME H 229 16.27 43.01 28.29
O CME H 229 15.72 42.04 28.85
N PRO H 230 15.79 44.26 28.42
CA PRO H 230 14.73 44.55 29.40
C PRO H 230 13.34 43.93 29.17
N ASP H 231 13.01 43.57 27.93
CA ASP H 231 11.70 42.98 27.69
C ASP H 231 11.75 41.51 27.46
N VAL H 232 12.97 40.94 27.50
CA VAL H 232 13.13 39.49 27.29
C VAL H 232 13.10 38.83 28.64
N ASP H 233 12.15 37.91 28.85
CA ASP H 233 12.00 37.23 30.13
C ASP H 233 12.33 35.74 30.08
N GLY H 234 12.94 35.25 29.02
CA GLY H 234 13.21 33.80 28.95
C GLY H 234 13.43 33.37 27.54
N ALA H 235 13.46 32.07 27.35
CA ALA H 235 13.66 31.49 26.06
C ALA H 235 12.90 30.17 25.96
N LEU H 236 12.29 29.93 24.79
CA LEU H 236 11.69 28.63 24.43
C LEU H 236 12.73 28.06 23.45
N VAL H 237 13.42 27.03 23.91
CA VAL H 237 14.62 26.54 23.24
C VAL H 237 14.41 25.23 22.56
N GLY H 238 14.82 25.17 21.29
CA GLY H 238 14.64 23.95 20.46
C GLY H 238 15.81 23.02 20.61
N GLY H 239 16.60 22.91 19.56
CA GLY H 239 17.71 21.95 19.52
C GLY H 239 18.65 21.93 20.73
N ALA H 240 19.00 23.11 21.25
CA ALA H 240 19.91 23.19 22.42
C ALA H 240 19.34 22.59 23.73
N SER H 241 18.06 22.19 23.74
CA SER H 241 17.47 21.57 24.93
C SER H 241 17.54 20.06 24.88
N LEU H 242 18.01 19.48 23.78
CA LEU H 242 18.01 18.01 23.66
C LEU H 242 19.12 17.30 24.45
N GLU H 243 20.25 17.96 24.67
CA GLU H 243 21.35 17.35 25.42
C GLU H 243 21.46 17.97 26.80
N ALA H 244 21.61 17.11 27.82
CA ALA H 244 21.60 17.54 29.22
C ALA H 244 22.56 18.70 29.54
N GLU H 245 23.81 18.60 29.11
CA GLU H 245 24.79 19.67 29.45
C GLU H 245 24.49 20.99 28.74
N SER H 246 24.00 20.91 27.51
CA SER H 246 23.62 22.09 26.74
C SER H 246 22.43 22.79 27.43
N PHE H 247 21.47 21.99 27.90
CA PHE H 247 20.30 22.52 28.58
C PHE H 247 20.74 23.20 29.87
N LEU H 248 21.58 22.55 30.66
CA LEU H 248 22.07 23.20 31.91
C LEU H 248 22.81 24.47 31.62
N ALA H 249 23.49 24.52 30.48
CA ALA H 249 24.27 25.72 30.11
C ALA H 249 23.37 26.93 29.81
N LEU H 250 22.11 26.66 29.49
CA LEU H 250 21.13 27.73 29.24
C LEU H 250 20.84 28.51 30.49
N LEU H 251 21.14 27.91 31.63
CA LEU H 251 20.84 28.49 32.94
C LEU H 251 22.03 29.20 33.58
N ASP H 252 23.17 29.28 32.87
CA ASP H 252 24.39 29.96 33.40
C ASP H 252 24.22 31.45 33.74
N PHE H 253 23.26 32.13 33.10
CA PHE H 253 23.05 33.57 33.32
C PHE H 253 22.77 33.97 34.78
N VAL H 254 22.29 33.04 35.59
CA VAL H 254 21.99 33.31 37.02
C VAL H 254 23.15 33.00 37.95
N LYS H 255 24.18 32.31 37.46
CA LYS H 255 25.38 31.98 38.26
C LYS H 255 26.10 33.23 38.73
NA NA I . -25.02 -32.13 -28.63
NA NA J . -17.07 -12.67 9.78
NA NA K . -2.36 -1.99 -8.13
NA NA L . 28.10 4.52 -16.74
NA NA M . 20.46 -17.57 -28.85
NA NA N . 8.09 11.37 -17.30
NA NA O . -0.10 5.18 -15.06
NA NA P . 8.05 -41.88 28.39
NA NA Q . 0.12 33.17 -26.84
NA NA R . -53.79 -3.42 -18.96
NA NA S . -45.17 18.36 -30.55
NA NA T . 44.00 12.83 21.92
NA NA U . 15.44 40.45 30.78
#